data_9CQ8
#
_entry.id   9CQ8
#
_cell.length_a   1.00
_cell.length_b   1.00
_cell.length_c   1.00
_cell.angle_alpha   90.00
_cell.angle_beta   90.00
_cell.angle_gamma   90.00
#
_symmetry.space_group_name_H-M   'P 1'
#
loop_
_entity.id
_entity.type
_entity.pdbx_description
1 polymer '9C2 TCR delta chain'
2 polymer '9C2 TCR gamma chain'
3 polymer 'anti TCR variable delta 1 Fab heavy chain'
4 polymer 'anti TCR variable delta 1 Fab light chain'
5 branched beta-D-mannopyranose-(1-4)-2-acetamido-2-deoxy-beta-D-glucopyranose-(1-4)-2-acetamido-2-deoxy-beta-D-glucopyranose
#
loop_
_entity_poly.entity_id
_entity_poly.type
_entity_poly.pdbx_seq_one_letter_code
_entity_poly.pdbx_strand_id
1 'polypeptide(L)'
;AQKVTQAQSSVSMPVRKAVTLNCLYETSWWSYYIFWYKQLPSKEMIFLIRQGSDEQNAKSGRYSVNFKKAAKSVALTISA
LQLEDSAKYFCALGDPGGLNTDKLIFGKGTRVTVEPRSQPHTKPSVFVMKNGTNVACLVKEFYPKDIRINLVSSKKITEF
DPAIVISPSGKYNAVKLGKYEDSNSVTCSVQHDNKTVHSTDFEVKTDSTDHVKPKETENTKQPSKSCHKPKAIVHTEKVN
MMSLTVLGLRMLFAKTVAVNFLLTAKLFFLSRGRAKRGSG
;
A,D
2 'polypeptide(L)'
;SSNLEGGTKSVTRPTRSSAEITCDLTVINAFYIHWYLHQEGKAPQRLLYYDVSNSKDVLESGLSPGKYYTHTPRRWSWIL
ILRNLIENDSGVYYCATWDRGNPKTHYYKKLFGSGTTLVVTDKQLDADVSPKPTIFLPSIAETKLQKAGTYLCLLEKFFP
DVIKIHWQEKKSNTILGSQEGNTMKTNDTYMKFSWLTVPEKSLDKEHRCIVRHENNKNGVDQEIIFPPIKTDVITMDPKD
NCSKDANDTLLLQLTNTSAYYMYLLLLLKSVVYFAIITCCLLRRTAFCCNGEKS
;
B,F
3 'polypeptide(L)'
;QVQLQQSGAELVRPGASVTLSCKASGYTFTDYEVYWVKQTPVHGLEWIGAIDPETGRTAYNQKFKGKAILTTDKSSSTAY
MALRSLTSEDSAVYYCARLKSGRYYGDLFAYWGQGTLVTVSAAKTTPPSVYPLAPGSAAQTNSMVTLGCLVKGYFPEPVT
VTWNSGSLSSGVHTFPAVLQSDLYTLSSSVTVPSSTWPSETVTCNVAHPASSTKVDKKIVPRDCG
;
C,G
4 'polypeptide(L)'
;QIVLTQSPALMSASPGEKVTMTCSASSSVSYMYWYQQKPRSSPKPWIYFTSNLASGVPARFSGSGSGTSYSLTISSMEAE
DAATYYCQQWSSNPLTFGAGTKLELKRADAAPTVSIFPPSSEQLTSGGASVVCFLNNFYPKDINVKWKIDGSERQNGVLN
SWTDQDSKDSTYSMSSTLTLTKDEYERHNSYTCEATHKTSTSPIVKSFNRGEC
;
E,H
#
loop_
_chem_comp.id
_chem_comp.type
_chem_comp.name
_chem_comp.formula
BMA D-saccharide, beta linking beta-D-mannopyranose 'C6 H12 O6'
NAG D-saccharide, beta linking 2-acetamido-2-deoxy-beta-D-glucopyranose 'C8 H15 N O6'
#
# COMPACT_ATOMS: atom_id res chain seq x y z
N GLN A 2 23.99 -7.01 20.96
CA GLN A 2 23.55 -6.96 19.58
C GLN A 2 23.44 -8.36 19.00
N LYS A 3 24.02 -9.33 19.69
CA LYS A 3 23.92 -10.73 19.29
C LYS A 3 23.51 -11.57 20.50
N VAL A 4 22.62 -12.54 20.25
CA VAL A 4 22.06 -13.39 21.30
C VAL A 4 22.13 -14.84 20.84
N THR A 5 22.52 -15.74 21.75
CA THR A 5 22.62 -17.15 21.42
C THR A 5 22.07 -17.98 22.57
N GLN A 6 21.36 -19.04 22.22
CA GLN A 6 20.93 -20.07 23.16
C GLN A 6 21.30 -21.42 22.55
N ALA A 7 22.33 -22.06 23.09
CA ALA A 7 22.88 -23.27 22.49
C ALA A 7 22.10 -24.53 22.82
N GLN A 8 21.11 -24.45 23.70
CA GLN A 8 20.32 -25.63 24.09
C GLN A 8 19.23 -25.84 23.05
N SER A 9 19.36 -26.91 22.26
CA SER A 9 18.34 -27.22 21.26
C SER A 9 17.03 -27.62 21.90
N SER A 10 17.07 -28.47 22.92
CA SER A 10 15.86 -28.90 23.60
C SER A 10 16.23 -29.38 25.00
N VAL A 11 15.23 -29.36 25.89
CA VAL A 11 15.39 -29.84 27.25
C VAL A 11 14.11 -30.58 27.65
N SER A 12 14.28 -31.69 28.37
CA SER A 12 13.17 -32.50 28.85
C SER A 12 13.28 -32.67 30.35
N MET A 13 12.19 -32.37 31.05
CA MET A 13 12.15 -32.50 32.51
C MET A 13 10.78 -33.00 32.95
N PRO A 14 10.71 -33.79 34.02
CA PRO A 14 9.40 -34.20 34.55
C PRO A 14 8.65 -33.03 35.16
N VAL A 15 7.44 -33.31 35.68
CA VAL A 15 6.55 -32.23 36.11
C VAL A 15 7.14 -31.48 37.30
N ARG A 16 7.65 -32.19 38.29
CA ARG A 16 8.03 -31.58 39.56
C ARG A 16 9.50 -31.16 39.60
N LYS A 17 10.23 -31.28 38.50
CA LYS A 17 11.64 -30.89 38.46
C LYS A 17 11.79 -29.55 37.77
N ALA A 18 12.55 -28.66 38.38
CA ALA A 18 12.81 -27.35 37.80
C ALA A 18 13.75 -27.47 36.60
N VAL A 19 13.65 -26.50 35.70
CA VAL A 19 14.47 -26.48 34.49
C VAL A 19 15.12 -25.10 34.37
N THR A 20 16.26 -25.05 33.70
CA THR A 20 16.98 -23.80 33.47
C THR A 20 17.28 -23.65 31.99
N LEU A 21 17.22 -22.40 31.51
CA LEU A 21 17.47 -22.07 30.12
C LEU A 21 18.47 -20.94 30.06
N ASN A 22 19.55 -21.13 29.30
CA ASN A 22 20.66 -20.19 29.25
C ASN A 22 20.54 -19.26 28.05
N CYS A 23 21.08 -18.06 28.19
CA CYS A 23 21.11 -17.07 27.13
C CYS A 23 22.41 -16.29 27.24
N LEU A 24 23.27 -16.41 26.23
CA LEU A 24 24.55 -15.73 26.20
C LEU A 24 24.52 -14.67 25.10
N TYR A 25 24.82 -13.43 25.45
CA TYR A 25 24.67 -12.32 24.51
C TYR A 25 25.90 -11.44 24.56
N GLU A 26 26.12 -10.72 23.46
CA GLU A 26 27.13 -9.67 23.39
C GLU A 26 26.45 -8.40 22.91
N THR A 27 26.71 -7.30 23.62
CA THR A 27 26.09 -6.02 23.30
C THR A 27 27.07 -4.90 23.64
N SER A 28 27.03 -3.84 22.83
CA SER A 28 27.79 -2.63 23.09
C SER A 28 26.98 -1.58 23.85
N TRP A 29 25.73 -1.87 24.19
CA TRP A 29 24.89 -0.92 24.90
C TRP A 29 25.22 -0.91 26.38
N TRP A 30 25.29 0.29 26.95
CA TRP A 30 25.68 0.44 28.34
C TRP A 30 24.56 0.02 29.29
N SER A 31 23.32 0.39 28.97
CA SER A 31 22.14 -0.01 29.74
C SER A 31 21.12 -0.62 28.79
N TYR A 32 20.56 -1.75 29.18
CA TYR A 32 19.64 -2.49 28.30
C TYR A 32 18.72 -3.34 29.16
N TYR A 33 17.87 -4.13 28.50
CA TYR A 33 16.95 -5.02 29.17
C TYR A 33 16.94 -6.36 28.44
N ILE A 34 16.62 -7.42 29.18
CA ILE A 34 16.48 -8.76 28.62
C ILE A 34 15.05 -9.22 28.83
N PHE A 35 14.39 -9.63 27.74
CA PHE A 35 13.01 -10.08 27.79
C PHE A 35 12.95 -11.57 27.50
N TRP A 36 12.03 -12.26 28.15
CA TRP A 36 11.80 -13.68 27.92
C TRP A 36 10.39 -13.86 27.37
N TYR A 37 10.26 -14.57 26.26
CA TYR A 37 8.99 -14.73 25.58
C TYR A 37 8.71 -16.22 25.37
N LYS A 38 7.42 -16.55 25.30
CA LYS A 38 6.96 -17.94 25.15
C LYS A 38 6.16 -18.06 23.87
N GLN A 39 6.52 -19.04 23.04
CA GLN A 39 5.83 -19.33 21.79
C GLN A 39 5.15 -20.68 21.92
N LEU A 40 3.83 -20.67 22.04
CA LEU A 40 3.05 -21.88 22.15
C LEU A 40 3.03 -22.62 20.81
N PRO A 41 2.66 -23.91 20.81
CA PRO A 41 2.50 -24.60 19.52
C PRO A 41 1.50 -23.93 18.61
N SER A 42 0.44 -23.35 19.17
CA SER A 42 -0.37 -22.37 18.44
C SER A 42 0.37 -21.04 18.52
N LYS A 43 0.96 -20.62 17.40
CA LYS A 43 1.91 -19.52 17.38
C LYS A 43 1.36 -18.28 18.07
N GLU A 44 2.02 -17.88 19.16
CA GLU A 44 1.66 -16.69 19.93
C GLU A 44 2.78 -16.40 20.90
N MET A 45 3.16 -15.13 21.01
CA MET A 45 4.25 -14.71 21.88
C MET A 45 3.68 -14.14 23.17
N ILE A 46 4.02 -14.77 24.29
CA ILE A 46 3.57 -14.34 25.62
C ILE A 46 4.78 -13.86 26.40
N PHE A 47 4.68 -12.65 26.95
CA PHE A 47 5.79 -12.04 27.67
C PHE A 47 5.87 -12.68 29.06
N LEU A 48 6.99 -13.34 29.36
CA LEU A 48 7.14 -14.03 30.62
C LEU A 48 7.73 -13.12 31.70
N ILE A 49 8.94 -12.61 31.46
CA ILE A 49 9.65 -11.84 32.46
C ILE A 49 10.61 -10.88 31.77
N ARG A 50 11.00 -9.83 32.51
CA ARG A 50 11.96 -8.85 32.03
C ARG A 50 12.99 -8.61 33.14
N GLN A 51 14.26 -8.56 32.74
CA GLN A 51 15.36 -8.31 33.65
C GLN A 51 16.12 -7.09 33.17
N GLY A 52 16.13 -6.04 33.99
CA GLY A 52 16.91 -4.86 33.66
C GLY A 52 18.37 -5.09 33.96
N SER A 53 19.23 -4.48 33.14
CA SER A 53 20.67 -4.63 33.33
C SER A 53 21.14 -4.02 34.64
N ASP A 54 20.41 -3.05 35.18
CA ASP A 54 20.84 -2.30 36.34
C ASP A 54 20.18 -2.78 37.63
N GLU A 55 18.89 -3.08 37.60
CA GLU A 55 18.16 -3.45 38.81
C GLU A 55 18.57 -4.85 39.27
N GLN A 56 17.90 -5.32 40.32
CA GLN A 56 18.21 -6.60 40.94
C GLN A 56 17.62 -7.75 40.14
N ASN A 57 17.77 -8.97 40.65
CA ASN A 57 17.14 -10.13 40.03
C ASN A 57 15.64 -10.06 40.21
N ALA A 58 14.90 -10.23 39.13
CA ALA A 58 13.45 -10.11 39.13
C ALA A 58 12.83 -11.50 39.13
N LYS A 59 11.96 -11.77 40.11
CA LYS A 59 11.25 -13.02 40.20
C LYS A 59 9.75 -12.77 40.05
N SER A 60 9.09 -13.52 39.18
CA SER A 60 7.67 -13.39 38.95
C SER A 60 7.07 -14.79 38.81
N GLY A 61 6.18 -15.14 39.74
CA GLY A 61 5.55 -16.45 39.69
C GLY A 61 6.58 -17.56 39.81
N ARG A 62 6.47 -18.55 38.91
CA ARG A 62 7.40 -19.68 38.91
C ARG A 62 8.67 -19.40 38.14
N TYR A 63 8.80 -18.23 37.52
CA TYR A 63 9.95 -17.89 36.70
C TYR A 63 10.91 -17.02 37.50
N SER A 64 12.17 -17.43 37.57
CA SER A 64 13.23 -16.65 38.19
C SER A 64 14.34 -16.42 37.18
N VAL A 65 15.10 -15.35 37.36
CA VAL A 65 16.17 -15.00 36.43
C VAL A 65 17.48 -14.87 37.19
N ASN A 66 18.53 -15.50 36.67
CA ASN A 66 19.90 -15.34 37.16
C ASN A 66 20.64 -14.45 36.17
N PHE A 67 21.12 -13.31 36.65
CA PHE A 67 21.70 -12.27 35.82
C PHE A 67 23.18 -12.11 36.16
N LYS A 68 24.03 -12.15 35.14
CA LYS A 68 25.46 -11.94 35.29
C LYS A 68 25.86 -10.79 34.38
N LYS A 69 26.08 -9.62 34.98
CA LYS A 69 26.31 -8.40 34.21
C LYS A 69 27.65 -8.44 33.50
N ALA A 70 28.72 -8.78 34.23
CA ALA A 70 30.05 -8.77 33.63
C ALA A 70 30.20 -9.88 32.61
N ALA A 71 29.77 -11.09 32.95
CA ALA A 71 29.78 -12.19 31.99
C ALA A 71 28.70 -12.05 30.93
N LYS A 72 27.71 -11.17 31.16
CA LYS A 72 26.61 -10.95 30.22
C LYS A 72 25.88 -12.25 29.91
N SER A 73 25.31 -12.84 30.96
CA SER A 73 24.58 -14.09 30.82
C SER A 73 23.25 -14.01 31.57
N VAL A 74 22.20 -14.53 30.97
CA VAL A 74 20.87 -14.52 31.59
C VAL A 74 20.30 -15.92 31.56
N ALA A 75 19.88 -16.42 32.72
CA ALA A 75 19.30 -17.75 32.83
C ALA A 75 17.90 -17.66 33.40
N LEU A 76 16.97 -18.42 32.82
CA LEU A 76 15.59 -18.47 33.30
C LEU A 76 15.34 -19.83 33.92
N THR A 77 14.89 -19.83 35.18
CA THR A 77 14.59 -21.05 35.92
C THR A 77 13.10 -21.15 36.15
N ILE A 78 12.51 -22.28 35.77
CA ILE A 78 11.11 -22.58 35.99
C ILE A 78 11.02 -23.70 37.01
N SER A 79 10.33 -23.44 38.12
CA SER A 79 10.24 -24.37 39.24
C SER A 79 8.84 -24.96 39.29
N ALA A 80 8.76 -26.29 39.37
CA ALA A 80 7.50 -27.03 39.42
C ALA A 80 6.60 -26.64 38.24
N LEU A 81 7.12 -26.89 37.04
CA LEU A 81 6.40 -26.54 35.83
C LEU A 81 5.20 -27.46 35.61
N GLN A 82 4.15 -26.91 34.99
CA GLN A 82 2.93 -27.65 34.73
C GLN A 82 3.08 -28.41 33.41
N LEU A 83 1.95 -28.93 32.90
CA LEU A 83 1.95 -29.60 31.60
C LEU A 83 1.82 -28.63 30.44
N GLU A 84 1.47 -27.37 30.70
CA GLU A 84 1.34 -26.37 29.66
C GLU A 84 2.67 -25.73 29.27
N ASP A 85 3.76 -26.07 29.95
CA ASP A 85 5.08 -25.53 29.64
C ASP A 85 5.80 -26.40 28.60
N SER A 86 5.12 -26.66 27.49
CA SER A 86 5.69 -27.41 26.38
C SER A 86 6.09 -26.50 25.22
N ALA A 87 6.13 -25.20 25.45
CA ALA A 87 6.31 -24.22 24.39
C ALA A 87 7.79 -23.90 24.19
N LYS A 88 8.08 -23.06 23.20
CA LYS A 88 9.42 -22.58 22.94
C LYS A 88 9.68 -21.32 23.77
N TYR A 89 10.92 -21.14 24.19
CA TYR A 89 11.29 -20.00 25.03
C TYR A 89 12.38 -19.19 24.33
N PHE A 90 12.13 -17.90 24.15
CA PHE A 90 13.00 -17.00 23.42
C PHE A 90 13.56 -15.95 24.36
N CYS A 91 14.86 -15.68 24.21
CA CYS A 91 15.55 -14.63 24.97
C CYS A 91 15.87 -13.49 24.01
N ALA A 92 15.36 -12.30 24.32
CA ALA A 92 15.50 -11.14 23.44
C ALA A 92 16.26 -10.05 24.17
N LEU A 93 17.39 -9.63 23.60
CA LEU A 93 18.18 -8.53 24.15
C LEU A 93 17.46 -7.23 23.80
N GLY A 94 16.52 -6.87 24.65
CA GLY A 94 15.79 -5.63 24.44
C GLY A 94 16.70 -4.42 24.48
N ASP A 95 16.72 -3.66 23.40
CA ASP A 95 17.47 -2.41 23.37
C ASP A 95 16.82 -1.46 24.36
N PRO A 96 17.54 -0.43 24.86
CA PRO A 96 16.96 0.48 25.84
C PRO A 96 15.56 0.94 25.46
N GLY A 97 14.57 0.57 26.26
CA GLY A 97 13.18 0.75 25.90
C GLY A 97 12.66 2.17 26.03
N GLY A 98 13.53 3.13 26.34
CA GLY A 98 13.08 4.50 26.51
C GLY A 98 12.36 5.04 25.28
N LEU A 99 12.85 4.70 24.10
CA LEU A 99 12.21 5.08 22.86
C LEU A 99 11.10 4.10 22.51
N ASN A 100 10.20 4.53 21.62
CA ASN A 100 9.16 3.64 21.13
C ASN A 100 9.60 2.89 19.88
N THR A 101 10.80 3.13 19.38
CA THR A 101 11.25 2.58 18.11
C THR A 101 12.26 1.45 18.28
N ASP A 102 12.67 1.12 19.50
CA ASP A 102 13.71 0.13 19.71
C ASP A 102 13.18 -1.28 19.45
N LYS A 103 13.95 -2.06 18.70
CA LYS A 103 13.58 -3.43 18.39
C LYS A 103 14.06 -4.39 19.48
N LEU A 104 13.69 -5.65 19.32
CA LEU A 104 14.16 -6.72 20.19
C LEU A 104 15.00 -7.69 19.37
N ILE A 105 16.19 -8.02 19.88
CA ILE A 105 17.11 -8.92 19.20
C ILE A 105 16.87 -10.32 19.77
N PHE A 106 16.03 -11.09 19.10
CA PHE A 106 15.69 -12.43 19.56
C PHE A 106 16.78 -13.42 19.19
N GLY A 107 16.69 -14.62 19.77
CA GLY A 107 17.63 -15.69 19.48
C GLY A 107 16.89 -16.97 19.18
N LYS A 108 17.64 -17.96 18.70
CA LYS A 108 17.08 -19.28 18.41
C LYS A 108 16.61 -19.91 19.72
N GLY A 109 15.30 -19.98 19.90
CA GLY A 109 14.75 -20.34 21.20
C GLY A 109 14.99 -21.79 21.57
N THR A 110 14.83 -22.06 22.86
CA THR A 110 14.93 -23.40 23.40
C THR A 110 13.56 -24.05 23.48
N ARG A 111 13.52 -25.36 23.27
CA ARG A 111 12.28 -26.13 23.31
C ARG A 111 12.23 -26.93 24.61
N VAL A 112 11.14 -26.80 25.35
CA VAL A 112 10.95 -27.48 26.62
C VAL A 112 9.85 -28.52 26.44
N THR A 113 10.13 -29.75 26.84
CA THR A 113 9.16 -30.84 26.80
C THR A 113 8.97 -31.39 28.21
N VAL A 114 7.72 -31.64 28.59
CA VAL A 114 7.37 -32.03 29.95
C VAL A 114 6.87 -33.47 29.93
N GLU A 115 7.47 -34.31 30.76
CA GLU A 115 7.05 -35.68 30.94
C GLU A 115 6.11 -35.79 32.13
N PRO A 116 5.21 -36.76 32.13
CA PRO A 116 4.26 -36.90 33.25
C PRO A 116 4.95 -37.28 34.54
N ARG A 117 4.36 -36.84 35.67
CA ARG A 117 4.97 -37.07 36.97
C ARG A 117 4.61 -38.44 37.52
N SER A 118 3.31 -38.74 37.60
CA SER A 118 2.86 -40.01 38.16
C SER A 118 3.42 -41.18 37.37
N GLN A 119 3.88 -42.20 38.09
CA GLN A 119 4.44 -43.41 37.48
C GLN A 119 3.80 -44.67 38.05
N PRO A 120 2.52 -44.91 37.75
CA PRO A 120 1.96 -46.24 37.96
C PRO A 120 2.00 -47.06 36.67
N HIS A 121 1.82 -48.35 36.83
CA HIS A 121 1.77 -49.26 35.68
C HIS A 121 0.34 -49.69 35.42
N THR A 122 -0.06 -49.61 34.15
CA THR A 122 -1.43 -49.92 33.75
C THR A 122 -1.40 -50.76 32.48
N LYS A 123 -2.44 -51.58 32.31
CA LYS A 123 -2.58 -52.43 31.14
C LYS A 123 -3.41 -51.70 30.09
N PRO A 124 -2.89 -51.52 28.87
CA PRO A 124 -3.67 -50.83 27.84
C PRO A 124 -4.92 -51.60 27.45
N SER A 125 -5.94 -50.85 27.02
CA SER A 125 -7.17 -51.43 26.48
C SER A 125 -7.28 -51.05 25.01
N VAL A 126 -7.55 -52.04 24.16
CA VAL A 126 -7.54 -51.84 22.71
C VAL A 126 -8.97 -51.87 22.18
N PHE A 127 -9.18 -51.13 21.09
CA PHE A 127 -10.47 -51.12 20.39
C PHE A 127 -10.22 -50.84 18.92
N VAL A 128 -11.16 -51.26 18.09
CA VAL A 128 -11.09 -51.07 16.63
C VAL A 128 -12.37 -50.38 16.18
N MET A 129 -12.22 -49.27 15.45
CA MET A 129 -13.34 -48.47 14.99
C MET A 129 -13.18 -48.17 13.51
N LYS A 130 -14.24 -48.39 12.75
CA LYS A 130 -14.16 -48.37 11.30
C LYS A 130 -15.25 -47.50 10.69
N ASN A 131 -14.91 -46.85 9.58
CA ASN A 131 -15.87 -46.14 8.74
C ASN A 131 -15.51 -46.42 7.30
N GLY A 132 -16.39 -47.11 6.58
CA GLY A 132 -16.11 -47.48 5.22
C GLY A 132 -14.87 -48.36 5.15
N THR A 133 -13.86 -47.90 4.41
CA THR A 133 -12.59 -48.60 4.29
C THR A 133 -11.53 -48.08 5.24
N ASN A 134 -11.87 -47.11 6.10
CA ASN A 134 -10.91 -46.54 7.04
C ASN A 134 -11.03 -47.24 8.39
N VAL A 135 -9.90 -47.69 8.92
CA VAL A 135 -9.85 -48.41 10.18
C VAL A 135 -8.90 -47.66 11.12
N ALA A 136 -9.31 -47.51 12.38
CA ALA A 136 -8.50 -46.86 13.40
C ALA A 136 -8.48 -47.75 14.63
N CYS A 137 -7.28 -48.07 15.11
CA CYS A 137 -7.10 -48.84 16.33
C CYS A 137 -6.73 -47.88 17.45
N LEU A 138 -7.50 -47.91 18.53
CA LEU A 138 -7.30 -47.03 19.67
C LEU A 138 -6.82 -47.85 20.85
N VAL A 139 -5.66 -47.48 21.39
CA VAL A 139 -5.13 -48.06 22.61
C VAL A 139 -5.17 -46.99 23.69
N LYS A 140 -5.84 -47.31 24.80
CA LYS A 140 -6.19 -46.32 25.82
C LYS A 140 -5.69 -46.77 27.18
N GLU A 141 -5.30 -45.79 27.99
CA GLU A 141 -4.89 -45.98 29.38
C GLU A 141 -3.70 -46.94 29.48
N PHE A 142 -2.58 -46.49 28.90
CA PHE A 142 -1.33 -47.22 28.97
C PHE A 142 -0.21 -46.28 29.39
N TYR A 143 0.57 -46.68 30.38
CA TYR A 143 1.75 -45.92 30.81
C TYR A 143 2.98 -46.18 29.95
N PRO A 144 3.34 -47.44 29.64
CA PRO A 144 4.58 -47.67 28.90
C PRO A 144 4.56 -47.02 27.52
N LYS A 145 5.54 -46.14 27.27
CA LYS A 145 5.60 -45.42 26.01
C LYS A 145 5.80 -46.37 24.83
N ASP A 146 6.66 -47.38 25.00
CA ASP A 146 6.98 -48.30 23.92
C ASP A 146 5.86 -49.34 23.82
N ILE A 147 5.00 -49.18 22.82
CA ILE A 147 3.90 -50.11 22.58
C ILE A 147 4.09 -50.87 21.28
N ARG A 148 4.54 -50.18 20.22
CA ARG A 148 4.70 -50.78 18.90
C ARG A 148 3.40 -51.43 18.44
N ILE A 149 2.30 -50.69 18.58
CA ILE A 149 0.98 -51.20 18.22
C ILE A 149 0.95 -51.53 16.73
N ASN A 150 0.25 -52.63 16.40
CA ASN A 150 0.17 -53.11 15.02
C ASN A 150 -1.24 -53.58 14.75
N LEU A 151 -1.51 -53.84 13.46
CA LEU A 151 -2.79 -54.39 13.01
C LEU A 151 -2.52 -55.53 12.05
N VAL A 152 -3.42 -56.50 12.02
CA VAL A 152 -3.27 -57.68 11.17
C VAL A 152 -4.22 -57.56 9.99
N SER A 153 -3.69 -57.75 8.79
CA SER A 153 -4.46 -57.68 7.56
C SER A 153 -3.62 -58.21 6.41
N SER A 154 -4.23 -59.02 5.55
CA SER A 154 -3.51 -59.56 4.41
C SER A 154 -3.13 -58.48 3.41
N LYS A 155 -4.03 -57.54 3.17
CA LYS A 155 -3.84 -56.50 2.17
C LYS A 155 -3.51 -55.18 2.86
N LYS A 156 -2.43 -54.53 2.41
CA LYS A 156 -1.93 -53.30 3.03
C LYS A 156 -1.98 -52.19 1.98
N ILE A 157 -2.93 -51.26 2.13
CA ILE A 157 -3.02 -50.14 1.22
C ILE A 157 -2.13 -49.00 1.68
N THR A 158 -2.40 -48.45 2.86
CA THR A 158 -1.59 -47.39 3.45
C THR A 158 -1.42 -47.69 4.94
N GLU A 159 -0.66 -46.85 5.62
CA GLU A 159 -0.46 -46.94 7.06
C GLU A 159 0.13 -45.62 7.55
N PHE A 160 -0.29 -45.19 8.73
CA PHE A 160 0.18 -43.95 9.32
C PHE A 160 0.82 -44.21 10.67
N ASP A 161 1.80 -43.38 11.02
CA ASP A 161 2.50 -43.54 12.28
C ASP A 161 1.55 -43.28 13.46
N PRO A 162 1.63 -44.09 14.52
CA PRO A 162 0.75 -43.89 15.67
C PRO A 162 0.95 -42.52 16.29
N ALA A 163 -0.14 -41.93 16.76
CA ALA A 163 -0.12 -40.66 17.46
C ALA A 163 -0.30 -40.92 18.95
N ILE A 164 0.69 -40.57 19.75
CA ILE A 164 0.69 -40.80 21.18
C ILE A 164 0.72 -39.45 21.89
N VAL A 165 -0.27 -39.20 22.74
CA VAL A 165 -0.36 -37.97 23.52
C VAL A 165 -0.67 -38.35 24.96
N ILE A 166 -0.83 -37.33 25.80
CA ILE A 166 -0.98 -37.52 27.25
C ILE A 166 -2.45 -37.29 27.62
N SER A 167 -3.04 -38.29 28.26
CA SER A 167 -4.39 -38.17 28.78
C SER A 167 -4.41 -37.23 29.97
N PRO A 168 -5.54 -36.54 30.22
CA PRO A 168 -5.61 -35.68 31.41
C PRO A 168 -5.50 -36.43 32.72
N SER A 169 -5.74 -37.74 32.72
CA SER A 169 -5.51 -38.54 33.92
C SER A 169 -4.03 -38.73 34.23
N GLY A 170 -3.14 -38.33 33.34
CA GLY A 170 -1.71 -38.48 33.50
C GLY A 170 -1.10 -39.61 32.70
N LYS A 171 -1.91 -40.48 32.13
CA LYS A 171 -1.42 -41.58 31.33
C LYS A 171 -1.29 -41.18 29.86
N TYR A 172 -0.86 -42.13 29.04
CA TYR A 172 -0.73 -41.92 27.61
C TYR A 172 -1.92 -42.55 26.87
N ASN A 173 -2.33 -41.90 25.79
CA ASN A 173 -3.33 -42.43 24.87
C ASN A 173 -2.76 -42.39 23.47
N ALA A 174 -2.88 -43.50 22.74
CA ALA A 174 -2.34 -43.61 21.40
C ALA A 174 -3.41 -44.07 20.43
N VAL A 175 -3.28 -43.64 19.18
CA VAL A 175 -4.22 -43.97 18.11
C VAL A 175 -3.46 -44.30 16.84
N LYS A 176 -3.92 -45.35 16.16
CA LYS A 176 -3.41 -45.74 14.85
C LYS A 176 -4.52 -45.56 13.83
N LEU A 177 -4.15 -45.57 12.55
CA LEU A 177 -5.12 -45.45 11.46
C LEU A 177 -4.79 -46.47 10.38
N GLY A 178 -5.59 -46.44 9.32
CA GLY A 178 -5.35 -47.32 8.19
C GLY A 178 -6.43 -47.15 7.14
N LYS A 179 -6.10 -47.57 5.93
CA LYS A 179 -7.01 -47.57 4.79
C LYS A 179 -7.09 -48.96 4.17
N TYR A 180 -7.23 -49.97 5.03
CA TYR A 180 -7.18 -51.36 4.60
C TYR A 180 -8.37 -51.68 3.68
N GLU A 181 -8.15 -52.65 2.80
CA GLU A 181 -9.17 -53.03 1.82
C GLU A 181 -10.39 -53.64 2.51
N ASP A 182 -10.16 -54.56 3.43
CA ASP A 182 -11.25 -55.23 4.14
C ASP A 182 -11.57 -54.49 5.44
N SER A 183 -12.79 -54.71 5.93
CA SER A 183 -13.26 -54.10 7.16
C SER A 183 -13.49 -55.10 8.28
N ASN A 184 -14.15 -56.22 7.99
CA ASN A 184 -14.50 -57.17 9.05
C ASN A 184 -13.28 -57.87 9.61
N SER A 185 -12.31 -58.21 8.76
CA SER A 185 -11.21 -59.07 9.19
C SER A 185 -10.12 -58.31 9.93
N VAL A 186 -10.13 -56.98 9.88
CA VAL A 186 -9.05 -56.22 10.50
C VAL A 186 -9.14 -56.32 12.02
N THR A 187 -8.01 -56.65 12.65
CA THR A 187 -7.92 -56.79 14.09
C THR A 187 -6.63 -56.15 14.58
N CYS A 188 -6.71 -55.40 15.68
CA CYS A 188 -5.55 -54.72 16.21
C CYS A 188 -4.84 -55.58 17.25
N SER A 189 -3.64 -55.14 17.64
CA SER A 189 -2.86 -55.82 18.66
C SER A 189 -1.80 -54.85 19.18
N VAL A 190 -1.74 -54.68 20.50
CA VAL A 190 -0.81 -53.76 21.13
C VAL A 190 0.03 -54.54 22.14
N GLN A 191 1.34 -54.26 22.14
CA GLN A 191 2.28 -54.96 23.00
C GLN A 191 2.50 -54.15 24.29
N HIS A 192 2.13 -54.74 25.42
CA HIS A 192 2.43 -54.18 26.72
C HIS A 192 3.94 -54.22 26.95
N ASP A 193 4.40 -53.48 27.97
CA ASP A 193 5.84 -53.41 28.22
C ASP A 193 6.43 -54.78 28.56
N ASN A 194 5.59 -55.72 28.99
CA ASN A 194 6.01 -57.10 29.22
C ASN A 194 5.06 -58.12 28.62
N LYS A 195 3.89 -57.71 28.16
CA LYS A 195 2.89 -58.63 27.61
C LYS A 195 2.43 -58.10 26.25
N THR A 196 1.39 -58.73 25.71
CA THR A 196 0.78 -58.32 24.47
C THR A 196 -0.68 -58.74 24.46
N VAL A 197 -1.54 -57.88 23.92
CA VAL A 197 -2.97 -58.14 23.90
C VAL A 197 -3.51 -57.80 22.51
N HIS A 198 -4.54 -58.54 22.10
CA HIS A 198 -5.19 -58.35 20.82
C HIS A 198 -6.58 -57.75 21.04
N SER A 199 -7.34 -57.61 19.95
CA SER A 199 -8.71 -57.13 20.00
C SER A 199 -9.73 -58.25 20.02
N THR A 200 -9.29 -59.51 20.05
CA THR A 200 -10.22 -60.62 20.19
C THR A 200 -10.96 -60.56 21.52
N ASP A 201 -10.25 -60.25 22.59
CA ASP A 201 -10.87 -59.95 23.88
C ASP A 201 -11.32 -58.50 23.88
N PHE A 202 -11.75 -58.00 25.04
CA PHE A 202 -12.32 -56.66 25.15
C PHE A 202 -13.48 -56.48 24.19
N GLU A 203 -14.30 -57.52 24.04
CA GLU A 203 -15.41 -57.50 23.09
C GLU A 203 -16.66 -58.11 23.70
N GLY B 7 -7.07 -17.38 17.60
CA GLY B 7 -6.25 -18.35 16.91
C GLY B 7 -5.27 -17.73 15.95
N THR B 8 -4.71 -18.55 15.06
CA THR B 8 -3.74 -18.11 14.07
C THR B 8 -4.34 -18.26 12.68
N LYS B 9 -4.31 -17.17 11.91
CA LYS B 9 -4.82 -17.20 10.54
C LYS B 9 -3.73 -17.68 9.59
N SER B 10 -4.00 -17.56 8.30
CA SER B 10 -3.02 -17.94 7.28
C SER B 10 -3.39 -17.30 5.95
N VAL B 11 -2.36 -17.00 5.16
CA VAL B 11 -2.53 -16.53 3.79
C VAL B 11 -1.61 -17.36 2.91
N THR B 12 -2.12 -17.81 1.76
CA THR B 12 -1.38 -18.70 0.87
C THR B 12 -1.31 -18.13 -0.54
N ARG B 13 -1.00 -16.85 -0.64
CA ARG B 13 -0.92 -16.22 -1.96
C ARG B 13 0.24 -16.82 -2.75
N PRO B 14 0.08 -17.04 -4.05
CA PRO B 14 1.16 -17.62 -4.86
C PRO B 14 2.32 -16.68 -5.06
N THR B 15 3.38 -17.17 -5.69
CA THR B 15 4.54 -16.34 -5.97
C THR B 15 4.19 -15.23 -6.97
N ARG B 16 4.89 -14.11 -6.85
CA ARG B 16 4.66 -12.94 -7.71
C ARG B 16 3.22 -12.44 -7.60
N SER B 17 2.80 -12.20 -6.36
CA SER B 17 1.45 -11.68 -6.11
C SER B 17 1.44 -11.02 -4.74
N SER B 18 0.79 -9.86 -4.64
CA SER B 18 0.76 -9.12 -3.38
C SER B 18 0.01 -9.92 -2.31
N ALA B 19 0.45 -9.79 -1.06
CA ALA B 19 -0.18 -10.45 0.06
C ALA B 19 -0.51 -9.44 1.14
N GLU B 20 -1.59 -9.70 1.87
CA GLU B 20 -2.08 -8.81 2.92
C GLU B 20 -2.15 -9.55 4.24
N ILE B 21 -1.58 -8.94 5.29
CA ILE B 21 -1.55 -9.52 6.62
C ILE B 21 -2.13 -8.51 7.60
N THR B 22 -3.12 -8.92 8.38
CA THR B 22 -3.77 -8.02 9.32
C THR B 22 -3.06 -8.03 10.66
N CYS B 23 -3.37 -7.03 11.48
CA CYS B 23 -2.81 -6.88 12.82
C CYS B 23 -3.92 -7.08 13.84
N ASP B 24 -3.72 -8.03 14.75
CA ASP B 24 -4.74 -8.37 15.74
C ASP B 24 -4.67 -7.50 16.99
N LEU B 25 -3.72 -6.57 17.07
CA LEU B 25 -3.60 -5.74 18.25
C LEU B 25 -4.79 -4.79 18.37
N THR B 26 -5.17 -4.50 19.61
CA THR B 26 -6.23 -3.55 19.92
C THR B 26 -5.63 -2.46 20.80
N VAL B 27 -5.06 -1.44 20.15
CA VAL B 27 -4.43 -0.31 20.83
C VAL B 27 -5.07 0.97 20.33
N ILE B 28 -5.45 1.85 21.25
CA ILE B 28 -6.16 3.08 20.91
C ILE B 28 -5.24 4.30 20.84
N ASN B 29 -4.01 4.20 21.34
CA ASN B 29 -3.10 5.34 21.35
C ASN B 29 -1.70 4.94 20.90
N ALA B 30 -1.62 3.95 20.01
CA ALA B 30 -0.31 3.50 19.52
C ALA B 30 0.34 4.58 18.67
N PHE B 31 1.66 4.72 18.84
CA PHE B 31 2.45 5.66 18.04
C PHE B 31 3.27 4.95 16.96
N TYR B 32 3.86 3.81 17.28
CA TYR B 32 4.63 3.02 16.32
C TYR B 32 4.17 1.57 16.38
N ILE B 33 4.00 0.96 15.21
CA ILE B 33 3.60 -0.44 15.11
C ILE B 33 4.70 -1.18 14.36
N HIS B 34 5.29 -2.19 15.00
CA HIS B 34 6.41 -2.91 14.44
C HIS B 34 5.94 -4.25 13.86
N TRP B 35 6.65 -4.72 12.84
CA TRP B 35 6.34 -5.99 12.21
C TRP B 35 7.55 -6.92 12.29
N TYR B 36 7.32 -8.13 12.82
CA TYR B 36 8.38 -9.11 13.02
C TYR B 36 8.13 -10.32 12.14
N LEU B 37 9.20 -10.97 11.71
CA LEU B 37 9.13 -12.17 10.89
C LEU B 37 9.87 -13.30 11.58
N HIS B 38 9.19 -14.44 11.74
CA HIS B 38 9.78 -15.63 12.34
C HIS B 38 9.74 -16.77 11.34
N GLN B 39 10.88 -17.41 11.12
CA GLN B 39 10.96 -18.53 10.20
C GLN B 39 11.41 -19.77 10.95
N GLU B 40 11.22 -20.93 10.32
CA GLU B 40 11.60 -22.18 10.95
C GLU B 40 13.11 -22.25 11.12
N GLY B 41 13.56 -22.52 12.35
CA GLY B 41 14.98 -22.64 12.63
C GLY B 41 15.74 -21.34 12.67
N LYS B 42 15.06 -20.20 12.67
CA LYS B 42 15.72 -18.91 12.69
C LYS B 42 15.04 -18.01 13.71
N ALA B 43 15.80 -17.04 14.21
CA ALA B 43 15.28 -16.12 15.22
C ALA B 43 14.38 -15.07 14.58
N PRO B 44 13.37 -14.60 15.31
CA PRO B 44 12.55 -13.49 14.80
C PRO B 44 13.38 -12.24 14.56
N GLN B 45 13.08 -11.55 13.47
CA GLN B 45 13.79 -10.33 13.10
C GLN B 45 12.78 -9.29 12.62
N ARG B 46 12.93 -8.06 13.13
CA ARG B 46 12.03 -6.99 12.74
C ARG B 46 12.26 -6.62 11.28
N LEU B 47 11.16 -6.33 10.58
CA LEU B 47 11.20 -5.90 9.19
C LEU B 47 11.04 -4.39 9.04
N LEU B 48 10.05 -3.81 9.71
CA LEU B 48 9.80 -2.38 9.60
C LEU B 48 8.92 -1.96 10.78
N TYR B 49 8.76 -0.65 10.91
CA TYR B 49 7.83 -0.08 11.87
C TYR B 49 7.17 1.16 11.27
N TYR B 50 5.85 1.24 11.42
CA TYR B 50 5.04 2.29 10.82
C TYR B 50 4.58 3.24 11.91
N ASP B 51 4.79 4.54 11.70
CA ASP B 51 4.40 5.56 12.65
C ASP B 51 2.92 5.89 12.52
N VAL B 52 2.36 6.51 13.56
CA VAL B 52 0.95 6.85 13.62
C VAL B 52 0.74 8.36 13.58
N SER B 53 1.53 9.11 14.37
CA SER B 53 1.43 10.56 14.34
C SER B 53 1.74 11.10 12.95
N ASN B 54 2.78 10.56 12.32
CA ASN B 54 3.09 10.81 10.92
C ASN B 54 2.98 9.50 10.16
N SER B 55 2.66 9.59 8.87
CA SER B 55 2.25 8.40 8.13
C SER B 55 3.40 7.62 7.50
N LYS B 56 4.63 8.13 7.56
CA LYS B 56 5.73 7.40 6.94
C LYS B 56 6.11 6.19 7.79
N ASP B 57 6.65 5.16 7.12
CA ASP B 57 7.09 3.94 7.78
C ASP B 57 8.58 3.72 7.49
N VAL B 58 9.31 3.22 8.48
CA VAL B 58 10.76 3.07 8.40
C VAL B 58 11.09 1.58 8.42
N LEU B 59 11.82 1.13 7.41
CA LEU B 59 12.23 -0.26 7.29
C LEU B 59 13.73 -0.40 7.56
N GLU B 60 14.11 -1.57 8.06
CA GLU B 60 15.50 -1.82 8.39
C GLU B 60 16.35 -2.00 7.14
N SER B 61 17.66 -1.92 7.32
CA SER B 61 18.58 -2.05 6.20
C SER B 61 18.56 -3.48 5.66
N GLY B 62 18.92 -3.61 4.39
CA GLY B 62 18.94 -4.90 3.73
C GLY B 62 17.65 -5.29 3.02
N LEU B 63 16.62 -4.46 3.10
CA LEU B 63 15.33 -4.74 2.48
C LEU B 63 15.09 -3.74 1.35
N SER B 64 14.64 -4.23 0.21
CA SER B 64 14.38 -3.37 -0.93
C SER B 64 13.20 -2.45 -0.63
N PRO B 65 13.30 -1.15 -0.92
CA PRO B 65 12.17 -0.25 -0.66
C PRO B 65 10.98 -0.57 -1.56
N GLY B 66 9.79 -0.30 -1.02
CA GLY B 66 8.56 -0.50 -1.75
C GLY B 66 7.94 -1.87 -1.63
N LYS B 67 8.68 -2.85 -1.11
CA LYS B 67 8.12 -4.20 -0.97
C LYS B 67 7.07 -4.24 0.12
N TYR B 68 7.33 -3.61 1.26
CA TYR B 68 6.42 -3.62 2.40
C TYR B 68 5.69 -2.28 2.48
N TYR B 69 4.37 -2.35 2.67
CA TYR B 69 3.54 -1.17 2.80
C TYR B 69 2.62 -1.36 4.00
N THR B 70 2.21 -0.24 4.60
CA THR B 70 1.30 -0.27 5.74
C THR B 70 0.04 0.51 5.41
N HIS B 71 -1.11 -0.11 5.61
CA HIS B 71 -2.40 0.47 5.29
C HIS B 71 -3.27 0.53 6.54
N THR B 72 -4.10 1.56 6.63
CA THR B 72 -5.01 1.77 7.76
C THR B 72 -6.42 1.95 7.23
N PRO B 73 -7.11 0.85 6.91
CA PRO B 73 -8.51 0.98 6.43
C PRO B 73 -9.42 1.69 7.41
N ARG B 74 -9.24 1.46 8.70
CA ARG B 74 -10.04 2.09 9.74
C ARG B 74 -9.17 3.03 10.57
N ARG B 75 -9.74 3.57 11.63
CA ARG B 75 -8.97 4.46 12.50
C ARG B 75 -7.81 3.73 13.15
N TRP B 76 -8.05 2.51 13.68
CA TRP B 76 -7.00 1.67 14.26
C TRP B 76 -7.13 0.26 13.67
N SER B 77 -6.52 0.06 12.50
CA SER B 77 -6.45 -1.26 11.88
C SER B 77 -5.30 -1.22 10.88
N TRP B 78 -4.18 -1.82 11.26
CA TRP B 78 -2.98 -1.79 10.45
C TRP B 78 -2.82 -3.09 9.68
N ILE B 79 -2.49 -2.97 8.40
CA ILE B 79 -2.33 -4.11 7.49
C ILE B 79 -1.01 -3.97 6.77
N LEU B 80 -0.22 -5.04 6.77
CA LEU B 80 1.05 -5.08 6.05
C LEU B 80 0.84 -5.73 4.70
N ILE B 81 1.28 -5.06 3.64
CA ILE B 81 1.10 -5.51 2.28
C ILE B 81 2.47 -5.77 1.67
N LEU B 82 2.67 -7.00 1.20
CA LEU B 82 3.89 -7.39 0.49
C LEU B 82 3.63 -7.30 -1.01
N ARG B 83 4.48 -6.55 -1.71
CA ARG B 83 4.21 -6.23 -3.11
C ARG B 83 4.39 -7.45 -4.00
N ASN B 84 5.61 -7.99 -4.06
CA ASN B 84 5.91 -9.16 -4.87
C ASN B 84 6.44 -10.27 -3.98
N LEU B 85 5.84 -11.45 -4.08
CA LEU B 85 6.19 -12.58 -3.24
C LEU B 85 7.12 -13.54 -3.97
N ILE B 86 8.15 -13.99 -3.26
CA ILE B 86 9.05 -15.03 -3.71
C ILE B 86 9.23 -15.99 -2.54
N GLU B 87 9.69 -17.20 -2.83
CA GLU B 87 10.03 -18.12 -1.75
C GLU B 87 11.10 -17.48 -0.86
N ASN B 88 11.25 -18.04 0.34
CA ASN B 88 12.04 -17.54 1.46
C ASN B 88 11.29 -16.40 2.16
N ASP B 89 10.21 -15.88 1.59
CA ASP B 89 9.38 -14.89 2.26
C ASP B 89 8.28 -15.51 3.10
N SER B 90 8.23 -16.83 3.19
CA SER B 90 7.24 -17.50 4.02
C SER B 90 7.58 -17.34 5.50
N GLY B 91 6.60 -17.63 6.35
CA GLY B 91 6.84 -17.58 7.78
C GLY B 91 5.74 -16.89 8.56
N VAL B 92 5.94 -16.73 9.87
CA VAL B 92 4.94 -16.14 10.73
C VAL B 92 5.23 -14.65 10.88
N TYR B 93 4.24 -13.81 10.61
CA TYR B 93 4.37 -12.37 10.76
C TYR B 93 3.64 -11.93 12.02
N TYR B 94 4.34 -11.20 12.88
CA TYR B 94 3.83 -10.76 14.17
C TYR B 94 3.68 -9.25 14.18
N CYS B 95 2.54 -8.78 14.65
CA CYS B 95 2.32 -7.36 14.90
C CYS B 95 2.71 -7.06 16.34
N ALA B 96 3.55 -6.05 16.55
CA ALA B 96 4.07 -5.75 17.87
C ALA B 96 3.96 -4.28 18.18
N THR B 97 3.83 -3.96 19.46
CA THR B 97 3.78 -2.58 19.91
C THR B 97 4.17 -2.51 21.38
N TRP B 98 4.85 -1.43 21.76
CA TRP B 98 5.29 -1.27 23.14
C TRP B 98 4.12 -1.00 24.07
N ASP B 99 4.26 -1.44 25.32
CA ASP B 99 3.19 -1.38 26.29
C ASP B 99 3.20 -0.02 27.00
N ARG B 100 2.41 0.09 28.07
CA ARG B 100 2.31 1.29 28.88
C ARG B 100 3.31 1.21 30.03
N GLY B 101 3.16 2.09 31.02
CA GLY B 101 4.01 2.07 32.20
C GLY B 101 5.45 2.47 31.94
N ASN B 102 5.64 3.59 31.23
CA ASN B 102 6.99 4.10 31.02
C ASN B 102 7.70 4.49 32.32
N PRO B 103 7.10 5.25 33.27
CA PRO B 103 7.82 5.59 34.50
C PRO B 103 8.24 4.38 35.32
N LYS B 104 7.28 3.58 35.75
CA LYS B 104 7.52 2.41 36.59
C LYS B 104 7.17 1.15 35.80
N THR B 105 7.92 0.07 36.06
CA THR B 105 7.90 -1.10 35.19
C THR B 105 8.10 -0.67 33.74
N HIS B 106 9.22 0.03 33.51
CA HIS B 106 9.45 0.81 32.30
C HIS B 106 9.27 -0.02 31.03
N TYR B 107 8.23 0.32 30.26
CA TYR B 107 7.88 -0.39 29.02
C TYR B 107 7.98 -1.90 29.22
N TYR B 108 7.15 -2.39 30.15
CA TYR B 108 7.31 -3.74 30.68
C TYR B 108 7.28 -4.80 29.59
N LYS B 109 6.42 -4.64 28.58
CA LYS B 109 6.25 -5.66 27.57
C LYS B 109 6.23 -5.02 26.18
N LYS B 110 6.55 -5.85 25.19
CA LYS B 110 6.28 -5.54 23.79
C LYS B 110 5.18 -6.51 23.35
N LEU B 111 3.94 -6.03 23.36
CA LEU B 111 2.81 -6.88 23.02
C LEU B 111 2.95 -7.36 21.58
N PHE B 112 2.74 -8.66 21.40
CA PHE B 112 2.84 -9.31 20.09
C PHE B 112 1.47 -9.81 19.65
N GLY B 113 1.25 -9.83 18.35
CA GLY B 113 0.02 -10.33 17.79
C GLY B 113 -0.02 -11.84 17.75
N SER B 114 -1.17 -12.36 17.31
CA SER B 114 -1.32 -13.80 17.18
C SER B 114 -0.45 -14.37 16.07
N GLY B 115 -0.05 -13.56 15.11
CA GLY B 115 0.85 -14.03 14.08
C GLY B 115 0.13 -14.68 12.93
N THR B 116 0.36 -14.21 11.71
CA THR B 116 -0.27 -14.75 10.51
C THR B 116 0.78 -15.51 9.71
N THR B 117 0.45 -16.74 9.33
CA THR B 117 1.38 -17.57 8.59
C THR B 117 1.23 -17.30 7.09
N LEU B 118 2.34 -16.96 6.43
CA LEU B 118 2.37 -16.73 5.00
C LEU B 118 3.10 -17.89 4.34
N VAL B 119 2.42 -18.56 3.42
CA VAL B 119 2.98 -19.67 2.66
C VAL B 119 2.94 -19.30 1.18
N VAL B 120 4.10 -19.37 0.53
CA VAL B 120 4.23 -19.00 -0.87
C VAL B 120 4.41 -20.28 -1.67
N THR B 121 3.46 -20.56 -2.56
CA THR B 121 3.52 -21.72 -3.43
C THR B 121 3.64 -21.27 -4.88
N ASP B 122 3.61 -22.22 -5.81
CA ASP B 122 3.72 -21.94 -7.24
C ASP B 122 2.45 -22.41 -7.93
N LYS B 123 1.70 -21.46 -8.47
CA LYS B 123 0.50 -21.67 -9.28
C LYS B 123 -0.61 -22.36 -8.51
N GLN B 124 -0.57 -22.34 -7.17
CA GLN B 124 -1.59 -22.95 -6.31
C GLN B 124 -1.66 -24.46 -6.48
N LEU B 125 -2.37 -25.13 -5.56
CA LEU B 125 -2.55 -26.57 -5.66
C LEU B 125 -3.60 -26.92 -6.72
N ASP B 126 -4.67 -26.14 -6.79
CA ASP B 126 -5.74 -26.27 -7.79
C ASP B 126 -6.46 -27.62 -7.71
N ALA B 127 -6.34 -28.35 -6.60
CA ALA B 127 -6.94 -29.68 -6.47
C ALA B 127 -8.01 -29.70 -5.38
N ASP B 128 -8.66 -28.56 -5.15
CA ASP B 128 -9.69 -28.41 -4.13
C ASP B 128 -9.14 -28.83 -2.76
N VAL B 129 -8.18 -28.05 -2.28
CA VAL B 129 -7.54 -28.31 -1.00
C VAL B 129 -8.42 -27.73 0.11
N SER B 130 -9.13 -28.60 0.82
CA SER B 130 -10.00 -28.18 1.91
C SER B 130 -10.26 -29.41 2.78
N PRO B 131 -10.37 -29.23 4.10
CA PRO B 131 -10.52 -30.39 4.99
C PRO B 131 -11.73 -31.24 4.62
N LYS B 132 -11.49 -32.55 4.44
CA LYS B 132 -12.50 -33.50 4.01
C LYS B 132 -12.68 -34.53 5.13
N PRO B 133 -13.62 -34.28 6.04
CA PRO B 133 -13.74 -35.12 7.23
C PRO B 133 -14.24 -36.53 6.90
N THR B 134 -13.89 -37.45 7.79
CA THR B 134 -14.36 -38.83 7.73
C THR B 134 -14.52 -39.31 9.16
N ILE B 135 -15.75 -39.27 9.67
CA ILE B 135 -16.02 -39.52 11.08
C ILE B 135 -16.03 -41.03 11.33
N PHE B 136 -15.69 -41.41 12.56
CA PHE B 136 -15.68 -42.80 12.98
C PHE B 136 -16.72 -43.03 14.06
N LEU B 137 -17.34 -44.21 14.03
CA LEU B 137 -18.34 -44.55 15.03
C LEU B 137 -17.68 -45.18 16.25
N PRO B 138 -18.22 -44.92 17.45
CA PRO B 138 -17.65 -45.57 18.64
C PRO B 138 -17.75 -47.08 18.56
N SER B 139 -16.73 -47.75 19.08
CA SER B 139 -16.71 -49.20 19.12
C SER B 139 -17.59 -49.71 20.26
N ILE B 140 -17.95 -50.99 20.17
CA ILE B 140 -18.68 -51.65 21.26
C ILE B 140 -17.70 -51.81 22.42
N ALA B 141 -17.94 -51.06 23.49
CA ALA B 141 -17.00 -50.98 24.61
C ALA B 141 -17.75 -51.05 25.93
N GLU B 142 -18.81 -51.84 26.00
CA GLU B 142 -19.55 -51.96 27.25
C GLU B 142 -18.76 -52.71 28.31
N THR B 143 -17.61 -53.30 27.95
CA THR B 143 -16.75 -53.93 28.94
C THR B 143 -16.16 -52.89 29.89
N LYS B 144 -15.58 -51.83 29.35
CA LYS B 144 -14.88 -50.83 30.14
C LYS B 144 -15.40 -49.44 29.80
N LEU B 145 -15.39 -48.56 30.81
CA LEU B 145 -15.87 -47.19 30.69
C LEU B 145 -17.32 -47.12 30.21
N GLN B 146 -18.10 -48.15 30.55
CA GLN B 146 -19.54 -48.25 30.21
C GLN B 146 -19.82 -47.78 28.78
N LYS B 147 -18.95 -48.18 27.85
CA LYS B 147 -19.05 -47.79 26.45
C LYS B 147 -19.05 -46.26 26.30
N ALA B 148 -18.02 -45.64 26.85
CA ALA B 148 -17.85 -44.20 26.68
C ALA B 148 -17.63 -43.84 25.21
N GLY B 149 -16.83 -44.62 24.51
CA GLY B 149 -16.59 -44.39 23.09
C GLY B 149 -15.57 -43.29 22.87
N THR B 150 -15.20 -43.13 21.59
CA THR B 150 -14.23 -42.11 21.21
C THR B 150 -14.57 -41.65 19.80
N TYR B 151 -15.26 -40.52 19.69
CA TYR B 151 -15.55 -39.94 18.39
C TYR B 151 -14.27 -39.43 17.75
N LEU B 152 -14.18 -39.59 16.42
CA LEU B 152 -13.00 -39.19 15.68
C LEU B 152 -13.38 -38.25 14.53
N CYS B 153 -12.63 -37.16 14.44
CA CYS B 153 -12.76 -36.16 13.38
C CYS B 153 -11.47 -36.26 12.57
N LEU B 154 -11.54 -36.86 11.39
CA LEU B 154 -10.36 -37.16 10.59
C LEU B 154 -10.30 -36.24 9.37
N LEU B 155 -9.66 -35.10 9.56
CA LEU B 155 -9.48 -34.16 8.45
C LEU B 155 -8.37 -34.67 7.55
N GLU B 156 -8.74 -34.94 6.29
CA GLU B 156 -7.95 -35.82 5.42
C GLU B 156 -6.96 -35.06 4.54
N LYS B 157 -7.44 -34.15 3.69
CA LYS B 157 -6.61 -33.53 2.66
C LYS B 157 -6.78 -32.02 2.70
N PHE B 158 -5.76 -31.31 3.17
CA PHE B 158 -5.75 -29.86 3.16
C PHE B 158 -4.32 -29.37 3.05
N PHE B 159 -4.09 -28.38 2.19
CA PHE B 159 -2.73 -27.93 1.91
C PHE B 159 -2.16 -27.04 3.01
N PRO B 160 -2.81 -25.95 3.41
CA PRO B 160 -2.21 -25.09 4.44
C PRO B 160 -2.03 -25.85 5.75
N ASP B 161 -0.91 -25.57 6.42
CA ASP B 161 -0.55 -26.32 7.61
C ASP B 161 -1.51 -26.04 8.76
N VAL B 162 -1.89 -24.78 8.96
CA VAL B 162 -2.64 -24.40 10.15
C VAL B 162 -4.05 -24.94 10.08
N ILE B 163 -4.54 -25.44 11.21
CA ILE B 163 -5.91 -25.93 11.34
C ILE B 163 -6.23 -26.02 12.82
N LYS B 164 -7.44 -25.61 13.20
CA LYS B 164 -7.84 -25.59 14.61
C LYS B 164 -9.07 -26.47 14.77
N ILE B 165 -8.90 -27.63 15.39
CA ILE B 165 -9.98 -28.58 15.61
C ILE B 165 -10.34 -28.55 17.10
N HIS B 166 -11.60 -28.26 17.40
CA HIS B 166 -12.04 -28.32 18.79
C HIS B 166 -13.50 -28.78 18.83
N TRP B 167 -13.88 -29.38 19.95
CA TRP B 167 -15.15 -30.07 20.06
C TRP B 167 -16.13 -29.30 20.95
N GLN B 168 -17.41 -29.54 20.70
CA GLN B 168 -18.48 -28.86 21.42
C GLN B 168 -19.70 -29.78 21.50
N GLU B 169 -20.56 -29.51 22.46
CA GLU B 169 -21.85 -30.17 22.54
C GLU B 169 -22.88 -29.35 21.78
N LYS B 170 -24.17 -29.65 21.97
CA LYS B 170 -25.21 -28.83 21.37
C LYS B 170 -25.17 -27.39 21.85
N LYS B 171 -24.59 -27.14 23.01
CA LYS B 171 -24.31 -25.79 23.50
C LYS B 171 -22.84 -25.48 23.26
N SER B 172 -22.55 -24.20 23.01
CA SER B 172 -21.20 -23.76 22.70
C SER B 172 -20.55 -22.98 23.84
N ASN B 173 -21.10 -23.07 25.05
CA ASN B 173 -20.57 -22.27 26.15
C ASN B 173 -19.21 -22.76 26.61
N THR B 174 -19.06 -24.07 26.81
CA THR B 174 -17.85 -24.65 27.39
C THR B 174 -17.13 -25.51 26.36
N ILE B 175 -15.80 -25.37 26.31
CA ILE B 175 -14.97 -26.12 25.37
C ILE B 175 -14.72 -27.51 25.92
N LEU B 176 -15.02 -28.53 25.12
CA LEU B 176 -14.73 -29.90 25.49
C LEU B 176 -13.24 -30.20 25.36
N GLY B 177 -12.74 -31.04 26.24
CA GLY B 177 -11.34 -31.42 26.21
C GLY B 177 -11.06 -32.57 25.26
N SER B 178 -10.54 -32.25 24.08
CA SER B 178 -10.22 -33.24 23.06
C SER B 178 -8.72 -33.22 22.81
N GLN B 179 -8.12 -34.41 22.78
CA GLN B 179 -6.67 -34.56 22.69
C GLN B 179 -6.27 -34.88 21.26
N GLU B 180 -5.49 -33.99 20.65
CA GLU B 180 -5.20 -34.01 19.23
C GLU B 180 -4.26 -35.16 18.88
N GLY B 181 -4.15 -35.46 17.59
CA GLY B 181 -3.18 -36.39 17.09
C GLY B 181 -1.94 -35.68 16.56
N ASN B 182 -1.73 -35.77 15.25
CA ASN B 182 -0.63 -35.06 14.61
C ASN B 182 -0.95 -34.83 13.15
N THR B 183 -0.23 -33.89 12.53
CA THR B 183 -0.47 -33.51 11.14
C THR B 183 0.62 -34.12 10.26
N MET B 184 0.35 -35.30 9.74
CA MET B 184 1.31 -35.93 8.84
C MET B 184 1.25 -35.30 7.46
N LYS B 185 2.39 -35.35 6.76
CA LYS B 185 2.53 -34.76 5.43
C LYS B 185 2.35 -35.85 4.39
N THR B 186 1.13 -36.00 3.89
CA THR B 186 0.88 -36.82 2.71
C THR B 186 1.51 -36.12 1.50
N ASN B 187 1.82 -36.91 0.47
CA ASN B 187 2.66 -36.50 -0.65
C ASN B 187 2.47 -35.06 -1.10
N ASP B 188 1.23 -34.58 -1.11
CA ASP B 188 0.94 -33.21 -1.50
C ASP B 188 0.00 -32.47 -0.55
N THR B 189 -0.37 -33.07 0.58
CA THR B 189 -1.35 -32.46 1.47
C THR B 189 -0.98 -32.81 2.92
N TYR B 190 -1.83 -32.38 3.85
CA TYR B 190 -1.61 -32.63 5.26
C TYR B 190 -2.85 -33.27 5.87
N MET B 191 -2.63 -34.19 6.81
CA MET B 191 -3.71 -34.91 7.46
C MET B 191 -3.61 -34.76 8.97
N LYS B 192 -4.77 -34.54 9.61
CA LYS B 192 -4.84 -34.43 11.06
C LYS B 192 -6.11 -35.11 11.53
N PHE B 193 -6.13 -35.51 12.80
CA PHE B 193 -7.29 -36.18 13.36
C PHE B 193 -7.41 -35.88 14.84
N SER B 194 -8.65 -35.82 15.31
CA SER B 194 -8.95 -35.58 16.71
C SER B 194 -9.83 -36.72 17.22
N TRP B 195 -9.69 -37.02 18.50
CA TRP B 195 -10.54 -38.02 19.12
C TRP B 195 -10.96 -37.56 20.51
N LEU B 196 -12.18 -37.94 20.89
CA LEU B 196 -12.75 -37.50 22.15
C LEU B 196 -13.49 -38.65 22.82
N THR B 197 -13.26 -38.80 24.12
CA THR B 197 -13.98 -39.76 24.95
C THR B 197 -15.02 -39.01 25.77
N VAL B 198 -16.28 -39.43 25.66
CA VAL B 198 -17.40 -38.79 26.34
C VAL B 198 -18.03 -39.84 27.26
N PRO B 199 -18.27 -39.52 28.52
CA PRO B 199 -18.89 -40.51 29.41
C PRO B 199 -20.34 -40.79 29.04
N GLU B 200 -20.86 -41.90 29.57
CA GLU B 200 -22.23 -42.30 29.27
C GLU B 200 -23.23 -41.26 29.75
N LYS B 201 -22.92 -40.61 30.88
CA LYS B 201 -23.82 -39.63 31.47
C LYS B 201 -24.08 -38.47 30.53
N SER B 202 -23.15 -38.22 29.61
CA SER B 202 -23.34 -37.21 28.58
C SER B 202 -23.34 -37.76 27.16
N LEU B 203 -23.40 -39.08 26.97
CA LEU B 203 -23.35 -39.66 25.64
C LEU B 203 -24.62 -39.34 24.85
N ASP B 204 -25.69 -38.95 25.52
CA ASP B 204 -26.96 -38.69 24.86
C ASP B 204 -26.92 -37.44 23.98
N LYS B 205 -25.85 -36.64 24.06
CA LYS B 205 -25.76 -35.39 23.33
C LYS B 205 -25.01 -35.61 22.01
N GLU B 206 -25.49 -34.95 20.96
CA GLU B 206 -24.78 -34.91 19.69
C GLU B 206 -23.55 -34.03 19.82
N HIS B 207 -22.47 -34.41 19.14
CA HIS B 207 -21.18 -33.76 19.34
C HIS B 207 -20.71 -33.11 18.04
N ARG B 208 -20.38 -31.83 18.09
CA ARG B 208 -19.93 -31.11 16.92
C ARG B 208 -18.42 -30.91 16.97
N CYS B 209 -17.75 -31.33 15.90
CA CYS B 209 -16.32 -31.10 15.71
C CYS B 209 -16.17 -29.87 14.82
N ILE B 210 -15.62 -28.79 15.37
CA ILE B 210 -15.47 -27.53 14.67
C ILE B 210 -14.04 -27.41 14.17
N VAL B 211 -13.90 -27.17 12.87
CA VAL B 211 -12.60 -27.04 12.21
C VAL B 211 -12.51 -25.63 11.66
N ARG B 212 -11.49 -24.88 12.12
CA ARG B 212 -11.17 -23.58 11.58
C ARG B 212 -9.96 -23.72 10.66
N HIS B 213 -10.12 -23.26 9.41
CA HIS B 213 -9.13 -23.50 8.39
C HIS B 213 -9.34 -22.49 7.26
N GLU B 214 -8.24 -21.96 6.74
CA GLU B 214 -8.31 -21.22 5.49
C GLU B 214 -8.55 -22.19 4.33
N ASN B 215 -8.94 -21.63 3.18
CA ASN B 215 -9.34 -22.42 2.02
C ASN B 215 -10.45 -23.40 2.39
N ASN B 216 -11.40 -22.93 3.19
CA ASN B 216 -12.54 -23.72 3.61
C ASN B 216 -13.76 -23.33 2.79
N LYS B 217 -14.57 -24.33 2.43
CA LYS B 217 -15.77 -24.08 1.65
C LYS B 217 -16.70 -23.15 2.41
N ASN B 218 -17.22 -22.13 1.72
CA ASN B 218 -18.09 -21.06 2.20
C ASN B 218 -17.23 -20.09 3.02
N GLY B 219 -15.98 -20.41 3.29
CA GLY B 219 -15.13 -19.53 4.08
C GLY B 219 -15.57 -19.36 5.52
N VAL B 220 -16.10 -20.42 6.12
CA VAL B 220 -16.55 -20.39 7.51
C VAL B 220 -15.99 -21.60 8.23
N ASP B 221 -16.03 -21.55 9.56
CA ASP B 221 -15.57 -22.64 10.39
C ASP B 221 -16.48 -23.85 10.19
N GLN B 222 -15.94 -24.89 9.56
CA GLN B 222 -16.73 -26.09 9.30
C GLN B 222 -17.15 -26.74 10.62
N GLU B 223 -18.37 -27.28 10.64
CA GLU B 223 -18.92 -27.90 11.85
C GLU B 223 -19.49 -29.26 11.50
N ILE B 224 -18.67 -30.31 11.66
CA ILE B 224 -19.15 -31.66 11.44
C ILE B 224 -19.96 -32.12 12.65
N ILE B 225 -21.02 -32.88 12.40
CA ILE B 225 -21.96 -33.27 13.44
C ILE B 225 -21.92 -34.79 13.60
N PHE B 226 -21.65 -35.24 14.83
CA PHE B 226 -21.77 -36.64 15.20
C PHE B 226 -23.11 -36.85 15.88
N PRO B 227 -24.00 -37.67 15.31
CA PRO B 227 -25.33 -37.84 15.89
C PRO B 227 -25.27 -38.50 17.25
N PRO B 228 -26.21 -38.20 18.13
CA PRO B 228 -26.17 -38.77 19.48
C PRO B 228 -26.58 -40.23 19.48
N ILE B 229 -26.07 -40.97 20.47
CA ILE B 229 -26.46 -42.35 20.71
C ILE B 229 -26.79 -42.49 22.19
N LYS B 230 -27.93 -43.09 22.49
CA LYS B 230 -28.40 -43.23 23.87
C LYS B 230 -27.45 -44.11 24.68
N GLN C 1 28.08 -20.02 56.52
CA GLN C 1 28.15 -18.63 56.11
C GLN C 1 29.05 -18.46 54.90
N VAL C 2 28.73 -17.49 54.05
CA VAL C 2 29.53 -17.24 52.85
C VAL C 2 30.87 -16.66 53.26
N GLN C 3 31.95 -17.21 52.71
CA GLN C 3 33.29 -16.79 53.07
C GLN C 3 34.21 -16.98 51.86
N LEU C 4 35.19 -16.10 51.73
CA LEU C 4 36.19 -16.19 50.68
C LEU C 4 37.58 -16.10 51.31
N GLN C 5 38.45 -17.05 50.97
CA GLN C 5 39.79 -17.14 51.50
C GLN C 5 40.80 -16.90 50.38
N GLN C 6 41.83 -16.11 50.69
CA GLN C 6 42.83 -15.74 49.70
C GLN C 6 44.23 -16.10 50.20
N SER C 7 45.15 -16.26 49.26
CA SER C 7 46.51 -16.62 49.59
C SER C 7 47.22 -15.46 50.31
N GLY C 8 48.29 -15.81 51.02
CA GLY C 8 49.04 -14.81 51.75
C GLY C 8 49.90 -13.95 50.86
N ALA C 9 50.51 -12.94 51.48
CA ALA C 9 51.38 -12.03 50.74
C ALA C 9 52.61 -12.76 50.21
N GLU C 10 52.99 -12.46 48.97
CA GLU C 10 54.12 -13.11 48.33
C GLU C 10 55.08 -12.05 47.81
N LEU C 11 56.37 -12.23 48.13
CA LEU C 11 57.42 -11.39 47.56
C LEU C 11 57.77 -11.88 46.17
N VAL C 12 57.93 -10.95 45.23
CA VAL C 12 58.08 -11.30 43.83
C VAL C 12 59.25 -10.54 43.22
N ARG C 13 59.79 -11.11 42.14
CA ARG C 13 60.87 -10.56 41.35
C ARG C 13 60.32 -9.55 40.35
N PRO C 14 61.17 -8.65 39.83
CA PRO C 14 60.68 -7.64 38.88
C PRO C 14 60.01 -8.23 37.65
N GLY C 15 60.52 -9.35 37.13
CA GLY C 15 59.88 -10.00 36.00
C GLY C 15 59.50 -11.44 36.27
N ALA C 16 58.20 -11.70 36.37
CA ALA C 16 57.69 -13.04 36.67
C ALA C 16 56.18 -13.02 36.51
N SER C 17 55.60 -14.22 36.44
CA SER C 17 54.15 -14.41 36.40
C SER C 17 53.72 -14.97 37.74
N VAL C 18 52.79 -14.28 38.40
CA VAL C 18 52.33 -14.62 39.74
C VAL C 18 50.87 -15.02 39.68
N THR C 19 50.53 -16.12 40.35
CA THR C 19 49.16 -16.61 40.39
C THR C 19 48.58 -16.38 41.78
N LEU C 20 47.48 -15.63 41.85
CA LEU C 20 46.78 -15.36 43.09
C LEU C 20 45.48 -16.15 43.13
N SER C 21 45.25 -16.86 44.22
CA SER C 21 44.14 -17.80 44.36
C SER C 21 43.08 -17.24 45.30
N CYS C 22 41.84 -17.69 45.07
CA CYS C 22 40.71 -17.28 45.90
C CYS C 22 39.70 -18.41 45.94
N LYS C 23 39.39 -18.91 47.14
CA LYS C 23 38.50 -20.04 47.33
C LYS C 23 37.24 -19.58 48.03
N ALA C 24 36.09 -19.98 47.50
CA ALA C 24 34.78 -19.60 48.02
C ALA C 24 34.12 -20.77 48.72
N SER C 25 33.56 -20.52 49.90
CA SER C 25 32.89 -21.55 50.68
C SER C 25 31.58 -21.00 51.22
N GLY C 26 30.60 -21.89 51.39
CA GLY C 26 29.32 -21.53 51.95
C GLY C 26 28.19 -21.41 50.93
N TYR C 27 28.50 -21.45 49.63
CA TYR C 27 27.49 -21.34 48.60
C TYR C 27 27.93 -22.14 47.38
N THR C 28 27.07 -22.16 46.36
CA THR C 28 27.37 -22.89 45.13
C THR C 28 28.19 -22.01 44.21
N PHE C 29 29.40 -22.46 43.87
CA PHE C 29 30.31 -21.64 43.09
C PHE C 29 29.81 -21.43 41.67
N THR C 30 29.07 -22.41 41.13
CA THR C 30 28.68 -22.35 39.73
C THR C 30 27.77 -21.17 39.42
N ASP C 31 26.85 -20.83 40.34
CA ASP C 31 25.84 -19.84 40.04
C ASP C 31 26.41 -18.43 39.97
N TYR C 32 27.27 -18.07 40.92
CA TYR C 32 27.73 -16.69 41.04
C TYR C 32 29.16 -16.53 40.54
N GLU C 33 29.44 -15.33 40.06
CA GLU C 33 30.73 -14.97 39.49
C GLU C 33 31.61 -14.28 40.53
N VAL C 34 32.90 -14.22 40.22
CA VAL C 34 33.89 -13.64 41.12
C VAL C 34 34.52 -12.44 40.45
N TYR C 35 34.49 -11.30 41.14
CA TYR C 35 35.16 -10.08 40.68
C TYR C 35 36.49 -9.94 41.40
N TRP C 36 37.45 -9.30 40.74
CA TRP C 36 38.78 -9.09 41.29
C TRP C 36 39.11 -7.60 41.22
N VAL C 37 39.46 -7.02 42.36
CA VAL C 37 39.70 -5.59 42.51
C VAL C 37 41.10 -5.38 43.07
N LYS C 38 41.76 -4.32 42.62
CA LYS C 38 43.10 -3.97 43.10
C LYS C 38 43.04 -2.60 43.78
N GLN C 39 43.53 -2.53 45.01
CA GLN C 39 43.58 -1.30 45.78
C GLN C 39 45.02 -0.89 46.00
N THR C 40 45.35 0.34 45.60
CA THR C 40 46.66 0.93 45.81
C THR C 40 46.50 2.30 46.44
N PRO C 41 47.44 2.69 47.31
CA PRO C 41 47.28 3.97 48.04
C PRO C 41 47.21 5.18 47.13
N VAL C 42 47.83 5.15 45.96
CA VAL C 42 47.87 6.32 45.08
C VAL C 42 46.64 6.39 44.18
N HIS C 43 46.30 5.28 43.53
CA HIS C 43 45.19 5.25 42.58
C HIS C 43 43.88 4.81 43.20
N GLY C 44 43.85 4.59 44.51
CA GLY C 44 42.63 4.06 45.12
C GLY C 44 42.43 2.61 44.74
N LEU C 45 41.17 2.25 44.50
CA LEU C 45 40.82 0.89 44.10
C LEU C 45 39.97 0.93 42.84
N GLU C 46 40.25 0.01 41.91
CA GLU C 46 39.52 -0.08 40.67
C GLU C 46 39.23 -1.53 40.35
N TRP C 47 38.17 -1.75 39.58
CA TRP C 47 37.80 -3.11 39.18
C TRP C 47 38.71 -3.56 38.05
N ILE C 48 39.33 -4.73 38.22
CA ILE C 48 40.36 -5.17 37.29
C ILE C 48 39.98 -6.46 36.58
N GLY C 49 39.05 -7.23 37.15
CA GLY C 49 38.63 -8.44 36.46
C GLY C 49 37.29 -8.97 36.94
N ALA C 50 36.70 -9.82 36.11
CA ALA C 50 35.47 -10.52 36.47
C ALA C 50 35.40 -11.83 35.72
N ILE C 51 35.16 -12.93 36.44
CA ILE C 51 35.12 -14.26 35.83
C ILE C 51 33.87 -14.99 36.30
N ASP C 52 33.18 -15.64 35.36
CA ASP C 52 32.01 -16.44 35.68
C ASP C 52 32.39 -17.91 35.65
N PRO C 53 32.34 -18.62 36.78
CA PRO C 53 32.76 -20.03 36.78
C PRO C 53 31.93 -20.92 35.87
N GLU C 54 30.64 -20.62 35.68
CA GLU C 54 29.75 -21.54 34.97
C GLU C 54 30.18 -21.72 33.52
N THR C 55 30.49 -20.62 32.83
CA THR C 55 30.84 -20.67 31.42
C THR C 55 32.26 -20.21 31.11
N GLY C 56 32.94 -19.57 32.06
CA GLY C 56 34.30 -19.11 31.83
C GLY C 56 34.41 -17.77 31.15
N ARG C 57 33.31 -17.09 30.86
CA ARG C 57 33.38 -15.77 30.26
C ARG C 57 34.02 -14.78 31.22
N THR C 58 34.92 -13.96 30.70
CA THR C 58 35.69 -13.02 31.51
C THR C 58 35.56 -11.62 30.96
N ALA C 59 35.44 -10.65 31.87
CA ALA C 59 35.40 -9.23 31.54
C ALA C 59 36.55 -8.52 32.22
N TYR C 60 37.32 -7.77 31.44
CA TYR C 60 38.49 -7.06 31.95
C TYR C 60 38.30 -5.56 31.78
N ASN C 61 38.96 -4.80 32.64
CA ASN C 61 39.11 -3.37 32.44
C ASN C 61 40.03 -3.13 31.24
N GLN C 62 39.76 -2.04 30.51
CA GLN C 62 40.55 -1.76 29.31
C GLN C 62 42.01 -1.53 29.66
N LYS C 63 42.29 -0.79 30.74
CA LYS C 63 43.67 -0.55 31.14
C LYS C 63 44.33 -1.82 31.66
N PHE C 64 43.57 -2.69 32.32
CA PHE C 64 44.09 -3.92 32.88
C PHE C 64 43.97 -5.10 31.94
N LYS C 65 43.42 -4.91 30.74
CA LYS C 65 43.29 -6.00 29.79
C LYS C 65 44.66 -6.43 29.28
N GLY C 66 44.84 -7.75 29.18
CA GLY C 66 46.11 -8.29 28.73
C GLY C 66 47.09 -8.52 29.87
N LYS C 67 47.12 -7.58 30.81
CA LYS C 67 47.98 -7.73 31.98
C LYS C 67 47.55 -8.93 32.83
N ALA C 68 46.25 -9.08 33.05
CA ALA C 68 45.73 -10.10 33.96
C ALA C 68 44.81 -11.04 33.20
N ILE C 69 45.02 -12.34 33.38
CA ILE C 69 44.17 -13.39 32.84
C ILE C 69 43.67 -14.25 33.99
N LEU C 70 42.38 -14.54 34.01
CA LEU C 70 41.76 -15.28 35.11
C LEU C 70 41.28 -16.64 34.64
N THR C 71 41.35 -17.61 35.56
CA THR C 71 40.89 -18.97 35.33
C THR C 71 40.14 -19.42 36.57
N THR C 72 39.22 -20.37 36.38
CA THR C 72 38.42 -20.88 37.48
C THR C 72 38.43 -22.40 37.46
N ASP C 73 38.25 -22.98 38.64
CA ASP C 73 38.12 -24.44 38.79
C ASP C 73 36.97 -24.73 39.73
N LYS C 74 35.92 -25.37 39.20
CA LYS C 74 34.72 -25.64 39.99
C LYS C 74 34.94 -26.79 40.95
N SER C 75 35.73 -27.79 40.56
CA SER C 75 35.98 -28.93 41.44
C SER C 75 36.69 -28.49 42.71
N SER C 76 37.70 -27.64 42.57
CA SER C 76 38.36 -27.03 43.72
C SER C 76 37.68 -25.75 44.17
N SER C 77 36.75 -25.22 43.38
CA SER C 77 36.03 -23.99 43.70
C SER C 77 36.99 -22.84 43.99
N THR C 78 37.98 -22.69 43.11
CA THR C 78 39.01 -21.69 43.31
C THR C 78 39.27 -20.94 42.02
N ALA C 79 39.47 -19.62 42.13
CA ALA C 79 39.74 -18.75 41.00
C ALA C 79 41.17 -18.22 41.11
N TYR C 80 41.90 -18.28 40.00
CA TYR C 80 43.29 -17.83 39.93
C TYR C 80 43.39 -16.66 38.97
N MET C 81 44.21 -15.68 39.32
CA MET C 81 44.58 -14.60 38.41
C MET C 81 46.09 -14.60 38.19
N ALA C 82 46.50 -14.42 36.94
CA ALA C 82 47.90 -14.36 36.57
C ALA C 82 48.32 -12.93 36.34
N LEU C 83 49.52 -12.57 36.83
CA LEU C 83 50.06 -11.22 36.71
C LEU C 83 51.46 -11.28 36.12
N ARG C 84 51.80 -10.30 35.29
CA ARG C 84 53.10 -10.23 34.65
C ARG C 84 53.59 -8.78 34.65
N SER C 85 54.89 -8.63 34.46
CA SER C 85 55.55 -7.31 34.46
C SER C 85 55.22 -6.56 35.74
N LEU C 86 55.37 -7.24 36.88
CA LEU C 86 54.92 -6.71 38.16
C LEU C 86 55.82 -5.62 38.72
N THR C 87 56.97 -5.35 38.08
CA THR C 87 57.88 -4.34 38.61
C THR C 87 57.32 -2.93 38.42
N SER C 88 56.40 -2.76 37.49
CA SER C 88 55.90 -1.42 37.14
C SER C 88 54.84 -0.99 38.15
N GLU C 89 55.33 -0.58 39.33
CA GLU C 89 54.53 0.04 40.39
C GLU C 89 53.30 -0.77 40.77
N ASP C 90 53.28 -2.06 40.45
CA ASP C 90 52.13 -2.93 40.73
C ASP C 90 52.26 -3.61 42.09
N SER C 91 52.49 -2.82 43.13
CA SER C 91 52.51 -3.30 44.50
C SER C 91 51.25 -2.80 45.19
N ALA C 92 50.30 -3.70 45.42
CA ALA C 92 48.99 -3.29 45.88
C ALA C 92 48.30 -4.47 46.56
N VAL C 93 47.14 -4.19 47.15
CA VAL C 93 46.33 -5.24 47.76
C VAL C 93 45.31 -5.73 46.74
N TYR C 94 45.06 -7.03 46.72
CA TYR C 94 44.12 -7.63 45.79
C TYR C 94 42.98 -8.25 46.57
N TYR C 95 41.75 -7.93 46.18
CA TYR C 95 40.55 -8.39 46.85
C TYR C 95 39.66 -9.15 45.89
N CYS C 96 39.05 -10.22 46.38
CA CYS C 96 37.95 -10.86 45.69
C CYS C 96 36.64 -10.15 46.05
N ALA C 97 35.63 -10.36 45.22
CA ALA C 97 34.35 -9.72 45.46
C ALA C 97 33.24 -10.58 44.88
N ARG C 98 32.10 -10.58 45.56
CA ARG C 98 30.93 -11.31 45.09
C ARG C 98 29.68 -10.54 45.50
N LEU C 99 28.73 -10.46 44.59
CA LEU C 99 27.47 -9.80 44.89
C LEU C 99 26.64 -10.64 45.85
N LYS C 100 25.67 -9.99 46.50
CA LYS C 100 24.79 -10.70 47.42
C LYS C 100 23.95 -11.72 46.66
N SER C 101 23.66 -12.83 47.32
CA SER C 101 22.89 -13.91 46.70
C SER C 101 21.56 -13.39 46.17
N GLY C 102 21.29 -13.68 44.90
CA GLY C 102 20.12 -13.14 44.24
C GLY C 102 20.24 -11.69 43.83
N ARG C 103 21.44 -11.11 43.87
CA ARG C 103 21.66 -9.71 43.53
C ARG C 103 20.74 -8.78 44.33
N TYR C 104 20.56 -9.09 45.61
CA TYR C 104 19.68 -8.29 46.46
C TYR C 104 20.20 -6.87 46.58
N TYR C 105 21.52 -6.70 46.72
CA TYR C 105 22.12 -5.38 46.90
C TYR C 105 22.53 -4.74 45.59
N GLY C 106 21.85 -5.04 44.51
CA GLY C 106 22.21 -4.45 43.23
C GLY C 106 23.58 -4.94 42.78
N ASP C 107 24.41 -3.98 42.36
CA ASP C 107 25.76 -4.27 41.91
C ASP C 107 26.79 -4.15 43.03
N LEU C 108 26.34 -3.98 44.27
CA LEU C 108 27.26 -3.86 45.40
C LEU C 108 27.98 -5.18 45.65
N PHE C 109 29.27 -5.08 45.98
CA PHE C 109 30.08 -6.25 46.28
C PHE C 109 29.85 -6.63 47.73
N ALA C 110 28.99 -7.61 47.97
CA ALA C 110 28.57 -7.94 49.33
C ALA C 110 29.66 -8.70 50.08
N TYR C 111 30.33 -9.65 49.43
CA TYR C 111 31.29 -10.52 50.08
C TYR C 111 32.69 -10.26 49.54
N TRP C 112 33.62 -9.96 50.44
CA TRP C 112 34.99 -9.63 50.10
C TRP C 112 35.95 -10.61 50.76
N GLY C 113 37.09 -10.85 50.11
CA GLY C 113 38.18 -11.57 50.72
C GLY C 113 38.97 -10.70 51.65
N GLN C 114 39.91 -11.32 52.37
CA GLN C 114 40.74 -10.57 53.30
C GLN C 114 41.80 -9.74 52.59
N GLY C 115 42.09 -10.03 51.33
CA GLY C 115 43.05 -9.26 50.57
C GLY C 115 44.47 -9.78 50.67
N THR C 116 45.15 -9.89 49.53
CA THR C 116 46.54 -10.34 49.48
C THR C 116 47.42 -9.17 49.04
N LEU C 117 48.48 -8.91 49.79
CA LEU C 117 49.38 -7.81 49.48
C LEU C 117 50.48 -8.29 48.56
N VAL C 118 50.72 -7.56 47.47
CA VAL C 118 51.78 -7.87 46.53
C VAL C 118 52.76 -6.71 46.53
N THR C 119 54.02 -7.00 46.84
CA THR C 119 55.10 -6.02 46.83
C THR C 119 56.20 -6.50 45.91
N VAL C 120 56.73 -5.58 45.11
CA VAL C 120 57.73 -5.90 44.10
C VAL C 120 58.98 -5.08 44.36
N SER C 121 60.12 -5.57 43.89
CA SER C 121 61.39 -4.87 44.05
C SER C 121 61.53 -3.76 43.00
N GLN D 1 33.47 5.54 31.01
CA GLN D 1 34.34 5.82 32.15
C GLN D 1 33.96 7.15 32.82
N ILE D 2 33.58 7.08 34.08
CA ILE D 2 33.19 8.24 34.86
C ILE D 2 34.16 8.38 36.03
N VAL D 3 34.67 9.59 36.24
CA VAL D 3 35.75 9.80 37.21
C VAL D 3 35.25 9.55 38.64
N LEU D 4 33.99 9.91 38.91
CA LEU D 4 33.39 9.76 40.24
C LEU D 4 34.17 10.59 41.28
N THR D 5 34.33 11.87 41.00
CA THR D 5 35.08 12.74 41.89
C THR D 5 34.33 12.93 43.21
N GLN D 6 35.09 13.16 44.27
CA GLN D 6 34.55 13.41 45.60
C GLN D 6 35.09 14.73 46.12
N SER D 7 34.18 15.65 46.46
CA SER D 7 34.58 16.97 46.93
C SER D 7 35.39 16.94 48.23
N PRO D 8 34.94 16.26 49.31
CA PRO D 8 35.67 16.39 50.59
C PRO D 8 36.86 15.45 50.65
N ALA D 9 38.06 16.03 50.68
CA ALA D 9 39.27 15.23 50.85
C ALA D 9 39.43 14.78 52.29
N LEU D 10 39.09 15.64 53.25
CA LEU D 10 39.22 15.31 54.66
C LEU D 10 38.19 16.11 55.46
N MET D 11 37.76 15.53 56.58
CA MET D 11 36.83 16.18 57.49
C MET D 11 37.32 16.00 58.92
N SER D 12 36.88 16.89 59.80
CA SER D 12 37.21 16.87 61.22
C SER D 12 35.95 16.78 62.07
N ALA D 13 35.04 15.89 61.68
CA ALA D 13 33.76 15.77 62.35
C ALA D 13 33.93 15.32 63.81
N SER D 14 32.99 15.73 64.64
CA SER D 14 32.98 15.43 66.07
C SER D 14 31.60 14.92 66.45
N PRO D 15 31.50 14.16 67.55
CA PRO D 15 30.18 13.68 67.99
C PRO D 15 29.23 14.82 68.26
N GLY D 16 27.95 14.57 67.94
CA GLY D 16 26.94 15.61 68.03
C GLY D 16 26.81 16.47 66.79
N GLU D 17 27.44 16.07 65.69
CA GLU D 17 27.39 16.82 64.44
C GLU D 17 26.95 15.92 63.31
N LYS D 18 26.09 16.44 62.44
CA LYS D 18 25.62 15.73 61.26
C LYS D 18 26.36 16.26 60.05
N VAL D 19 26.98 15.35 59.29
CA VAL D 19 27.84 15.75 58.18
C VAL D 19 27.33 15.12 56.89
N THR D 20 27.75 15.71 55.77
CA THR D 20 27.36 15.28 54.43
C THR D 20 28.60 15.16 53.56
N MET D 21 28.66 14.10 52.77
CA MET D 21 29.73 13.88 51.81
C MET D 21 29.12 13.68 50.43
N THR D 22 29.61 14.42 49.45
CA THR D 22 29.08 14.37 48.10
C THR D 22 30.03 13.62 47.18
N CYS D 23 29.45 12.88 46.23
CA CYS D 23 30.21 12.07 45.27
C CYS D 23 29.70 12.44 43.88
N SER D 24 30.29 13.49 43.30
CA SER D 24 29.85 13.95 41.99
C SER D 24 30.31 13.00 40.89
N ALA D 25 29.52 12.92 39.83
CA ALA D 25 29.81 12.09 38.68
C ALA D 25 29.83 12.94 37.42
N SER D 26 30.79 12.66 36.53
CA SER D 26 30.88 13.40 35.28
C SER D 26 29.65 13.18 34.41
N SER D 27 29.16 11.94 34.35
CA SER D 27 27.97 11.60 33.61
C SER D 27 26.90 11.08 34.56
N SER D 28 25.65 11.22 34.16
CA SER D 28 24.54 10.81 35.01
C SER D 28 24.56 9.31 35.26
N VAL D 29 24.31 8.92 36.50
CA VAL D 29 24.29 7.52 36.92
C VAL D 29 22.95 7.24 37.58
N SER D 30 22.33 6.13 37.19
CA SER D 30 21.00 5.80 37.69
C SER D 30 21.00 5.59 39.20
N TYR D 31 21.71 4.57 39.68
CA TYR D 31 21.79 4.26 41.09
C TYR D 31 23.23 4.38 41.57
N MET D 32 23.39 4.60 42.87
CA MET D 32 24.68 4.87 43.47
C MET D 32 24.89 3.96 44.68
N TYR D 33 26.09 3.37 44.77
CA TYR D 33 26.44 2.49 45.86
C TYR D 33 27.61 3.06 46.64
N TRP D 34 27.70 2.71 47.92
CA TRP D 34 28.75 3.23 48.78
C TRP D 34 29.41 2.08 49.53
N TYR D 35 30.67 2.30 49.93
CA TYR D 35 31.44 1.35 50.71
C TYR D 35 32.13 2.06 51.86
N GLN D 36 32.24 1.38 52.99
CA GLN D 36 33.02 1.86 54.13
C GLN D 36 34.19 0.93 54.35
N GLN D 37 35.37 1.51 54.55
CA GLN D 37 36.58 0.76 54.82
C GLN D 37 37.16 1.17 56.17
N LYS D 38 37.87 0.24 56.79
CA LYS D 38 38.53 0.49 58.07
C LYS D 38 39.94 -0.07 57.97
N PRO D 39 40.88 0.46 58.74
CA PRO D 39 42.28 0.02 58.63
C PRO D 39 42.42 -1.48 58.86
N ARG D 40 43.29 -2.10 58.08
CA ARG D 40 43.59 -3.53 58.17
C ARG D 40 42.32 -4.37 57.98
N SER D 41 41.49 -3.96 57.01
CA SER D 41 40.29 -4.72 56.69
C SER D 41 39.84 -4.35 55.28
N SER D 42 39.04 -5.25 54.69
CA SER D 42 38.46 -5.01 53.38
C SER D 42 37.25 -4.08 53.48
N PRO D 43 36.94 -3.34 52.42
CA PRO D 43 35.78 -2.44 52.46
C PRO D 43 34.49 -3.21 52.73
N LYS D 44 33.64 -2.63 53.56
CA LYS D 44 32.36 -3.23 53.90
C LYS D 44 31.31 -2.92 52.84
N PRO D 45 30.27 -3.75 52.74
CA PRO D 45 29.23 -3.49 51.72
C PRO D 45 28.53 -2.16 51.91
N TRP D 46 27.97 -1.90 53.10
CA TRP D 46 27.31 -0.62 53.43
C TRP D 46 26.18 -0.39 52.42
N ILE D 47 25.98 0.86 51.98
CA ILE D 47 24.84 1.27 51.16
C ILE D 47 24.75 0.43 49.90
N TYR D 48 23.52 0.10 49.47
CA TYR D 48 23.33 -0.68 48.26
C TYR D 48 22.43 -0.01 47.23
N PHE D 49 21.82 1.13 47.57
CA PHE D 49 21.03 1.91 46.62
C PHE D 49 20.95 3.33 47.15
N THR D 50 20.55 4.25 46.30
CA THR D 50 20.40 5.63 46.72
C THR D 50 19.39 5.73 47.85
N SER D 51 19.81 6.29 48.99
CA SER D 51 18.98 6.43 50.18
C SER D 51 18.55 5.07 50.74
N ASN D 52 19.48 4.11 50.78
CA ASN D 52 19.21 2.78 51.30
C ASN D 52 20.29 2.40 52.31
N LEU D 53 20.02 1.35 53.07
CA LEU D 53 20.96 0.81 54.05
C LEU D 53 21.05 -0.70 53.89
N ALA D 54 22.24 -1.25 54.11
CA ALA D 54 22.44 -2.68 53.94
C ALA D 54 23.49 -3.17 54.94
N SER D 55 23.47 -4.49 55.18
CA SER D 55 24.41 -5.21 56.03
C SER D 55 24.31 -4.83 57.50
N GLY D 56 23.24 -4.14 57.91
CA GLY D 56 23.07 -3.79 59.30
C GLY D 56 23.94 -2.64 59.76
N VAL D 57 23.74 -1.47 59.16
CA VAL D 57 24.48 -0.27 59.54
C VAL D 57 23.62 0.57 60.47
N PRO D 58 24.20 1.48 61.27
CA PRO D 58 23.39 2.35 62.11
C PRO D 58 22.45 3.21 61.27
N ALA D 59 21.27 3.50 61.83
CA ALA D 59 20.25 4.24 61.10
C ALA D 59 20.66 5.67 60.81
N ARG D 60 21.74 6.16 61.44
CA ARG D 60 22.19 7.53 61.20
C ARG D 60 22.59 7.73 59.74
N PHE D 61 23.03 6.68 59.07
CA PHE D 61 23.44 6.80 57.67
C PHE D 61 22.22 6.94 56.77
N SER D 62 22.34 7.80 55.76
CA SER D 62 21.28 7.97 54.79
C SER D 62 21.88 8.51 53.49
N GLY D 63 21.12 8.38 52.41
CA GLY D 63 21.56 8.86 51.11
C GLY D 63 20.53 9.79 50.50
N SER D 64 20.98 10.53 49.49
CA SER D 64 20.12 11.48 48.80
C SER D 64 20.83 11.92 47.52
N GLY D 65 20.15 12.75 46.74
CA GLY D 65 20.72 13.32 45.54
C GLY D 65 19.94 12.91 44.30
N SER D 66 20.08 13.73 43.26
CA SER D 66 19.45 13.48 41.97
C SER D 66 20.33 12.54 41.15
N GLY D 67 20.05 12.42 39.85
CA GLY D 67 20.81 11.53 39.00
C GLY D 67 22.28 11.89 38.89
N THR D 68 22.66 13.10 39.28
CA THR D 68 24.03 13.53 39.29
C THR D 68 24.33 14.17 40.64
N SER D 69 25.55 13.95 41.13
CA SER D 69 26.01 14.50 42.42
C SER D 69 25.21 13.93 43.59
N TYR D 70 25.24 12.61 43.72
CA TYR D 70 24.67 11.94 44.89
C TYR D 70 25.44 12.34 46.14
N SER D 71 24.82 12.10 47.30
CA SER D 71 25.42 12.47 48.57
C SER D 71 25.06 11.42 49.62
N LEU D 72 25.69 11.55 50.79
CA LEU D 72 25.40 10.70 51.93
C LEU D 72 25.49 11.56 53.18
N THR D 73 24.60 11.32 54.13
CA THR D 73 24.52 12.10 55.36
C THR D 73 24.55 11.18 56.57
N ILE D 74 25.19 11.66 57.64
CA ILE D 74 25.21 10.97 58.92
C ILE D 74 24.83 11.97 60.00
N SER D 75 24.03 11.49 60.98
CA SER D 75 23.45 12.40 61.98
C SER D 75 24.42 12.63 63.14
N SER D 76 25.00 11.56 63.67
CA SER D 76 25.87 11.65 64.84
C SER D 76 27.08 10.75 64.64
N MET D 77 28.25 11.21 65.10
CA MET D 77 29.47 10.43 65.04
C MET D 77 29.70 9.72 66.37
N GLU D 78 30.03 8.43 66.31
CA GLU D 78 30.30 7.62 67.51
C GLU D 78 31.44 6.67 67.20
N ALA D 79 32.67 7.12 67.48
CA ALA D 79 33.86 6.28 67.48
C ALA D 79 34.02 5.48 66.18
N GLU D 80 33.83 6.17 65.05
CA GLU D 80 34.06 5.59 63.74
C GLU D 80 35.07 6.47 63.01
N ASP D 81 36.27 5.94 62.80
CA ASP D 81 37.32 6.70 62.12
C ASP D 81 36.98 6.96 60.66
N ALA D 82 35.99 6.27 60.10
CA ALA D 82 35.58 6.47 58.72
C ALA D 82 34.14 6.04 58.57
N ALA D 83 33.23 7.01 58.41
CA ALA D 83 31.83 6.69 58.22
C ALA D 83 31.60 6.00 56.88
N THR D 84 32.10 6.60 55.80
CA THR D 84 31.97 6.04 54.46
C THR D 84 33.18 6.49 53.66
N TYR D 85 33.96 5.53 53.16
CA TYR D 85 35.12 5.88 52.34
C TYR D 85 34.75 6.09 50.88
N TYR D 86 34.27 5.05 50.21
CA TYR D 86 34.31 5.00 48.76
C TYR D 86 32.92 4.96 48.15
N CYS D 87 32.86 5.29 46.86
CA CYS D 87 31.66 5.21 46.06
C CYS D 87 31.77 4.04 45.08
N GLN D 88 30.70 3.81 44.33
CA GLN D 88 30.70 2.84 43.23
C GLN D 88 29.45 3.05 42.40
N GLN D 89 29.63 2.96 41.09
CA GLN D 89 28.50 2.92 40.15
C GLN D 89 28.84 1.94 39.04
N TRP D 90 27.81 1.32 38.47
CA TRP D 90 28.00 0.45 37.31
C TRP D 90 27.05 0.82 36.19
N SER D 91 26.65 2.10 36.12
CA SER D 91 25.92 2.57 34.95
C SER D 91 26.79 2.57 33.70
N SER D 92 28.11 2.64 33.88
CA SER D 92 29.07 2.56 32.79
C SER D 92 29.84 1.26 32.90
N ASN D 93 30.23 0.71 31.75
CA ASN D 93 30.97 -0.55 31.75
C ASN D 93 32.25 -0.50 32.58
N PRO D 94 33.09 0.54 32.52
CA PRO D 94 34.20 0.61 33.49
C PRO D 94 33.69 1.00 34.87
N LEU D 95 33.66 0.05 35.78
CA LEU D 95 33.14 0.26 37.14
C LEU D 95 34.27 0.87 37.96
N THR D 96 34.10 2.12 38.35
CA THR D 96 35.12 2.87 39.08
C THR D 96 34.57 3.33 40.42
N PHE D 97 35.47 3.42 41.41
CA PHE D 97 35.08 3.71 42.79
C PHE D 97 35.26 5.18 43.16
N GLY D 98 36.47 5.70 43.05
CA GLY D 98 36.78 7.05 43.46
C GLY D 98 37.93 7.09 44.46
N ALA D 99 38.38 8.31 44.72
CA ALA D 99 39.52 8.51 45.60
C ALA D 99 39.21 8.09 47.04
N GLY D 100 38.03 8.41 47.53
CA GLY D 100 37.66 8.09 48.90
C GLY D 100 37.77 9.30 49.81
N THR D 101 36.85 9.38 50.77
CA THR D 101 36.82 10.47 51.72
C THR D 101 37.09 9.92 53.12
N LYS D 102 38.08 10.50 53.79
CA LYS D 102 38.45 10.12 55.14
C LYS D 102 38.18 11.29 56.09
N LEU D 103 37.53 10.98 57.21
CA LEU D 103 37.19 12.00 58.20
C LEU D 103 37.71 11.56 59.56
N GLU D 104 38.71 12.26 60.06
CA GLU D 104 39.34 11.93 61.33
C GLU D 104 38.46 12.42 62.48
N LEU D 105 38.24 11.55 63.46
CA LEU D 105 37.41 11.91 64.61
C LEU D 105 38.14 12.95 65.47
N LYS D 106 37.45 14.04 65.78
CA LYS D 106 38.03 15.10 66.59
C LYS D 106 37.00 15.66 67.58
N GLN E 2 3.09 20.14 -25.47
CA GLN E 2 3.24 19.94 -24.04
C GLN E 2 2.26 20.82 -23.28
N LYS E 3 1.66 21.78 -23.97
CA LYS E 3 0.64 22.64 -23.38
C LYS E 3 -0.57 22.69 -24.32
N VAL E 4 -1.76 22.65 -23.73
CA VAL E 4 -3.02 22.62 -24.48
C VAL E 4 -3.97 23.64 -23.87
N THR E 5 -4.67 24.39 -24.72
CA THR E 5 -5.61 25.40 -24.25
C THR E 5 -6.87 25.35 -25.10
N GLN E 6 -8.01 25.51 -24.44
CA GLN E 6 -9.30 25.71 -25.10
C GLN E 6 -9.96 26.91 -24.44
N ALA E 7 -9.99 28.04 -25.14
CA ALA E 7 -10.44 29.30 -24.56
C ALA E 7 -11.95 29.44 -24.51
N GLN E 8 -12.71 28.53 -25.10
CA GLN E 8 -14.17 28.61 -25.11
C GLN E 8 -14.69 28.04 -23.80
N SER E 9 -15.23 28.91 -22.95
CA SER E 9 -15.80 28.46 -21.68
C SER E 9 -17.04 27.61 -21.90
N SER E 10 -17.94 28.05 -22.77
CA SER E 10 -19.15 27.30 -23.05
C SER E 10 -19.68 27.70 -24.43
N VAL E 11 -20.48 26.81 -25.01
CA VAL E 11 -21.12 27.06 -26.30
C VAL E 11 -22.53 26.50 -26.25
N SER E 12 -23.48 27.22 -26.84
CA SER E 12 -24.88 26.82 -26.90
C SER E 12 -25.34 26.82 -28.35
N MET E 13 -25.93 25.70 -28.77
CA MET E 13 -26.44 25.58 -30.13
C MET E 13 -27.74 24.77 -30.12
N PRO E 14 -28.67 25.08 -31.02
CA PRO E 14 -29.89 24.27 -31.14
C PRO E 14 -29.59 22.88 -31.68
N VAL E 15 -30.65 22.05 -31.82
CA VAL E 15 -30.45 20.64 -32.13
C VAL E 15 -29.85 20.47 -33.52
N ARG E 16 -30.36 21.18 -34.51
CA ARG E 16 -30.00 20.93 -35.90
C ARG E 16 -28.83 21.79 -36.38
N LYS E 17 -28.21 22.57 -35.51
CA LYS E 17 -27.07 23.41 -35.89
C LYS E 17 -25.78 22.77 -35.43
N ALA E 18 -24.80 22.72 -36.34
CA ALA E 18 -23.49 22.17 -36.02
C ALA E 18 -22.72 23.12 -35.11
N VAL E 19 -21.80 22.55 -34.34
CA VAL E 19 -20.98 23.32 -33.41
C VAL E 19 -19.52 22.97 -33.64
N THR E 20 -18.63 23.90 -33.31
CA THR E 20 -17.19 23.70 -33.44
C THR E 20 -16.51 24.02 -32.11
N LEU E 21 -15.46 23.26 -31.81
CA LEU E 21 -14.69 23.42 -30.58
C LEU E 21 -13.22 23.48 -30.94
N ASN E 22 -12.54 24.52 -30.46
CA ASN E 22 -11.16 24.79 -30.84
C ASN E 22 -10.20 24.27 -29.77
N CYS E 23 -9.00 23.92 -30.21
CA CYS E 23 -7.94 23.45 -29.32
C CYS E 23 -6.61 23.95 -29.88
N LEU E 24 -5.93 24.81 -29.12
CA LEU E 24 -4.65 25.36 -29.51
C LEU E 24 -3.57 24.83 -28.59
N TYR E 25 -2.54 24.23 -29.17
CA TYR E 25 -1.53 23.54 -28.37
C TYR E 25 -0.15 23.93 -28.85
N GLU E 26 0.82 23.78 -27.96
CA GLU E 26 2.24 23.91 -28.28
C GLU E 26 2.95 22.65 -27.81
N THR E 27 3.76 22.07 -28.69
CA THR E 27 4.47 20.83 -28.40
C THR E 27 5.80 20.84 -29.11
N SER E 28 6.81 20.24 -28.47
CA SER E 28 8.11 20.03 -29.08
C SER E 28 8.24 18.66 -29.72
N TRP E 29 7.20 17.84 -29.67
CA TRP E 29 7.25 16.51 -30.26
C TRP E 29 7.06 16.57 -31.76
N TRP E 30 7.87 15.79 -32.48
CA TRP E 30 7.85 15.81 -33.93
C TRP E 30 6.62 15.10 -34.49
N SER E 31 6.26 13.95 -33.90
CA SER E 31 5.07 13.20 -34.27
C SER E 31 4.26 12.92 -33.02
N TYR E 32 2.96 13.15 -33.09
CA TYR E 32 2.09 13.03 -31.92
C TYR E 32 0.67 12.74 -32.39
N TYR E 33 -0.25 12.67 -31.44
CA TYR E 33 -1.66 12.43 -31.72
C TYR E 33 -2.50 13.36 -30.85
N ILE E 34 -3.70 13.68 -31.33
CA ILE E 34 -4.66 14.49 -30.59
C ILE E 34 -5.90 13.65 -30.35
N PHE E 35 -6.31 13.55 -29.09
CA PHE E 35 -7.47 12.76 -28.71
C PHE E 35 -8.58 13.69 -28.23
N TRP E 36 -9.82 13.33 -28.52
CA TRP E 36 -10.98 14.07 -28.05
C TRP E 36 -11.80 13.17 -27.14
N TYR E 37 -12.13 13.66 -25.95
CA TYR E 37 -12.81 12.88 -24.94
C TYR E 37 -14.06 13.62 -24.48
N LYS E 38 -15.05 12.85 -24.03
CA LYS E 38 -16.34 13.39 -23.59
C LYS E 38 -16.57 13.02 -22.14
N GLN E 39 -16.89 14.01 -21.31
CA GLN E 39 -17.19 13.82 -19.90
C GLN E 39 -18.66 14.13 -19.67
N LEU E 40 -19.45 13.10 -19.44
CA LEU E 40 -20.87 13.25 -19.18
C LEU E 40 -21.09 13.86 -17.80
N PRO E 41 -22.29 14.39 -17.54
CA PRO E 41 -22.58 14.87 -16.18
C PRO E 41 -22.41 13.79 -15.13
N SER E 42 -22.72 12.54 -15.45
CA SER E 42 -22.25 11.40 -14.67
C SER E 42 -20.82 11.13 -15.12
N LYS E 43 -19.87 11.46 -14.25
CA LYS E 43 -18.46 11.49 -14.63
C LYS E 43 -18.01 10.21 -15.30
N GLU E 44 -17.59 10.32 -16.56
CA GLU E 44 -17.11 9.20 -17.35
C GLU E 44 -16.48 9.75 -18.61
N MET E 45 -15.31 9.23 -18.99
CA MET E 45 -14.59 9.70 -20.15
C MET E 45 -14.82 8.73 -21.31
N ILE E 46 -15.41 9.25 -22.40
CA ILE E 46 -15.69 8.47 -23.60
C ILE E 46 -14.83 8.99 -24.72
N PHE E 47 -14.08 8.10 -25.37
CA PHE E 47 -13.17 8.46 -26.44
C PHE E 47 -13.98 8.75 -27.70
N LEU E 48 -13.91 9.99 -28.20
CA LEU E 48 -14.69 10.37 -29.37
C LEU E 48 -13.92 10.12 -30.66
N ILE E 49 -12.77 10.76 -30.82
CA ILE E 49 -12.02 10.69 -32.07
C ILE E 49 -10.54 10.91 -31.78
N ARG E 50 -9.71 10.46 -32.73
CA ARG E 50 -8.26 10.64 -32.65
C ARG E 50 -7.77 11.14 -34.00
N GLN E 51 -6.89 12.13 -33.97
CA GLN E 51 -6.30 12.70 -35.16
C GLN E 51 -4.78 12.58 -35.06
N GLY E 52 -4.19 11.83 -35.98
CA GLY E 52 -2.74 11.73 -36.02
C GLY E 52 -2.14 12.96 -36.66
N SER E 53 -0.95 13.34 -36.19
CA SER E 53 -0.29 14.51 -36.73
C SER E 53 0.11 14.33 -38.18
N ASP E 54 0.29 13.08 -38.63
CA ASP E 54 0.81 12.80 -39.96
C ASP E 54 -0.29 12.43 -40.95
N GLU E 55 -1.26 11.63 -40.54
CA GLU E 55 -2.29 11.15 -41.46
C GLU E 55 -3.25 12.28 -41.82
N GLN E 56 -4.27 11.93 -42.59
CA GLN E 56 -5.24 12.89 -43.10
C GLN E 56 -6.25 13.26 -42.03
N ASN E 57 -7.24 14.08 -42.41
CA ASN E 57 -8.33 14.39 -41.50
C ASN E 57 -9.20 13.18 -41.29
N ALA E 58 -9.48 12.86 -40.03
CA ALA E 58 -10.24 11.67 -39.67
C ALA E 58 -11.66 12.07 -39.32
N LYS E 59 -12.64 11.44 -39.99
CA LYS E 59 -14.04 11.67 -39.73
C LYS E 59 -14.68 10.38 -39.23
N SER E 60 -15.41 10.46 -38.13
CA SER E 60 -16.09 9.31 -37.55
C SER E 60 -17.47 9.75 -37.09
N GLY E 61 -18.50 9.17 -37.69
CA GLY E 61 -19.86 9.52 -37.31
C GLY E 61 -20.15 10.99 -37.55
N ARG E 62 -20.73 11.64 -36.54
CA ARG E 62 -21.06 13.06 -36.63
C ARG E 62 -19.90 13.96 -36.26
N TYR E 63 -18.76 13.40 -35.86
CA TYR E 63 -17.61 14.18 -35.43
C TYR E 63 -16.59 14.27 -36.56
N SER E 64 -16.19 15.48 -36.90
CA SER E 64 -15.13 15.72 -37.87
C SER E 64 -14.04 16.57 -37.23
N VAL E 65 -12.83 16.45 -37.74
CA VAL E 65 -11.69 17.18 -37.17
C VAL E 65 -11.02 18.00 -38.27
N ASN E 66 -10.76 19.27 -37.97
CA ASN E 66 -9.97 20.15 -38.81
C ASN E 66 -8.59 20.29 -38.17
N PHE E 67 -7.56 19.88 -38.91
CA PHE E 67 -6.20 19.78 -38.40
C PHE E 67 -5.31 20.77 -39.14
N LYS E 68 -4.57 21.58 -38.38
CA LYS E 68 -3.62 22.53 -38.93
C LYS E 68 -2.26 22.23 -38.31
N LYS E 69 -1.39 21.58 -39.10
CA LYS E 69 -0.11 21.10 -38.58
C LYS E 69 0.83 22.24 -38.24
N ALA E 70 1.00 23.19 -39.19
CA ALA E 70 1.94 24.27 -38.97
C ALA E 70 1.44 25.22 -37.88
N ALA E 71 0.17 25.60 -37.94
CA ALA E 71 -0.41 26.42 -36.88
C ALA E 71 -0.65 25.64 -35.60
N LYS E 72 -0.62 24.31 -35.67
CA LYS E 72 -0.84 23.44 -34.51
C LYS E 72 -2.19 23.74 -33.86
N SER E 73 -3.25 23.53 -34.64
CA SER E 73 -4.61 23.77 -34.15
C SER E 73 -5.51 22.61 -34.54
N VAL E 74 -6.37 22.20 -33.61
CA VAL E 74 -7.29 21.10 -33.85
C VAL E 74 -8.70 21.55 -33.49
N ALA E 75 -9.63 21.39 -34.42
CA ALA E 75 -11.02 21.76 -34.21
C ALA E 75 -11.92 20.56 -34.40
N LEU E 76 -12.89 20.39 -33.50
CA LEU E 76 -13.87 19.31 -33.58
C LEU E 76 -15.22 19.89 -33.95
N THR E 77 -15.81 19.38 -35.02
CA THR E 77 -17.12 19.82 -35.50
C THR E 77 -18.13 18.71 -35.31
N ILE E 78 -19.24 19.02 -34.65
CA ILE E 78 -20.35 18.10 -34.45
C ILE E 78 -21.53 18.60 -35.27
N SER E 79 -22.02 17.77 -36.18
CA SER E 79 -23.09 18.14 -37.10
C SER E 79 -24.38 17.43 -36.70
N ALA E 80 -25.46 18.20 -36.59
CA ALA E 80 -26.77 17.68 -36.21
C ALA E 80 -26.69 16.90 -34.89
N LEU E 81 -26.27 17.61 -33.85
CA LEU E 81 -26.10 16.99 -32.54
C LEU E 81 -27.45 16.67 -31.90
N GLN E 82 -27.47 15.61 -31.11
CA GLN E 82 -28.69 15.17 -30.44
C GLN E 82 -28.83 15.92 -29.12
N LEU E 83 -29.75 15.45 -28.26
CA LEU E 83 -29.92 16.04 -26.94
C LEU E 83 -28.95 15.48 -25.92
N GLU E 84 -28.26 14.39 -26.24
CA GLU E 84 -27.29 13.79 -25.33
C GLU E 84 -25.92 14.46 -25.40
N ASP E 85 -25.72 15.42 -26.29
CA ASP E 85 -24.46 16.13 -26.41
C ASP E 85 -24.43 17.36 -25.50
N SER E 86 -24.74 17.15 -24.23
CA SER E 86 -24.68 18.21 -23.21
C SER E 86 -23.44 18.09 -22.33
N ALA E 87 -22.49 17.27 -22.72
CA ALA E 87 -21.35 16.93 -21.88
C ALA E 87 -20.18 17.89 -22.12
N LYS E 88 -19.11 17.71 -21.36
CA LYS E 88 -17.89 18.47 -21.53
C LYS E 88 -16.99 17.77 -22.55
N TYR E 89 -16.24 18.56 -23.31
CA TYR E 89 -15.37 18.03 -24.35
C TYR E 89 -13.93 18.44 -24.08
N PHE E 90 -13.04 17.46 -24.00
CA PHE E 90 -11.65 17.66 -23.65
C PHE E 90 -10.75 17.31 -24.83
N CYS E 91 -9.75 18.15 -25.06
CA CYS E 91 -8.75 17.93 -26.10
C CYS E 91 -7.43 17.58 -25.42
N ALA E 92 -6.89 16.40 -25.73
CA ALA E 92 -5.69 15.89 -25.08
C ALA E 92 -4.60 15.70 -26.12
N LEU E 93 -3.47 16.38 -25.92
CA LEU E 93 -2.31 16.23 -26.79
C LEU E 93 -1.64 14.91 -26.43
N GLY E 94 -2.13 13.84 -27.05
CA GLY E 94 -1.55 12.54 -26.81
C GLY E 94 -0.11 12.47 -27.24
N ASP E 95 0.78 12.14 -26.31
CA ASP E 95 2.18 11.93 -26.64
C ASP E 95 2.28 10.71 -27.54
N PRO E 96 3.35 10.56 -28.34
CA PRO E 96 3.45 9.41 -29.25
C PRO E 96 3.09 8.10 -28.57
N GLY E 97 2.02 7.46 -29.04
CA GLY E 97 1.43 6.34 -28.34
C GLY E 97 2.19 5.04 -28.50
N GLY E 98 3.36 5.06 -29.15
CA GLY E 98 4.10 3.82 -29.37
C GLY E 98 4.42 3.09 -28.08
N LEU E 99 4.75 3.84 -27.03
CA LEU E 99 5.01 3.25 -25.73
C LEU E 99 3.70 3.07 -24.97
N ASN E 100 3.73 2.22 -23.94
CA ASN E 100 2.57 2.05 -23.08
C ASN E 100 2.57 3.02 -21.91
N THR E 101 3.60 3.85 -21.77
CA THR E 101 3.77 4.70 -20.62
C THR E 101 3.45 6.17 -20.89
N ASP E 102 3.11 6.53 -22.13
CA ASP E 102 2.90 7.92 -22.48
C ASP E 102 1.58 8.43 -21.92
N LYS E 103 1.62 9.61 -21.31
CA LYS E 103 0.44 10.23 -20.72
C LYS E 103 -0.30 11.06 -21.77
N LEU E 104 -1.45 11.59 -21.37
CA LEU E 104 -2.22 12.51 -22.18
C LEU E 104 -2.26 13.86 -21.50
N ILE E 105 -1.95 14.92 -22.25
CA ILE E 105 -1.93 16.28 -21.73
C ILE E 105 -3.29 16.90 -22.04
N PHE E 106 -4.20 16.83 -21.07
CA PHE E 106 -5.54 17.34 -21.25
C PHE E 106 -5.57 18.86 -21.06
N GLY E 107 -6.70 19.46 -21.43
CA GLY E 107 -6.89 20.89 -21.27
C GLY E 107 -8.24 21.17 -20.62
N LYS E 108 -8.42 22.43 -20.24
CA LYS E 108 -9.69 22.86 -19.64
C LYS E 108 -10.79 22.73 -20.69
N GLY E 109 -11.66 21.74 -20.50
CA GLY E 109 -12.60 21.38 -21.56
C GLY E 109 -13.67 22.43 -21.79
N THR E 110 -14.31 22.31 -22.94
CA THR E 110 -15.43 23.16 -23.32
C THR E 110 -16.74 22.50 -22.95
N ARG E 111 -17.72 23.33 -22.57
CA ARG E 111 -19.05 22.86 -22.18
C ARG E 111 -20.03 23.15 -23.31
N VAL E 112 -20.76 22.14 -23.75
CA VAL E 112 -21.73 22.25 -24.82
C VAL E 112 -23.13 22.08 -24.23
N THR E 113 -24.01 23.02 -24.53
CA THR E 113 -25.41 22.97 -24.09
C THR E 113 -26.30 22.98 -25.32
N VAL E 114 -27.33 22.13 -25.32
CA VAL E 114 -28.19 21.93 -26.48
C VAL E 114 -29.58 22.46 -26.15
N GLU E 115 -30.09 23.34 -26.99
CA GLU E 115 -31.45 23.85 -26.87
C GLU E 115 -32.39 23.05 -27.75
N PRO E 116 -33.66 22.96 -27.39
CA PRO E 116 -34.62 22.18 -28.19
C PRO E 116 -34.85 22.79 -29.56
N ARG E 117 -35.15 21.91 -30.54
CA ARG E 117 -35.31 22.36 -31.91
C ARG E 117 -36.72 22.87 -32.17
N SER E 118 -37.73 22.06 -31.87
CA SER E 118 -39.12 22.43 -32.12
C SER E 118 -39.48 23.70 -31.37
N GLN E 119 -40.19 24.60 -32.04
CA GLN E 119 -40.63 25.87 -31.45
C GLN E 119 -42.12 26.09 -31.67
N PRO E 120 -42.97 25.30 -31.01
CA PRO E 120 -44.38 25.68 -30.90
C PRO E 120 -44.64 26.38 -29.57
N HIS E 121 -45.78 27.04 -29.50
CA HIS E 121 -46.21 27.72 -28.28
C HIS E 121 -47.30 26.93 -27.59
N THR E 122 -47.14 26.73 -26.28
CA THR E 122 -48.07 25.93 -25.50
C THR E 122 -48.36 26.63 -24.19
N LYS E 123 -49.55 26.38 -23.66
CA LYS E 123 -49.98 26.95 -22.38
C LYS E 123 -49.63 25.99 -21.26
N PRO E 124 -48.86 26.43 -20.25
CA PRO E 124 -48.51 25.53 -19.14
C PRO E 124 -49.73 25.10 -18.34
N SER E 125 -49.64 23.91 -17.76
CA SER E 125 -50.66 23.40 -16.85
C SER E 125 -50.05 23.26 -15.46
N VAL E 126 -50.74 23.78 -14.45
CA VAL E 126 -50.20 23.85 -13.09
C VAL E 126 -50.92 22.84 -12.20
N PHE E 127 -50.19 22.35 -11.20
CA PHE E 127 -50.74 21.45 -10.20
C PHE E 127 -49.99 21.65 -8.89
N VAL E 128 -50.65 21.30 -7.79
CA VAL E 128 -50.08 21.41 -6.45
C VAL E 128 -50.17 20.06 -5.76
N MET E 129 -49.04 19.58 -5.25
CA MET E 129 -48.96 18.27 -4.62
C MET E 129 -48.24 18.39 -3.27
N LYS E 130 -48.84 17.82 -2.24
CA LYS E 130 -48.39 18.05 -0.88
C LYS E 130 -48.20 16.74 -0.12
N ASN E 131 -47.21 16.74 0.77
CA ASN E 131 -47.01 15.66 1.73
C ASN E 131 -46.62 16.30 3.06
N GLY E 132 -47.48 16.15 4.05
CA GLY E 132 -47.23 16.77 5.34
C GLY E 132 -47.17 18.28 5.19
N THR E 133 -46.03 18.86 5.57
CA THR E 133 -45.80 20.29 5.44
C THR E 133 -45.03 20.66 4.18
N ASN E 134 -44.71 19.69 3.33
CA ASN E 134 -43.96 19.94 2.10
C ASN E 134 -44.93 20.12 0.94
N VAL E 135 -44.75 21.20 0.19
CA VAL E 135 -45.61 21.52 -0.94
C VAL E 135 -44.73 21.67 -2.19
N ALA E 136 -45.18 21.09 -3.30
CA ALA E 136 -44.48 21.18 -4.57
C ALA E 136 -45.47 21.60 -5.64
N CYS E 137 -45.15 22.66 -6.37
CA CYS E 137 -45.96 23.12 -7.49
C CYS E 137 -45.29 22.66 -8.78
N LEU E 138 -46.05 21.95 -9.60
CA LEU E 138 -45.56 21.40 -10.86
C LEU E 138 -46.22 22.14 -12.01
N VAL E 139 -45.41 22.73 -12.89
CA VAL E 139 -45.86 23.35 -14.12
C VAL E 139 -45.36 22.50 -15.28
N LYS E 140 -46.29 22.04 -16.12
CA LYS E 140 -45.99 21.02 -17.12
C LYS E 140 -46.40 21.51 -18.50
N GLU E 141 -45.64 21.09 -19.51
CA GLU E 141 -45.91 21.35 -20.92
C GLU E 141 -45.98 22.86 -21.20
N PHE E 142 -44.83 23.51 -21.00
CA PHE E 142 -44.68 24.92 -21.31
C PHE E 142 -43.41 25.13 -22.12
N TYR E 143 -43.52 25.86 -23.22
CA TYR E 143 -42.36 26.23 -24.04
C TYR E 143 -41.62 27.45 -23.51
N PRO E 144 -42.30 28.55 -23.15
CA PRO E 144 -41.55 29.75 -22.74
C PRO E 144 -40.70 29.50 -21.49
N LYS E 145 -39.39 29.73 -21.63
CA LYS E 145 -38.47 29.49 -20.53
C LYS E 145 -38.77 30.39 -19.34
N ASP E 146 -39.09 31.66 -19.59
CA ASP E 146 -39.33 32.62 -18.53
C ASP E 146 -40.74 32.43 -18.00
N ILE E 147 -40.86 31.79 -16.85
CA ILE E 147 -42.15 31.57 -16.21
C ILE E 147 -42.28 32.36 -14.91
N ARG E 148 -41.22 32.41 -14.11
CA ARG E 148 -41.25 33.08 -12.80
C ARG E 148 -42.39 32.54 -11.94
N ILE E 149 -42.49 31.21 -11.88
CA ILE E 149 -43.55 30.57 -11.13
C ILE E 149 -43.44 30.94 -9.65
N ASN E 150 -44.58 31.15 -9.01
CA ASN E 150 -44.63 31.55 -7.61
C ASN E 150 -45.76 30.80 -6.91
N LEU E 151 -45.77 30.91 -5.58
CA LEU E 151 -46.81 30.33 -4.74
C LEU E 151 -47.28 31.38 -3.75
N VAL E 152 -48.56 31.30 -3.35
CA VAL E 152 -49.14 32.27 -2.44
C VAL E 152 -49.31 31.61 -1.07
N SER E 153 -48.81 32.30 -0.04
CA SER E 153 -48.88 31.82 1.33
C SER E 153 -48.50 32.95 2.27
N SER E 154 -49.25 33.09 3.36
CA SER E 154 -48.94 34.14 4.34
C SER E 154 -47.63 33.87 5.05
N LYS E 155 -47.37 32.62 5.39
CA LYS E 155 -46.19 32.25 6.17
C LYS E 155 -45.17 31.58 5.25
N LYS E 156 -43.93 32.06 5.31
CA LYS E 156 -42.85 31.59 4.44
C LYS E 156 -41.75 31.00 5.31
N ILE E 157 -41.63 29.66 5.29
CA ILE E 157 -40.58 29.00 6.05
C ILE E 157 -39.30 28.91 5.23
N THR E 158 -39.35 28.21 4.10
CA THR E 158 -38.23 28.09 3.18
C THR E 158 -38.75 28.22 1.75
N GLU E 159 -37.84 28.19 0.79
CA GLU E 159 -38.17 28.21 -0.63
C GLU E 159 -36.94 27.78 -1.42
N PHE E 160 -37.17 27.03 -2.49
CA PHE E 160 -36.10 26.54 -3.33
C PHE E 160 -36.29 27.02 -4.76
N ASP E 161 -35.17 27.21 -5.45
CA ASP E 161 -35.22 27.68 -6.83
C ASP E 161 -35.89 26.64 -7.73
N PRO E 162 -36.72 27.08 -8.67
CA PRO E 162 -37.39 26.13 -9.57
C PRO E 162 -36.39 25.34 -10.39
N ALA E 163 -36.70 24.08 -10.62
CA ALA E 163 -35.90 23.20 -11.47
C ALA E 163 -36.60 23.05 -12.80
N ILE E 164 -35.95 23.47 -13.87
CA ILE E 164 -36.51 23.43 -15.21
C ILE E 164 -35.64 22.52 -16.07
N VAL E 165 -36.26 21.50 -16.65
CA VAL E 165 -35.57 20.55 -17.53
C VAL E 165 -36.42 20.36 -18.79
N ILE E 166 -35.95 19.50 -19.67
CA ILE E 166 -36.57 19.31 -20.99
C ILE E 166 -37.34 18.00 -20.99
N SER E 167 -38.63 18.09 -21.32
CA SER E 167 -39.47 16.91 -21.47
C SER E 167 -39.07 16.15 -22.74
N PRO E 168 -39.26 14.82 -22.76
CA PRO E 168 -38.96 14.07 -23.98
C PRO E 168 -39.81 14.46 -25.17
N SER E 169 -40.96 15.10 -24.94
CA SER E 169 -41.76 15.62 -26.04
C SER E 169 -41.12 16.84 -26.71
N GLY E 170 -40.06 17.39 -26.14
CA GLY E 170 -39.39 18.56 -26.67
C GLY E 170 -39.68 19.84 -25.91
N LYS E 171 -40.68 19.83 -25.03
CA LYS E 171 -41.03 21.01 -24.26
C LYS E 171 -40.25 21.04 -22.95
N TYR E 172 -40.52 22.07 -22.15
CA TYR E 172 -39.90 22.23 -20.84
C TYR E 172 -40.88 21.80 -19.74
N ASN E 173 -40.33 21.22 -18.68
CA ASN E 173 -41.08 20.90 -17.48
C ASN E 173 -40.35 21.49 -16.29
N ALA E 174 -41.08 22.18 -15.42
CA ALA E 174 -40.50 22.85 -14.27
C ALA E 174 -41.23 22.44 -12.99
N VAL E 175 -40.48 22.42 -11.89
CA VAL E 175 -41.00 22.05 -10.58
C VAL E 175 -40.48 23.00 -9.52
N LYS E 176 -41.37 23.40 -8.61
CA LYS E 176 -41.03 24.20 -7.44
C LYS E 176 -41.27 23.36 -6.20
N LEU E 177 -40.72 23.82 -5.07
CA LEU E 177 -40.91 23.14 -3.79
C LEU E 177 -41.22 24.17 -2.72
N GLY E 178 -41.38 23.67 -1.49
CA GLY E 178 -41.62 24.55 -0.37
C GLY E 178 -41.84 23.75 0.90
N LYS E 179 -41.65 24.42 2.02
CA LYS E 179 -41.88 23.87 3.36
C LYS E 179 -42.83 24.76 4.14
N TYR E 180 -43.92 25.17 3.49
CA TYR E 180 -44.84 26.14 4.07
C TYR E 180 -45.54 25.55 5.30
N GLU E 181 -45.92 26.44 6.21
CA GLU E 181 -46.55 26.01 7.46
C GLU E 181 -47.91 25.38 7.21
N ASP E 182 -48.73 26.01 6.37
CA ASP E 182 -50.06 25.50 6.08
C ASP E 182 -50.04 24.63 4.83
N SER E 183 -51.03 23.77 4.71
CA SER E 183 -51.17 22.87 3.57
C SER E 183 -52.36 23.18 2.69
N ASN E 184 -53.54 23.41 3.29
CA ASN E 184 -54.74 23.59 2.49
C ASN E 184 -54.73 24.91 1.72
N SER E 185 -54.19 25.97 2.32
CA SER E 185 -54.32 27.30 1.73
C SER E 185 -53.30 27.57 0.63
N VAL E 186 -52.27 26.73 0.51
CA VAL E 186 -51.22 27.00 -0.46
C VAL E 186 -51.75 26.81 -1.88
N THR E 187 -51.51 27.80 -2.73
CA THR E 187 -51.95 27.77 -4.12
C THR E 187 -50.83 28.30 -5.00
N CYS E 188 -50.60 27.62 -6.13
CA CYS E 188 -49.53 28.01 -7.03
C CYS E 188 -50.05 28.98 -8.10
N SER E 189 -49.11 29.56 -8.85
CA SER E 189 -49.45 30.46 -9.95
C SER E 189 -48.23 30.60 -10.84
N VAL E 190 -48.41 30.36 -12.13
CA VAL E 190 -47.32 30.43 -13.11
C VAL E 190 -47.69 31.42 -14.19
N GLN E 191 -46.72 32.26 -14.58
CA GLN E 191 -46.94 33.31 -15.56
C GLN E 191 -46.53 32.81 -16.95
N HIS E 192 -47.49 32.75 -17.86
CA HIS E 192 -47.23 32.46 -19.25
C HIS E 192 -46.44 33.62 -19.87
N ASP E 193 -45.87 33.38 -21.06
CA ASP E 193 -45.05 34.41 -21.69
C ASP E 193 -45.83 35.67 -21.99
N ASN E 194 -47.17 35.56 -22.06
CA ASN E 194 -48.04 36.72 -22.22
C ASN E 194 -49.22 36.71 -21.27
N LYS E 195 -49.47 35.61 -20.57
CA LYS E 195 -50.61 35.50 -19.66
C LYS E 195 -50.11 34.99 -18.30
N THR E 196 -51.06 34.65 -17.44
CA THR E 196 -50.77 34.07 -16.13
C THR E 196 -51.95 33.23 -15.69
N VAL E 197 -51.65 32.09 -15.06
CA VAL E 197 -52.68 31.16 -14.63
C VAL E 197 -52.37 30.71 -13.20
N HIS E 198 -53.43 30.43 -12.45
CA HIS E 198 -53.33 29.98 -11.07
C HIS E 198 -53.73 28.51 -10.99
N SER E 199 -53.78 27.98 -9.76
CA SER E 199 -54.23 26.62 -9.52
C SER E 199 -55.69 26.54 -9.12
N THR E 200 -56.41 27.67 -9.10
CA THR E 200 -57.84 27.63 -8.85
C THR E 200 -58.57 26.85 -9.93
N ASP E 201 -58.20 27.06 -11.19
CA ASP E 201 -58.68 26.24 -12.29
C ASP E 201 -57.82 24.98 -12.36
N PHE E 202 -58.00 24.19 -13.42
CA PHE E 202 -57.34 22.89 -13.55
C PHE E 202 -57.62 22.01 -12.34
N GLU E 203 -58.85 22.06 -11.85
CA GLU E 203 -59.24 21.32 -10.65
C GLU E 203 -60.60 20.66 -10.83
N GLY F 7 -22.12 3.23 -12.74
CA GLY F 7 -22.21 4.56 -12.17
C GLY F 7 -20.90 5.05 -11.59
N THR F 8 -20.97 6.10 -10.78
CA THR F 8 -19.80 6.70 -10.14
C THR F 8 -19.90 6.51 -8.64
N LYS F 9 -18.84 5.95 -8.05
CA LYS F 9 -18.80 5.75 -6.61
C LYS F 9 -18.28 7.01 -5.92
N SER F 10 -18.00 6.89 -4.63
CA SER F 10 -17.46 8.01 -3.86
C SER F 10 -16.83 7.49 -2.59
N VAL F 11 -15.80 8.19 -2.14
CA VAL F 11 -15.17 7.95 -0.84
C VAL F 11 -15.03 9.29 -0.13
N THR F 12 -15.38 9.33 1.15
CA THR F 12 -15.40 10.57 1.92
C THR F 12 -14.55 10.44 3.18
N ARG F 13 -13.35 9.90 3.03
CA ARG F 13 -12.47 9.73 4.19
C ARG F 13 -12.04 11.10 4.71
N PRO F 14 -11.97 11.27 6.04
CA PRO F 14 -11.57 12.58 6.59
C PRO F 14 -10.11 12.90 6.36
N THR F 15 -9.70 14.10 6.74
CA THR F 15 -8.32 14.51 6.60
C THR F 15 -7.41 13.67 7.51
N ARG F 16 -6.17 13.49 7.06
CA ARG F 16 -5.18 12.69 7.79
C ARG F 16 -5.66 11.26 8.01
N SER F 17 -6.05 10.62 6.90
CA SER F 17 -6.51 9.23 6.95
C SER F 17 -6.37 8.63 5.56
N SER F 18 -5.88 7.39 5.49
CA SER F 18 -5.67 6.74 4.19
C SER F 18 -7.00 6.52 3.48
N ALA F 19 -6.97 6.63 2.15
CA ALA F 19 -8.15 6.41 1.33
C ALA F 19 -7.85 5.39 0.26
N GLU F 20 -8.87 4.63 -0.13
CA GLU F 20 -8.74 3.56 -1.12
C GLU F 20 -9.71 3.81 -2.26
N ILE F 21 -9.19 3.72 -3.49
CA ILE F 21 -9.96 3.94 -4.71
C ILE F 21 -9.78 2.74 -5.62
N THR F 22 -10.88 2.13 -6.04
CA THR F 22 -10.82 0.95 -6.89
C THR F 22 -10.77 1.33 -8.36
N CYS F 23 -10.39 0.36 -9.19
CA CYS F 23 -10.30 0.53 -10.64
C CYS F 23 -11.37 -0.33 -11.29
N ASP F 24 -12.23 0.30 -12.09
CA ASP F 24 -13.35 -0.40 -12.73
C ASP F 24 -12.97 -1.05 -14.06
N LEU F 25 -11.73 -0.91 -14.50
CA LEU F 25 -11.32 -1.49 -15.76
C LEU F 25 -11.32 -3.02 -15.68
N THR F 26 -11.65 -3.65 -16.81
CA THR F 26 -11.63 -5.11 -16.94
C THR F 26 -10.66 -5.44 -18.08
N VAL F 27 -9.38 -5.56 -17.74
CA VAL F 27 -8.33 -5.87 -18.70
C VAL F 27 -7.58 -7.10 -18.21
N ILE F 28 -7.37 -8.06 -19.12
CA ILE F 28 -6.75 -9.34 -18.76
C ILE F 28 -5.26 -9.39 -19.09
N ASN F 29 -4.75 -8.45 -19.88
CA ASN F 29 -3.35 -8.46 -20.28
C ASN F 29 -2.72 -7.08 -20.16
N ALA F 30 -3.19 -6.28 -19.21
CA ALA F 30 -2.64 -4.94 -19.03
C ALA F 30 -1.21 -5.00 -18.53
N PHE F 31 -0.38 -4.10 -19.05
CA PHE F 31 1.02 -3.97 -18.62
C PHE F 31 1.24 -2.77 -17.71
N TYR F 32 0.62 -1.63 -18.03
CA TYR F 32 0.71 -0.43 -17.21
C TYR F 32 -0.69 0.11 -16.96
N ILE F 33 -0.95 0.52 -15.72
CA ILE F 33 -2.23 1.11 -15.34
C ILE F 33 -1.96 2.51 -14.82
N HIS F 34 -2.55 3.52 -15.46
CA HIS F 34 -2.30 4.91 -15.12
C HIS F 34 -3.45 5.46 -14.27
N TRP F 35 -3.13 6.43 -13.43
CA TRP F 35 -4.12 7.07 -12.58
C TRP F 35 -4.15 8.57 -12.86
N TYR F 36 -5.35 9.08 -13.15
CA TYR F 36 -5.53 10.49 -13.49
C TYR F 36 -6.38 11.17 -12.43
N LEU F 37 -6.14 12.45 -12.22
CA LEU F 37 -6.89 13.26 -11.27
C LEU F 37 -7.50 14.44 -11.98
N HIS F 38 -8.82 14.62 -11.80
CA HIS F 38 -9.55 15.74 -12.38
C HIS F 38 -10.18 16.55 -11.26
N GLN F 39 -9.95 17.86 -11.27
CA GLN F 39 -10.52 18.75 -10.27
C GLN F 39 -11.41 19.77 -10.95
N GLU F 40 -12.25 20.43 -10.15
CA GLU F 40 -13.15 21.43 -10.70
C GLU F 40 -12.36 22.61 -11.25
N GLY F 41 -12.63 22.97 -12.50
CA GLY F 41 -11.97 24.09 -13.13
C GLY F 41 -10.54 23.86 -13.53
N LYS F 42 -10.06 22.63 -13.50
CA LYS F 42 -8.69 22.31 -13.86
C LYS F 42 -8.67 21.10 -14.78
N ALA F 43 -7.61 21.00 -15.57
CA ALA F 43 -7.48 19.90 -16.52
C ALA F 43 -7.03 18.63 -15.80
N PRO F 44 -7.44 17.47 -16.30
CA PRO F 44 -6.94 16.21 -15.73
C PRO F 44 -5.43 16.10 -15.88
N GLN F 45 -4.78 15.57 -14.85
CA GLN F 45 -3.34 15.39 -14.84
C GLN F 45 -3.00 14.03 -14.25
N ARG F 46 -2.11 13.31 -14.94
CA ARG F 46 -1.70 11.99 -14.46
C ARG F 46 -0.90 12.12 -13.17
N LEU F 47 -1.14 11.18 -12.25
CA LEU F 47 -0.42 11.13 -10.98
C LEU F 47 0.69 10.08 -10.99
N LEU F 48 0.38 8.87 -11.44
CA LEU F 48 1.36 7.79 -11.46
C LEU F 48 0.86 6.70 -12.41
N TYR F 49 1.74 5.74 -12.66
CA TYR F 49 1.38 4.54 -13.41
C TYR F 49 2.10 3.34 -12.82
N TYR F 50 1.35 2.25 -12.62
CA TYR F 50 1.84 1.05 -11.97
C TYR F 50 2.02 -0.04 -13.01
N ASP F 51 3.20 -0.66 -13.03
CA ASP F 51 3.50 -1.73 -13.96
C ASP F 51 2.92 -3.06 -13.49
N VAL F 52 2.80 -4.00 -14.42
CA VAL F 52 2.22 -5.31 -14.14
C VAL F 52 3.27 -6.42 -14.25
N SER F 53 4.09 -6.38 -15.30
CA SER F 53 5.16 -7.37 -15.44
C SER F 53 6.12 -7.29 -14.26
N ASN F 54 6.48 -6.07 -13.86
CA ASN F 54 7.22 -5.81 -12.64
C ASN F 54 6.35 -4.98 -11.72
N SER F 55 6.57 -5.11 -10.41
CA SER F 55 5.62 -4.59 -9.44
C SER F 55 5.86 -3.14 -9.04
N LYS F 56 6.95 -2.51 -9.49
CA LYS F 56 7.19 -1.13 -9.09
C LYS F 56 6.26 -0.19 -9.85
N ASP F 57 5.97 0.95 -9.22
CA ASP F 57 5.11 1.98 -9.81
C ASP F 57 5.89 3.29 -9.90
N VAL F 58 5.67 4.04 -10.98
CA VAL F 58 6.42 5.26 -11.26
C VAL F 58 5.47 6.44 -11.18
N LEU F 59 5.82 7.42 -10.34
CA LEU F 59 5.02 8.62 -10.16
C LEU F 59 5.71 9.83 -10.80
N GLU F 60 4.90 10.79 -11.22
CA GLU F 60 5.43 11.97 -11.89
C GLU F 60 6.13 12.89 -10.88
N SER F 61 6.90 13.82 -11.41
CA SER F 61 7.63 14.76 -10.57
C SER F 61 6.67 15.72 -9.87
N GLY F 62 7.12 16.23 -8.72
CA GLY F 62 6.31 17.14 -7.93
C GLY F 62 5.45 16.49 -6.88
N LEU F 63 5.45 15.16 -6.78
CA LEU F 63 4.65 14.43 -5.81
C LEU F 63 5.58 13.76 -4.80
N SER F 64 5.24 13.87 -3.52
CA SER F 64 6.06 13.27 -2.47
C SER F 64 5.99 11.75 -2.57
N PRO F 65 7.12 11.05 -2.48
CA PRO F 65 7.09 9.58 -2.55
C PRO F 65 6.39 8.99 -1.34
N GLY F 66 5.76 7.84 -1.57
CA GLY F 66 5.08 7.10 -0.52
C GLY F 66 3.64 7.49 -0.30
N LYS F 67 3.17 8.60 -0.86
CA LYS F 67 1.77 9.00 -0.67
C LYS F 67 0.83 8.08 -1.44
N TYR F 68 1.18 7.73 -2.68
CA TYR F 68 0.34 6.90 -3.52
C TYR F 68 0.91 5.49 -3.58
N TYR F 69 0.04 4.49 -3.40
CA TYR F 69 0.43 3.09 -3.46
C TYR F 69 -0.57 2.35 -4.34
N THR F 70 -0.11 1.26 -4.96
CA THR F 70 -0.96 0.43 -5.80
C THR F 70 -1.01 -0.99 -5.25
N HIS F 71 -2.22 -1.50 -5.06
CA HIS F 71 -2.44 -2.82 -4.49
C HIS F 71 -3.23 -3.68 -5.46
N THR F 72 -2.95 -4.98 -5.46
CA THR F 72 -3.61 -5.95 -6.32
C THR F 72 -4.17 -7.08 -5.46
N PRO F 73 -5.33 -6.88 -4.84
CA PRO F 73 -5.91 -7.97 -4.02
C PRO F 73 -6.16 -9.24 -4.81
N ARG F 74 -6.57 -9.12 -6.07
CA ARG F 74 -6.83 -10.27 -6.93
C ARG F 74 -5.82 -10.29 -8.07
N ARG F 75 -6.01 -11.21 -9.01
CA ARG F 75 -5.11 -11.29 -10.16
C ARG F 75 -5.17 -10.02 -10.99
N TRP F 76 -6.38 -9.51 -11.27
CA TRP F 76 -6.56 -8.25 -12.00
C TRP F 76 -7.56 -7.40 -11.22
N SER F 77 -7.06 -6.65 -10.25
CA SER F 77 -7.87 -5.68 -9.50
C SER F 77 -6.91 -4.69 -8.85
N TRP F 78 -6.81 -3.50 -9.43
CA TRP F 78 -5.87 -2.50 -8.98
C TRP F 78 -6.58 -1.46 -8.11
N ILE F 79 -5.95 -1.12 -6.99
CA ILE F 79 -6.49 -0.17 -6.02
C ILE F 79 -5.42 0.85 -5.70
N LEU F 80 -5.78 2.13 -5.77
CA LEU F 80 -4.88 3.21 -5.41
C LEU F 80 -5.15 3.64 -3.98
N ILE F 81 -4.10 3.70 -3.17
CA ILE F 81 -4.19 4.01 -1.76
C ILE F 81 -3.43 5.31 -1.51
N LEU F 82 -4.13 6.29 -0.95
CA LEU F 82 -3.53 7.56 -0.55
C LEU F 82 -3.22 7.50 0.94
N ARG F 83 -1.97 7.77 1.29
CA ARG F 83 -1.51 7.54 2.66
C ARG F 83 -2.10 8.56 3.62
N ASN F 84 -1.79 9.85 3.42
CA ASN F 84 -2.30 10.91 4.27
C ASN F 84 -3.08 11.90 3.42
N LEU F 85 -4.31 12.19 3.83
CA LEU F 85 -5.19 13.06 3.07
C LEU F 85 -5.20 14.48 3.65
N ILE F 86 -5.12 15.46 2.76
CA ILE F 86 -5.28 16.86 3.09
C ILE F 86 -6.22 17.44 2.04
N GLU F 87 -6.80 18.60 2.35
CA GLU F 87 -7.59 19.30 1.34
C GLU F 87 -6.72 19.60 0.13
N ASN F 88 -7.37 19.92 -0.99
CA ASN F 88 -6.82 20.07 -2.34
C ASN F 88 -6.57 18.68 -2.95
N ASP F 89 -6.65 17.60 -2.18
CA ASP F 89 -6.55 16.26 -2.73
C ASP F 89 -7.89 15.70 -3.17
N SER F 90 -8.96 16.48 -3.07
CA SER F 90 -10.27 16.03 -3.51
C SER F 90 -10.34 16.01 -5.04
N GLY F 91 -11.36 15.33 -5.55
CA GLY F 91 -11.56 15.29 -7.00
C GLY F 91 -11.88 13.92 -7.54
N VAL F 92 -11.98 13.80 -8.86
CA VAL F 92 -12.34 12.55 -9.50
C VAL F 92 -11.07 11.82 -9.91
N TYR F 93 -10.93 10.57 -9.50
CA TYR F 93 -9.78 9.75 -9.86
C TYR F 93 -10.21 8.74 -10.93
N TYR F 94 -9.47 8.72 -12.03
CA TYR F 94 -9.77 7.88 -13.18
C TYR F 94 -8.69 6.81 -13.34
N CYS F 95 -9.12 5.57 -13.54
CA CYS F 95 -8.23 4.49 -13.91
C CYS F 95 -8.15 4.42 -15.43
N ALA F 96 -6.95 4.40 -15.99
CA ALA F 96 -6.76 4.45 -17.42
C ALA F 96 -5.77 3.40 -17.87
N THR F 97 -5.94 2.94 -19.11
CA THR F 97 -5.03 1.97 -19.71
C THR F 97 -5.13 2.04 -21.22
N TRP F 98 -4.01 1.83 -21.90
CA TRP F 98 -3.99 1.90 -23.35
C TRP F 98 -4.71 0.71 -23.97
N ASP F 99 -5.30 0.94 -25.14
CA ASP F 99 -6.13 -0.05 -25.80
C ASP F 99 -5.27 -0.98 -26.66
N ARG F 100 -5.93 -1.80 -27.48
CA ARG F 100 -5.28 -2.73 -28.38
C ARG F 100 -5.07 -2.06 -29.74
N GLY F 101 -4.74 -2.85 -30.75
CA GLY F 101 -4.57 -2.34 -32.10
C GLY F 101 -3.35 -1.46 -32.29
N ASN F 102 -2.19 -1.92 -31.81
CA ASN F 102 -0.96 -1.17 -32.03
C ASN F 102 -0.59 -1.04 -33.51
N PRO F 103 -0.60 -2.10 -34.35
CA PRO F 103 -0.24 -1.91 -35.76
C PRO F 103 -1.13 -0.94 -36.51
N LYS F 104 -2.44 -1.23 -36.56
CA LYS F 104 -3.41 -0.41 -37.27
C LYS F 104 -4.38 0.21 -36.27
N THR F 105 -4.84 1.42 -36.57
CA THR F 105 -5.52 2.26 -35.59
C THR F 105 -4.69 2.33 -34.31
N HIS F 106 -3.44 2.77 -34.48
CA HIS F 106 -2.38 2.61 -33.47
C HIS F 106 -2.79 3.16 -32.11
N TYR F 107 -2.93 2.25 -31.14
CA TYR F 107 -3.36 2.58 -29.77
C TYR F 107 -4.51 3.58 -29.80
N TYR F 108 -5.62 3.13 -30.41
CA TYR F 108 -6.70 4.03 -30.78
C TYR F 108 -7.24 4.81 -29.59
N LYS F 109 -7.35 4.19 -28.43
CA LYS F 109 -7.97 4.82 -27.29
C LYS F 109 -7.12 4.59 -26.04
N LYS F 110 -7.31 5.48 -25.06
CA LYS F 110 -6.86 5.25 -23.69
C LYS F 110 -8.13 5.08 -22.86
N LEU F 111 -8.49 3.82 -22.61
CA LEU F 111 -9.71 3.53 -21.87
C LEU F 111 -9.63 4.13 -20.47
N PHE F 112 -10.70 4.80 -20.07
CA PHE F 112 -10.79 5.46 -18.77
C PHE F 112 -11.86 4.77 -17.92
N GLY F 113 -11.66 4.78 -16.61
CA GLY F 113 -12.62 4.22 -15.70
C GLY F 113 -13.79 5.15 -15.44
N SER F 114 -14.74 4.64 -14.66
CA SER F 114 -15.90 5.45 -14.31
C SER F 114 -15.54 6.62 -13.41
N GLY F 115 -14.42 6.55 -12.70
CA GLY F 115 -13.99 7.66 -11.89
C GLY F 115 -14.61 7.66 -10.52
N THR F 116 -13.79 7.70 -9.47
CA THR F 116 -14.25 7.71 -8.09
C THR F 116 -14.02 9.09 -7.51
N THR F 117 -15.05 9.66 -6.90
CA THR F 117 -14.95 10.99 -6.33
C THR F 117 -14.43 10.89 -4.90
N LEU F 118 -13.35 11.62 -4.61
CA LEU F 118 -12.78 11.68 -3.26
C LEU F 118 -13.07 13.06 -2.68
N VAL F 119 -13.74 13.07 -1.53
CA VAL F 119 -14.07 14.30 -0.81
C VAL F 119 -13.40 14.21 0.56
N VAL F 120 -12.62 15.24 0.89
CA VAL F 120 -11.89 15.29 2.15
C VAL F 120 -12.56 16.33 3.03
N THR F 121 -13.09 15.90 4.17
CA THR F 121 -13.72 16.78 5.12
C THR F 121 -12.91 16.77 6.42
N ASP F 122 -13.42 17.47 7.44
CA ASP F 122 -12.76 17.56 8.74
C ASP F 122 -13.68 16.97 9.80
N LYS F 123 -13.25 15.86 10.40
CA LYS F 123 -13.90 15.18 11.51
C LYS F 123 -15.29 14.67 11.15
N GLN F 124 -15.59 14.51 9.86
CA GLN F 124 -16.88 13.99 9.39
C GLN F 124 -18.04 14.90 9.76
N LEU F 125 -19.21 14.67 9.15
CA LEU F 125 -20.39 15.45 9.48
C LEU F 125 -21.00 15.00 10.81
N ASP F 126 -21.01 13.69 11.07
CA ASP F 126 -21.47 13.08 12.32
C ASP F 126 -22.94 13.36 12.61
N ALA F 127 -23.72 13.78 11.61
CA ALA F 127 -25.13 14.13 11.81
C ALA F 127 -26.06 13.19 11.06
N ASP F 128 -25.62 11.94 10.86
CA ASP F 128 -26.38 10.92 10.14
C ASP F 128 -26.74 11.43 8.74
N VAL F 129 -25.71 11.63 7.92
CA VAL F 129 -25.88 12.11 6.57
C VAL F 129 -26.23 10.93 5.66
N SER F 130 -27.50 10.84 5.28
CA SER F 130 -27.98 9.77 4.41
C SER F 130 -29.30 10.22 3.81
N PRO F 131 -29.58 9.86 2.55
CA PRO F 131 -30.79 10.37 1.89
C PRO F 131 -32.05 10.01 2.68
N LYS F 132 -32.87 11.05 2.95
CA LYS F 132 -34.08 10.93 3.75
C LYS F 132 -35.27 11.28 2.85
N PRO F 133 -35.86 10.29 2.21
CA PRO F 133 -36.90 10.58 1.20
C PRO F 133 -38.18 11.12 1.82
N THR F 134 -38.92 11.86 1.01
CA THR F 134 -40.24 12.36 1.37
C THR F 134 -41.08 12.36 0.10
N ILE F 135 -41.90 11.32 -0.07
CA ILE F 135 -42.62 11.09 -1.30
C ILE F 135 -43.85 12.00 -1.36
N PHE F 136 -44.27 12.34 -2.56
CA PHE F 136 -45.44 13.17 -2.80
C PHE F 136 -46.51 12.38 -3.53
N LEU F 137 -47.77 12.65 -3.18
CA LEU F 137 -48.88 11.96 -3.83
C LEU F 137 -49.29 12.71 -5.09
N PRO F 138 -49.73 11.98 -6.12
CA PRO F 138 -50.21 12.67 -7.33
C PRO F 138 -51.41 13.55 -7.04
N SER F 139 -51.47 14.69 -7.72
CA SER F 139 -52.58 15.61 -7.58
C SER F 139 -53.78 15.11 -8.36
N ILE F 140 -54.95 15.65 -8.03
CA ILE F 140 -56.18 15.36 -8.79
C ILE F 140 -56.02 16.07 -10.14
N ALA F 141 -55.87 15.28 -11.19
CA ALA F 141 -55.56 15.80 -12.52
C ALA F 141 -56.40 15.10 -13.57
N GLU F 142 -57.65 14.77 -13.26
CA GLU F 142 -58.50 14.12 -14.25
C GLU F 142 -58.89 15.07 -15.38
N THR F 143 -58.58 16.36 -15.26
CA THR F 143 -58.82 17.29 -16.35
C THR F 143 -57.93 16.97 -17.55
N LYS F 144 -56.63 16.82 -17.32
CA LYS F 144 -55.67 16.63 -18.39
C LYS F 144 -54.81 15.40 -18.10
N LEU F 145 -54.40 14.73 -19.18
CA LEU F 145 -53.60 13.52 -19.12
C LEU F 145 -54.26 12.42 -18.30
N GLN F 146 -55.60 12.42 -18.27
CA GLN F 146 -56.42 11.42 -17.55
C GLN F 146 -55.85 11.09 -16.18
N LYS F 147 -55.41 12.13 -15.46
CA LYS F 147 -54.79 11.99 -14.14
C LYS F 147 -53.58 11.05 -14.20
N ALA F 148 -52.64 11.38 -15.08
CA ALA F 148 -51.40 10.63 -15.14
C ALA F 148 -50.61 10.76 -13.84
N GLY F 149 -50.55 11.96 -13.28
CA GLY F 149 -49.86 12.17 -12.02
C GLY F 149 -48.36 12.29 -12.21
N THR F 150 -47.68 12.65 -11.12
CA THR F 150 -46.23 12.80 -11.14
C THR F 150 -45.71 12.43 -9.75
N TYR F 151 -45.22 11.20 -9.62
CA TYR F 151 -44.60 10.78 -8.37
C TYR F 151 -43.29 11.52 -8.16
N LEU F 152 -43.01 11.87 -6.89
CA LEU F 152 -41.82 12.61 -6.55
C LEU F 152 -41.01 11.88 -5.48
N CYS F 153 -39.71 11.77 -5.72
CA CYS F 153 -38.74 11.19 -4.80
C CYS F 153 -37.85 12.35 -4.35
N LEU F 154 -38.04 12.82 -3.13
CA LEU F 154 -37.38 14.02 -2.64
C LEU F 154 -36.32 13.64 -1.61
N LEU F 155 -35.11 13.40 -2.11
CA LEU F 155 -34.00 13.08 -1.21
C LEU F 155 -33.49 14.37 -0.57
N GLU F 156 -33.59 14.42 0.76
CA GLU F 156 -33.57 15.69 1.50
C GLU F 156 -32.18 16.09 1.98
N LYS F 157 -31.54 15.26 2.80
CA LYS F 157 -30.31 15.64 3.49
C LYS F 157 -29.26 14.55 3.31
N PHE F 158 -28.24 14.84 2.50
CA PHE F 158 -27.12 13.93 2.32
C PHE F 158 -25.88 14.73 1.98
N PHE F 159 -24.76 14.40 2.62
CA PHE F 159 -23.54 15.20 2.47
C PHE F 159 -22.81 14.93 1.15
N PRO F 160 -22.46 13.70 0.80
CA PRO F 160 -21.73 13.49 -0.45
C PRO F 160 -22.55 13.93 -1.66
N ASP F 161 -21.85 14.53 -2.63
CA ASP F 161 -22.54 15.13 -3.77
C ASP F 161 -23.19 14.07 -4.64
N VAL F 162 -22.50 12.96 -4.90
CA VAL F 162 -22.95 11.99 -5.89
C VAL F 162 -24.17 11.25 -5.38
N ILE F 163 -25.14 11.05 -6.27
CA ILE F 163 -26.36 10.29 -5.96
C ILE F 163 -27.00 9.92 -7.28
N LYS F 164 -27.48 8.68 -7.38
CA LYS F 164 -28.08 8.18 -8.62
C LYS F 164 -29.52 7.77 -8.34
N ILE F 165 -30.47 8.55 -8.83
CA ILE F 165 -31.89 8.28 -8.64
C ILE F 165 -32.47 7.80 -9.97
N HIS F 166 -33.06 6.61 -9.96
CA HIS F 166 -33.73 6.13 -11.16
C HIS F 166 -34.95 5.30 -10.76
N TRP F 167 -35.92 5.23 -11.66
CA TRP F 167 -37.23 4.68 -11.33
C TRP F 167 -37.44 3.33 -12.02
N GLN F 168 -38.31 2.53 -11.41
CA GLN F 168 -38.60 1.19 -11.91
C GLN F 168 -40.03 0.82 -11.55
N GLU F 169 -40.59 -0.14 -12.27
CA GLU F 169 -41.87 -0.71 -11.92
C GLU F 169 -41.64 -1.93 -11.03
N LYS F 170 -42.68 -2.76 -10.84
CA LYS F 170 -42.49 -3.99 -10.09
C LYS F 170 -41.49 -4.92 -10.74
N LYS F 171 -41.26 -4.79 -12.04
CA LYS F 171 -40.19 -5.48 -12.75
C LYS F 171 -39.03 -4.51 -12.95
N SER F 172 -37.82 -5.07 -12.95
CA SER F 172 -36.61 -4.26 -13.07
C SER F 172 -35.93 -4.40 -14.43
N ASN F 173 -36.64 -4.92 -15.43
CA ASN F 173 -36.01 -5.16 -16.74
C ASN F 173 -35.71 -3.86 -17.46
N THR F 174 -36.68 -2.95 -17.52
CA THR F 174 -36.58 -1.73 -18.32
C THR F 174 -36.54 -0.51 -17.42
N ILE F 175 -35.65 0.43 -17.73
CA ILE F 175 -35.49 1.66 -16.96
C ILE F 175 -36.56 2.66 -17.38
N LEU F 176 -37.30 3.16 -16.40
CA LEU F 176 -38.29 4.20 -16.67
C LEU F 176 -37.61 5.55 -16.89
N GLY F 177 -38.20 6.35 -17.76
CA GLY F 177 -37.66 7.67 -18.05
C GLY F 177 -38.13 8.72 -17.06
N SER F 178 -37.27 9.08 -16.11
CA SER F 178 -37.57 10.07 -15.10
C SER F 178 -36.61 11.24 -15.26
N GLN F 179 -37.17 12.45 -15.23
CA GLN F 179 -36.42 13.67 -15.51
C GLN F 179 -36.05 14.37 -14.21
N GLU F 180 -34.75 14.48 -13.95
CA GLU F 180 -34.22 14.90 -12.66
C GLU F 180 -34.47 16.39 -12.43
N GLY F 181 -34.29 16.82 -11.18
CA GLY F 181 -34.31 18.22 -10.84
C GLY F 181 -32.90 18.79 -10.76
N ASN F 182 -32.50 19.18 -9.55
CA ASN F 182 -31.14 19.66 -9.32
C ASN F 182 -30.77 19.45 -7.86
N THR F 183 -29.46 19.50 -7.59
CA THR F 183 -28.94 19.25 -6.24
C THR F 183 -28.54 20.58 -5.62
N MET F 184 -29.47 21.19 -4.89
CA MET F 184 -29.16 22.43 -4.20
C MET F 184 -28.34 22.17 -2.94
N LYS F 185 -27.53 23.16 -2.57
CA LYS F 185 -26.65 23.07 -1.42
C LYS F 185 -27.31 23.75 -0.23
N THR F 186 -28.00 22.97 0.59
CA THR F 186 -28.47 23.44 1.88
C THR F 186 -27.25 23.64 2.79
N ASN F 187 -27.40 24.51 3.79
CA ASN F 187 -26.30 25.04 4.59
C ASN F 187 -25.18 24.05 4.88
N ASP F 188 -25.54 22.79 5.16
CA ASP F 188 -24.55 21.76 5.44
C ASP F 188 -24.78 20.46 4.68
N THR F 189 -25.76 20.40 3.78
CA THR F 189 -26.10 19.15 3.11
C THR F 189 -26.53 19.47 1.67
N TYR F 190 -26.95 18.43 0.95
CA TYR F 190 -27.38 18.57 -0.43
C TYR F 190 -28.76 17.94 -0.60
N MET F 191 -29.58 18.57 -1.45
CA MET F 191 -30.94 18.12 -1.69
C MET F 191 -31.17 17.90 -3.17
N LYS F 192 -31.84 16.79 -3.51
CA LYS F 192 -32.18 16.48 -4.89
C LYS F 192 -33.57 15.87 -4.92
N PHE F 193 -34.22 15.95 -6.08
CA PHE F 193 -35.56 15.41 -6.22
C PHE F 193 -35.79 14.94 -7.64
N SER F 194 -36.59 13.89 -7.77
CA SER F 194 -36.95 13.33 -9.06
C SER F 194 -38.48 13.30 -9.18
N TRP F 195 -38.97 13.43 -10.40
CA TRP F 195 -40.39 13.33 -10.63
C TRP F 195 -40.65 12.54 -11.91
N LEU F 196 -41.75 11.79 -11.91
CA LEU F 196 -42.08 10.91 -13.02
C LEU F 196 -43.57 10.98 -13.31
N THR F 197 -43.89 11.09 -14.60
CA THR F 197 -45.27 11.04 -15.08
C THR F 197 -45.52 9.66 -15.69
N VAL F 198 -46.55 8.97 -15.19
CA VAL F 198 -46.89 7.63 -15.63
C VAL F 198 -48.30 7.67 -16.20
N PRO F 199 -48.55 7.13 -17.39
CA PRO F 199 -49.90 7.17 -17.95
C PRO F 199 -50.85 6.28 -17.18
N GLU F 200 -52.15 6.51 -17.40
CA GLU F 200 -53.18 5.75 -16.70
C GLU F 200 -53.09 4.26 -17.05
N LYS F 201 -52.72 3.95 -18.28
CA LYS F 201 -52.64 2.56 -18.74
C LYS F 201 -51.65 1.76 -17.91
N SER F 202 -50.68 2.43 -17.30
CA SER F 202 -49.74 1.78 -16.40
C SER F 202 -49.79 2.31 -14.99
N LEU F 203 -50.78 3.12 -14.61
CA LEU F 203 -50.85 3.69 -13.27
C LEU F 203 -51.13 2.62 -12.23
N ASP F 204 -51.64 1.46 -12.64
CA ASP F 204 -52.01 0.41 -11.70
C ASP F 204 -50.79 -0.23 -11.04
N LYS F 205 -49.58 0.08 -11.50
CA LYS F 205 -48.37 -0.54 -10.98
C LYS F 205 -47.75 0.33 -9.89
N GLU F 206 -47.25 -0.32 -8.84
CA GLU F 206 -46.47 0.37 -7.82
C GLU F 206 -45.10 0.75 -8.38
N HIS F 207 -44.59 1.90 -7.96
CA HIS F 207 -43.39 2.46 -8.58
C HIS F 207 -42.28 2.58 -7.55
N ARG F 208 -41.11 2.02 -7.85
CA ARG F 208 -39.98 2.06 -6.94
C ARG F 208 -38.96 3.10 -7.41
N CYS F 209 -38.60 4.01 -6.51
CA CYS F 209 -37.55 4.98 -6.73
C CYS F 209 -36.28 4.44 -6.08
N ILE F 210 -35.28 4.12 -6.89
CA ILE F 210 -34.04 3.52 -6.42
C ILE F 210 -32.98 4.61 -6.34
N VAL F 211 -32.38 4.74 -5.16
CA VAL F 211 -31.35 5.74 -4.89
C VAL F 211 -30.06 4.99 -4.57
N ARG F 212 -29.02 5.24 -5.36
CA ARG F 212 -27.68 4.74 -5.10
C ARG F 212 -26.85 5.87 -4.52
N HIS F 213 -26.26 5.63 -3.35
CA HIS F 213 -25.58 6.67 -2.61
C HIS F 213 -24.64 6.03 -1.60
N GLU F 214 -23.44 6.60 -1.46
CA GLU F 214 -22.59 6.24 -0.34
C GLU F 214 -23.17 6.81 0.95
N ASN F 215 -22.67 6.30 2.08
CA ASN F 215 -23.20 6.64 3.40
C ASN F 215 -24.70 6.36 3.47
N ASN F 216 -25.10 5.23 2.90
CA ASN F 216 -26.49 4.80 2.89
C ASN F 216 -26.68 3.73 3.95
N LYS F 217 -27.83 3.78 4.63
CA LYS F 217 -28.12 2.80 5.66
C LYS F 217 -28.16 1.40 5.06
N ASN F 218 -27.50 0.45 5.74
CA ASN F 218 -27.31 -0.95 5.36
C ASN F 218 -26.28 -1.01 4.23
N GLY F 219 -25.87 0.12 3.68
CA GLY F 219 -24.90 0.12 2.59
C GLY F 219 -25.41 -0.51 1.31
N VAL F 220 -26.69 -0.33 1.01
CA VAL F 220 -27.30 -0.87 -0.20
C VAL F 220 -28.09 0.23 -0.88
N ASP F 221 -28.43 -0.01 -2.15
CA ASP F 221 -29.21 0.93 -2.93
C ASP F 221 -30.62 1.02 -2.34
N GLN F 222 -30.94 2.17 -1.75
CA GLN F 222 -32.25 2.35 -1.14
C GLN F 222 -33.34 2.26 -2.21
N GLU F 223 -34.48 1.67 -1.83
CA GLU F 223 -35.59 1.47 -2.77
C GLU F 223 -36.88 1.94 -2.11
N ILE F 224 -37.26 3.19 -2.35
CA ILE F 224 -38.51 3.71 -1.83
C ILE F 224 -39.65 3.22 -2.72
N ILE F 225 -40.79 2.91 -2.10
CA ILE F 225 -41.92 2.31 -2.80
C ILE F 225 -43.10 3.27 -2.77
N PHE F 226 -43.61 3.61 -3.95
CA PHE F 226 -44.85 4.34 -4.10
C PHE F 226 -45.98 3.35 -4.37
N PRO F 227 -46.98 3.26 -3.50
CA PRO F 227 -48.03 2.27 -3.67
C PRO F 227 -48.86 2.56 -4.90
N PRO F 228 -49.41 1.54 -5.53
CA PRO F 228 -50.19 1.76 -6.76
C PRO F 228 -51.55 2.35 -6.46
N ILE F 229 -52.08 3.08 -7.44
CA ILE F 229 -53.43 3.62 -7.40
C ILE F 229 -54.12 3.26 -8.71
N LYS F 230 -55.33 2.72 -8.62
CA LYS F 230 -56.06 2.28 -9.81
C LYS F 230 -56.41 3.46 -10.71
N GLN G 1 -13.89 26.90 -58.89
CA GLN G 1 -12.68 26.13 -58.69
C GLN G 1 -11.70 26.88 -57.79
N VAL G 2 -10.92 26.13 -57.02
CA VAL G 2 -9.94 26.74 -56.12
C VAL G 2 -8.82 27.35 -56.94
N GLN G 3 -8.47 28.59 -56.62
CA GLN G 3 -7.45 29.31 -57.37
C GLN G 3 -6.75 30.29 -56.43
N LEU G 4 -5.47 30.51 -56.69
CA LEU G 4 -4.67 31.47 -55.94
C LEU G 4 -3.96 32.40 -56.91
N GLN G 5 -4.10 33.71 -56.69
CA GLN G 5 -3.52 34.72 -57.55
C GLN G 5 -2.45 35.49 -56.77
N GLN G 6 -1.32 35.75 -57.44
CA GLN G 6 -0.19 36.41 -56.81
C GLN G 6 0.21 37.64 -57.61
N SER G 7 0.88 38.56 -56.93
CA SER G 7 1.32 39.80 -57.57
C SER G 7 2.42 39.52 -58.58
N GLY G 8 2.59 40.47 -59.50
CA GLY G 8 3.60 40.34 -60.53
C GLY G 8 5.00 40.57 -60.00
N ALA G 9 5.98 40.32 -60.89
CA ALA G 9 7.37 40.51 -60.53
C ALA G 9 7.67 41.98 -60.26
N GLU G 10 8.45 42.25 -59.21
CA GLU G 10 8.78 43.60 -58.80
C GLU G 10 10.29 43.74 -58.71
N LEU G 11 10.82 44.80 -59.32
CA LEU G 11 12.23 45.15 -59.16
C LEU G 11 12.42 45.91 -57.87
N VAL G 12 13.48 45.56 -57.13
CA VAL G 12 13.67 46.08 -55.78
C VAL G 12 15.09 46.58 -55.61
N ARG G 13 15.25 47.49 -54.65
CA ARG G 13 16.52 48.08 -54.24
C ARG G 13 17.24 47.15 -53.28
N PRO G 14 18.56 47.30 -53.11
CA PRO G 14 19.30 46.41 -52.21
C PRO G 14 18.78 46.43 -50.78
N GLY G 15 18.36 47.59 -50.27
CA GLY G 15 17.79 47.65 -48.94
C GLY G 15 16.39 48.23 -48.92
N ALA G 16 15.39 47.38 -48.64
CA ALA G 16 14.00 47.79 -48.61
C ALA G 16 13.16 46.64 -48.07
N SER G 17 11.93 46.95 -47.69
CA SER G 17 10.95 45.97 -47.25
C SER G 17 9.91 45.82 -48.34
N VAL G 18 9.72 44.58 -48.81
CA VAL G 18 8.84 44.28 -49.93
C VAL G 18 7.70 43.41 -49.44
N THR G 19 6.48 43.75 -49.85
CA THR G 19 5.29 43.00 -49.46
C THR G 19 4.76 42.24 -50.67
N LEU G 20 4.67 40.91 -50.53
CA LEU G 20 4.14 40.05 -51.57
C LEU G 20 2.77 39.54 -51.16
N SER G 21 1.80 39.68 -52.06
CA SER G 21 0.40 39.39 -51.78
C SER G 21 -0.04 38.10 -52.47
N CYS G 22 -1.05 37.46 -51.86
CA CYS G 22 -1.61 36.23 -52.42
C CYS G 22 -3.09 36.16 -52.04
N LYS G 23 -3.96 36.09 -53.04
CA LYS G 23 -5.40 36.09 -52.84
C LYS G 23 -5.97 34.74 -53.24
N ALA G 24 -6.81 34.18 -52.37
CA ALA G 24 -7.41 32.87 -52.58
C ALA G 24 -8.88 33.00 -52.92
N SER G 25 -9.33 32.26 -53.94
CA SER G 25 -10.71 32.30 -54.37
C SER G 25 -11.20 30.88 -54.63
N GLY G 26 -12.50 30.66 -54.42
CA GLY G 26 -13.12 29.38 -54.64
C GLY G 26 -13.42 28.57 -53.40
N TYR G 27 -12.93 29.00 -52.23
CA TYR G 27 -13.16 28.29 -50.99
C TYR G 27 -13.21 29.28 -49.84
N THR G 28 -13.43 28.77 -48.63
CA THR G 28 -13.50 29.61 -47.44
C THR G 28 -12.10 29.80 -46.89
N PHE G 29 -11.66 31.06 -46.83
CA PHE G 29 -10.28 31.36 -46.42
C PHE G 29 -10.05 31.03 -44.96
N THR G 30 -11.09 31.11 -44.12
CA THR G 30 -10.90 30.97 -42.69
C THR G 30 -10.46 29.56 -42.30
N ASP G 31 -10.96 28.54 -42.98
CA ASP G 31 -10.71 27.17 -42.56
C ASP G 31 -9.27 26.73 -42.83
N TYR G 32 -8.75 27.05 -44.01
CA TYR G 32 -7.45 26.51 -44.42
C TYR G 32 -6.36 27.58 -44.33
N GLU G 33 -5.15 27.10 -44.10
CA GLU G 33 -3.97 27.94 -43.95
C GLU G 33 -3.20 28.05 -45.26
N VAL G 34 -2.32 29.04 -45.32
CA VAL G 34 -1.54 29.33 -46.51
C VAL G 34 -0.07 29.14 -46.19
N TYR G 35 0.62 28.32 -46.99
CA TYR G 35 2.05 28.12 -46.88
C TYR G 35 2.75 28.96 -47.94
N TRP G 36 3.97 29.38 -47.64
CA TRP G 36 4.77 30.20 -48.55
C TRP G 36 6.12 29.53 -48.75
N VAL G 37 6.47 29.29 -50.01
CA VAL G 37 7.67 28.55 -50.40
C VAL G 37 8.50 29.43 -51.33
N LYS G 38 9.82 29.32 -51.22
CA LYS G 38 10.74 30.07 -52.07
C LYS G 38 11.58 29.08 -52.88
N GLN G 39 11.59 29.25 -54.19
CA GLN G 39 12.36 28.42 -55.10
C GLN G 39 13.46 29.24 -55.74
N THR G 40 14.70 28.77 -55.61
CA THR G 40 15.86 29.38 -56.23
C THR G 40 16.66 28.32 -56.97
N PRO G 41 17.28 28.68 -58.10
CA PRO G 41 17.97 27.66 -58.91
C PRO G 41 19.11 26.96 -58.18
N VAL G 42 19.75 27.61 -57.22
CA VAL G 42 20.90 27.02 -56.54
C VAL G 42 20.48 26.15 -55.36
N HIS G 43 19.60 26.66 -54.51
CA HIS G 43 19.18 25.95 -53.30
C HIS G 43 17.91 25.15 -53.50
N GLY G 44 17.38 25.09 -54.71
CA GLY G 44 16.10 24.41 -54.91
C GLY G 44 14.97 25.21 -54.30
N LEU G 45 14.02 24.51 -53.70
CA LEU G 45 12.88 25.15 -53.04
C LEU G 45 12.75 24.63 -51.62
N GLU G 46 12.45 25.54 -50.69
CA GLU G 46 12.29 25.19 -49.30
C GLU G 46 11.08 25.92 -48.73
N TRP G 47 10.49 25.34 -47.69
CA TRP G 47 9.35 25.96 -47.03
C TRP G 47 9.82 27.09 -46.13
N ILE G 48 9.24 28.28 -46.31
CA ILE G 48 9.75 29.47 -45.64
C ILE G 48 8.73 30.08 -44.70
N GLY G 49 7.44 29.77 -44.89
CA GLY G 49 6.45 30.30 -43.97
C GLY G 49 5.14 29.54 -44.01
N ALA G 50 4.36 29.73 -42.95
CA ALA G 50 3.01 29.17 -42.88
C ALA G 50 2.16 30.04 -41.97
N ILE G 51 0.98 30.44 -42.46
CA ILE G 51 0.10 31.34 -41.70
C ILE G 51 -1.31 30.77 -41.72
N ASP G 52 -1.97 30.77 -40.56
CA ASP G 52 -3.35 30.33 -40.45
C ASP G 52 -4.25 31.55 -40.34
N PRO G 53 -5.12 31.81 -41.31
CA PRO G 53 -5.95 33.02 -41.24
C PRO G 53 -6.89 33.06 -40.04
N GLU G 54 -7.36 31.91 -39.56
CA GLU G 54 -8.40 31.90 -38.53
C GLU G 54 -7.90 32.52 -37.23
N THR G 55 -6.69 32.15 -36.79
CA THR G 55 -6.16 32.64 -35.54
C THR G 55 -4.88 33.47 -35.67
N GLY G 56 -4.25 33.48 -36.84
CA GLY G 56 -3.05 34.26 -37.04
C GLY G 56 -1.77 33.59 -36.59
N ARG G 57 -1.82 32.35 -36.11
CA ARG G 57 -0.61 31.66 -35.72
C ARG G 57 0.28 31.41 -36.94
N THR G 58 1.57 31.65 -36.78
CA THR G 58 2.52 31.55 -37.87
C THR G 58 3.67 30.63 -37.50
N ALA G 59 4.10 29.82 -38.46
CA ALA G 59 5.25 28.94 -38.31
C ALA G 59 6.29 29.29 -39.36
N TYR G 60 7.53 29.51 -38.91
CA TYR G 60 8.62 29.90 -39.79
C TYR G 60 9.70 28.83 -39.78
N ASN G 61 10.44 28.75 -40.88
CA ASN G 61 11.68 28.00 -40.90
C ASN G 61 12.73 28.70 -40.03
N GLN G 62 13.60 27.91 -39.40
CA GLN G 62 14.59 28.49 -38.50
C GLN G 62 15.53 29.42 -39.25
N LYS G 63 15.97 29.03 -40.45
CA LYS G 63 16.86 29.89 -41.22
C LYS G 63 16.13 31.13 -41.73
N PHE G 64 14.84 31.00 -42.06
CA PHE G 64 14.05 32.11 -42.57
C PHE G 64 13.32 32.87 -41.48
N LYS G 65 13.46 32.48 -40.23
CA LYS G 65 12.81 33.19 -39.14
C LYS G 65 13.41 34.58 -38.96
N GLY G 66 12.54 35.56 -38.74
CA GLY G 66 12.97 36.94 -38.57
C GLY G 66 13.07 37.68 -39.89
N LYS G 67 13.55 37.00 -40.92
CA LYS G 67 13.64 37.60 -42.25
C LYS G 67 12.25 37.92 -42.79
N ALA G 68 11.31 36.99 -42.64
CA ALA G 68 9.98 37.11 -43.24
C ALA G 68 8.92 37.09 -42.15
N ILE G 69 8.00 38.05 -42.22
CA ILE G 69 6.84 38.11 -41.33
C ILE G 69 5.59 38.13 -42.20
N LEU G 70 4.60 37.32 -41.84
CA LEU G 70 3.39 37.17 -42.63
C LEU G 70 2.18 37.71 -41.89
N THR G 71 1.24 38.26 -42.66
CA THR G 71 -0.01 38.79 -42.14
C THR G 71 -1.13 38.34 -43.07
N THR G 72 -2.34 38.25 -42.52
CA THR G 72 -3.49 37.80 -43.29
C THR G 72 -4.65 38.77 -43.09
N ASP G 73 -5.52 38.85 -44.10
CA ASP G 73 -6.74 39.65 -44.01
C ASP G 73 -7.89 38.82 -44.58
N LYS G 74 -8.85 38.49 -43.71
CA LYS G 74 -9.97 37.64 -44.11
C LYS G 74 -10.98 38.41 -44.94
N SER G 75 -11.18 39.69 -44.65
CA SER G 75 -12.15 40.49 -45.41
C SER G 75 -11.72 40.60 -46.87
N SER G 76 -10.44 40.85 -47.11
CA SER G 76 -9.90 40.83 -48.46
C SER G 76 -9.42 39.45 -48.88
N SER G 77 -9.36 38.50 -47.94
CA SER G 77 -8.92 37.13 -48.21
C SER G 77 -7.55 37.11 -48.89
N THR G 78 -6.62 37.89 -48.33
CA THR G 78 -5.31 38.03 -48.93
C THR G 78 -4.24 37.92 -47.85
N ALA G 79 -3.15 37.24 -48.19
CA ALA G 79 -2.01 37.04 -47.29
C ALA G 79 -0.80 37.79 -47.84
N TYR G 80 -0.13 38.53 -46.96
CA TYR G 80 1.04 39.33 -47.32
C TYR G 80 2.26 38.79 -46.58
N MET G 81 3.40 38.76 -47.25
CA MET G 81 4.68 38.48 -46.62
C MET G 81 5.62 39.67 -46.81
N ALA G 82 6.33 40.03 -45.74
CA ALA G 82 7.29 41.12 -45.77
C ALA G 82 8.70 40.57 -45.84
N LEU G 83 9.54 41.20 -46.66
CA LEU G 83 10.92 40.78 -46.87
C LEU G 83 11.85 41.97 -46.67
N ARG G 84 13.02 41.73 -46.09
CA ARG G 84 14.00 42.76 -45.83
C ARG G 84 15.40 42.23 -46.14
N SER G 85 16.33 43.15 -46.32
CA SER G 85 17.72 42.83 -46.67
C SER G 85 17.77 41.94 -47.90
N LEU G 86 17.03 42.34 -48.95
CA LEU G 86 16.84 41.50 -50.12
C LEU G 86 18.06 41.44 -51.02
N THR G 87 19.10 42.23 -50.76
CA THR G 87 20.27 42.22 -51.63
C THR G 87 21.08 40.94 -51.49
N SER G 88 20.92 40.23 -50.38
CA SER G 88 21.75 39.07 -50.07
C SER G 88 21.19 37.85 -50.83
N GLU G 89 21.48 37.82 -52.12
CA GLU G 89 21.21 36.68 -53.01
C GLU G 89 19.76 36.19 -52.94
N ASP G 90 18.85 37.03 -52.46
CA ASP G 90 17.44 36.65 -52.32
C ASP G 90 16.63 37.01 -53.57
N SER G 91 17.10 36.55 -54.73
CA SER G 91 16.38 36.70 -55.99
C SER G 91 15.85 35.33 -56.37
N ALA G 92 14.54 35.13 -56.22
CA ALA G 92 13.97 33.81 -56.37
C ALA G 92 12.48 33.93 -56.69
N VAL G 93 11.86 32.79 -56.98
CA VAL G 93 10.42 32.76 -57.21
C VAL G 93 9.72 32.40 -55.91
N TYR G 94 8.58 33.04 -55.66
CA TYR G 94 7.81 32.81 -54.44
C TYR G 94 6.46 32.22 -54.81
N TYR G 95 6.10 31.13 -54.15
CA TYR G 95 4.87 30.40 -54.42
C TYR G 95 4.02 30.33 -53.17
N CYS G 96 2.72 30.47 -53.34
CA CYS G 96 1.76 30.11 -52.31
C CYS G 96 1.45 28.61 -52.39
N ALA G 97 0.91 28.07 -51.31
CA ALA G 97 0.59 26.66 -51.28
C ALA G 97 -0.56 26.42 -50.32
N ARG G 98 -1.40 25.46 -50.67
CA ARG G 98 -2.53 25.08 -49.83
C ARG G 98 -2.77 23.59 -49.99
N LEU G 99 -3.03 22.92 -48.87
CA LEU G 99 -3.33 21.50 -48.91
C LEU G 99 -4.71 21.27 -49.51
N LYS G 100 -4.96 20.04 -49.95
CA LYS G 100 -6.26 19.68 -50.51
C LYS G 100 -7.33 19.78 -49.43
N SER G 101 -8.53 20.17 -49.84
CA SER G 101 -9.64 20.33 -48.91
C SER G 101 -9.88 19.05 -48.12
N GLY G 102 -9.92 19.19 -46.79
CA GLY G 102 -10.01 18.04 -45.92
C GLY G 102 -8.72 17.27 -45.75
N ARG G 103 -7.59 17.82 -46.17
CA ARG G 103 -6.30 17.15 -46.09
C ARG G 103 -6.33 15.77 -46.73
N TYR G 104 -7.01 15.66 -47.86
CA TYR G 104 -7.13 14.37 -48.55
C TYR G 104 -5.77 13.86 -48.99
N TYR G 105 -4.91 14.75 -49.49
CA TYR G 105 -3.60 14.37 -49.99
C TYR G 105 -2.51 14.44 -48.94
N GLY G 106 -2.86 14.24 -47.67
CA GLY G 106 -1.86 14.32 -46.62
C GLY G 106 -1.31 15.73 -46.49
N ASP G 107 0.01 15.82 -46.43
CA ASP G 107 0.70 17.10 -46.32
C ASP G 107 1.10 17.67 -47.68
N LEU G 108 0.64 17.06 -48.77
CA LEU G 108 0.97 17.55 -50.10
C LEU G 108 0.32 18.89 -50.36
N PHE G 109 1.06 19.78 -51.04
CA PHE G 109 0.55 21.10 -51.38
C PHE G 109 -0.26 20.98 -52.66
N ALA G 110 -1.58 20.90 -52.53
CA ALA G 110 -2.43 20.62 -53.69
C ALA G 110 -2.58 21.83 -54.59
N TYR G 111 -2.74 23.03 -54.02
CA TYR G 111 -3.03 24.22 -54.79
C TYR G 111 -1.86 25.20 -54.68
N TRP G 112 -1.33 25.61 -55.82
CA TRP G 112 -0.18 26.50 -55.90
C TRP G 112 -0.55 27.77 -56.66
N GLY G 113 0.11 28.88 -56.30
CA GLY G 113 0.02 30.09 -57.08
C GLY G 113 0.91 30.03 -58.30
N GLN G 114 0.79 31.05 -59.15
CA GLN G 114 1.60 31.10 -60.36
C GLN G 114 3.05 31.49 -60.07
N GLY G 115 3.33 32.05 -58.90
CA GLY G 115 4.68 32.40 -58.53
C GLY G 115 5.08 33.80 -58.93
N THR G 116 5.70 34.54 -58.00
CA THR G 116 6.18 35.90 -58.26
C THR G 116 7.70 35.89 -58.22
N LEU G 117 8.33 36.45 -59.26
CA LEU G 117 9.78 36.48 -59.34
C LEU G 117 10.30 37.75 -58.68
N VAL G 118 11.28 37.62 -57.80
CA VAL G 118 11.90 38.75 -57.14
C VAL G 118 13.38 38.77 -57.55
N THR G 119 13.81 39.88 -58.14
CA THR G 119 15.19 40.09 -58.54
C THR G 119 15.71 41.35 -57.89
N VAL G 120 16.93 41.29 -57.39
CA VAL G 120 17.54 42.39 -56.64
C VAL G 120 18.83 42.80 -57.32
N SER G 121 19.24 44.04 -57.11
CA SER G 121 20.48 44.56 -57.69
C SER G 121 21.69 44.11 -56.87
N GLN H 1 15.62 18.25 -39.18
CA GLN H 1 16.04 18.59 -40.54
C GLN H 1 16.65 17.39 -41.25
N ILE H 2 16.04 16.97 -42.35
CA ILE H 2 16.50 15.85 -43.15
C ILE H 2 16.86 16.36 -44.53
N VAL H 3 18.04 15.97 -45.02
CA VAL H 3 18.58 16.53 -46.26
C VAL H 3 17.72 16.12 -47.46
N LEU H 4 17.18 14.90 -47.44
CA LEU H 4 16.38 14.37 -48.54
C LEU H 4 17.18 14.30 -49.84
N THR H 5 18.34 13.66 -49.77
CA THR H 5 19.21 13.57 -50.94
C THR H 5 18.57 12.70 -52.02
N GLN H 6 18.92 13.02 -53.27
CA GLN H 6 18.44 12.27 -54.43
C GLN H 6 19.63 11.79 -55.24
N SER H 7 19.71 10.48 -55.44
CA SER H 7 20.85 9.90 -56.16
C SER H 7 20.94 10.37 -57.61
N PRO H 8 19.88 10.32 -58.44
CA PRO H 8 20.06 10.64 -59.87
C PRO H 8 20.03 12.13 -60.12
N ALA H 9 21.16 12.68 -60.53
CA ALA H 9 21.20 14.09 -60.91
C ALA H 9 20.56 14.32 -62.28
N LEU H 10 20.78 13.39 -63.22
CA LEU H 10 20.23 13.51 -64.56
C LEU H 10 20.02 12.12 -65.14
N MET H 11 19.05 12.02 -66.05
CA MET H 11 18.77 10.79 -66.76
C MET H 11 18.53 11.08 -68.23
N SER H 12 18.71 10.07 -69.06
CA SER H 12 18.52 10.15 -70.50
C SER H 12 17.49 9.12 -70.97
N ALA H 13 16.37 9.04 -70.25
CA ALA H 13 15.35 8.04 -70.54
C ALA H 13 14.72 8.27 -71.91
N SER H 14 14.28 7.18 -72.53
CA SER H 14 13.66 7.18 -73.84
C SER H 14 12.36 6.40 -73.78
N PRO H 15 11.43 6.65 -74.71
CA PRO H 15 10.18 5.90 -74.72
C PRO H 15 10.42 4.40 -74.87
N GLY H 16 9.57 3.61 -74.21
CA GLY H 16 9.76 2.19 -74.15
C GLY H 16 10.67 1.70 -73.04
N GLU H 17 11.02 2.58 -72.10
CA GLU H 17 11.90 2.23 -70.99
C GLU H 17 11.25 2.60 -69.67
N LYS H 18 11.38 1.72 -68.69
CA LYS H 18 10.87 1.96 -67.34
C LYS H 18 12.03 2.35 -66.44
N VAL H 19 11.89 3.49 -65.76
CA VAL H 19 12.99 4.04 -64.98
C VAL H 19 12.55 4.22 -63.53
N THR H 20 13.54 4.32 -62.65
CA THR H 20 13.34 4.46 -61.22
C THR H 20 14.20 5.60 -60.69
N MET H 21 13.62 6.41 -59.81
CA MET H 21 14.31 7.50 -59.15
C MET H 21 14.17 7.32 -57.65
N THR H 22 15.30 7.37 -56.94
CA THR H 22 15.32 7.16 -55.50
C THR H 22 15.54 8.48 -54.78
N CYS H 23 14.89 8.62 -53.62
CA CYS H 23 14.96 9.82 -52.79
C CYS H 23 15.31 9.38 -51.38
N SER H 24 16.61 9.25 -51.11
CA SER H 24 17.06 8.79 -49.80
C SER H 24 16.90 9.89 -48.75
N ALA H 25 16.65 9.46 -47.51
CA ALA H 25 16.48 10.36 -46.39
C ALA H 25 17.48 10.00 -45.30
N SER H 26 18.06 11.02 -44.67
CA SER H 26 19.01 10.78 -43.59
C SER H 26 18.35 10.09 -42.41
N SER H 27 17.13 10.50 -42.06
CA SER H 27 16.36 9.90 -40.99
C SER H 27 15.10 9.27 -41.56
N SER H 28 14.58 8.27 -40.86
CA SER H 28 13.39 7.57 -41.32
C SER H 28 12.19 8.50 -41.38
N VAL H 29 11.41 8.39 -42.46
CA VAL H 29 10.23 9.21 -42.68
C VAL H 29 9.05 8.28 -42.92
N SER H 30 7.93 8.55 -42.25
CA SER H 30 6.77 7.66 -42.32
C SER H 30 6.21 7.60 -43.73
N TYR H 31 5.72 8.72 -44.25
CA TYR H 31 5.15 8.80 -45.58
C TYR H 31 5.95 9.77 -46.44
N MET H 32 5.87 9.59 -47.75
CA MET H 32 6.68 10.34 -48.70
C MET H 32 5.79 10.91 -49.79
N TYR H 33 6.00 12.18 -50.12
CA TYR H 33 5.24 12.87 -51.15
C TYR H 33 6.17 13.31 -52.27
N TRP H 34 5.61 13.43 -53.48
CA TRP H 34 6.40 13.81 -54.65
C TRP H 34 5.70 14.94 -55.39
N TYR H 35 6.49 15.72 -56.11
CA TYR H 35 6.00 16.82 -56.94
C TYR H 35 6.66 16.74 -58.32
N GLN H 36 5.90 17.11 -59.34
CA GLN H 36 6.42 17.26 -60.69
C GLN H 36 6.33 18.72 -61.10
N GLN H 37 7.41 19.23 -61.68
CA GLN H 37 7.47 20.60 -62.16
C GLN H 37 7.77 20.61 -63.65
N LYS H 38 7.31 21.65 -64.32
CA LYS H 38 7.55 21.85 -65.73
C LYS H 38 7.98 23.30 -65.95
N PRO H 39 8.74 23.58 -67.00
CA PRO H 39 9.23 24.95 -67.21
C PRO H 39 8.10 25.96 -67.29
N ARG H 40 8.35 27.13 -66.69
CA ARG H 40 7.39 28.24 -66.67
C ARG H 40 6.05 27.82 -66.04
N SER H 41 6.14 27.06 -64.95
CA SER H 41 4.95 26.65 -64.23
C SER H 41 5.34 26.26 -62.81
N SER H 42 4.34 26.26 -61.93
CA SER H 42 4.52 25.84 -60.55
C SER H 42 4.50 24.32 -60.44
N PRO H 43 5.17 23.75 -59.43
CA PRO H 43 5.16 22.29 -59.28
C PRO H 43 3.76 21.75 -59.09
N LYS H 44 3.49 20.62 -59.74
CA LYS H 44 2.19 19.98 -59.66
C LYS H 44 2.09 19.12 -58.40
N PRO H 45 0.87 18.85 -57.93
CA PRO H 45 0.73 18.01 -56.72
C PRO H 45 1.30 16.61 -56.88
N TRP H 46 0.86 15.88 -57.90
CA TRP H 46 1.36 14.52 -58.20
C TRP H 46 1.15 13.64 -56.98
N ILE H 47 2.11 12.76 -56.66
CA ILE H 47 1.98 11.73 -55.63
C ILE H 47 1.61 12.35 -54.29
N TYR H 48 0.76 11.67 -53.51
CA TYR H 48 0.36 12.17 -52.20
C TYR H 48 0.62 11.18 -51.07
N PHE H 49 1.05 9.96 -51.38
CA PHE H 49 1.45 8.99 -50.36
C PHE H 49 2.35 7.96 -51.04
N THR H 50 3.05 7.19 -50.23
CA THR H 50 3.91 6.15 -50.77
C THR H 50 3.09 5.17 -51.60
N SER H 51 3.47 5.00 -52.86
CA SER H 51 2.77 4.12 -53.81
C SER H 51 1.33 4.57 -54.04
N ASN H 52 1.13 5.88 -54.21
CA ASN H 52 -0.19 6.44 -54.47
C ASN H 52 -0.11 7.38 -55.67
N LEU H 53 -1.28 7.74 -56.19
CA LEU H 53 -1.40 8.67 -57.30
C LEU H 53 -2.47 9.70 -56.98
N ALA H 54 -2.26 10.94 -57.44
CA ALA H 54 -3.19 12.01 -57.15
C ALA H 54 -3.22 13.00 -58.31
N SER H 55 -4.30 13.78 -58.37
CA SER H 55 -4.53 14.85 -59.34
C SER H 55 -4.69 14.34 -60.76
N GLY H 56 -4.89 13.03 -60.96
CA GLY H 56 -5.09 12.51 -62.30
C GLY H 56 -3.82 12.39 -63.11
N VAL H 57 -2.88 11.58 -62.64
CA VAL H 57 -1.63 11.35 -63.35
C VAL H 57 -1.73 10.04 -64.12
N PRO H 58 -0.90 9.82 -65.15
CA PRO H 58 -0.93 8.54 -65.85
C PRO H 58 -0.59 7.38 -64.91
N ALA H 59 -1.21 6.23 -65.18
CA ALA H 59 -1.04 5.07 -64.30
C ALA H 59 0.37 4.53 -64.31
N ARG H 60 1.21 4.96 -65.26
CA ARG H 60 2.59 4.48 -65.32
C ARG H 60 3.36 4.85 -64.06
N PHE H 61 2.99 5.94 -63.41
CA PHE H 61 3.68 6.35 -62.19
C PHE H 61 3.31 5.43 -61.02
N SER H 62 4.31 5.12 -60.20
CA SER H 62 4.07 4.33 -59.00
C SER H 62 5.18 4.62 -58.00
N GLY H 63 4.92 4.25 -56.74
CA GLY H 63 5.89 4.45 -55.69
C GLY H 63 6.16 3.15 -54.94
N SER H 64 7.26 3.16 -54.20
CA SER H 64 7.68 2.00 -53.43
C SER H 64 8.77 2.43 -52.45
N GLY H 65 9.23 1.48 -51.64
CA GLY H 65 10.30 1.73 -50.71
C GLY H 65 9.86 1.53 -49.26
N SER H 66 10.85 1.28 -48.41
CA SER H 66 10.62 1.11 -46.98
C SER H 66 10.64 2.49 -46.31
N GLY H 67 10.72 2.50 -44.97
CA GLY H 67 10.72 3.76 -44.24
C GLY H 67 11.88 4.68 -44.57
N THR H 68 12.94 4.14 -45.19
CA THR H 68 14.06 4.94 -45.64
C THR H 68 14.36 4.58 -47.09
N SER H 69 14.79 5.59 -47.86
CA SER H 69 15.13 5.43 -49.27
C SER H 69 13.91 5.04 -50.10
N TYR H 70 12.89 5.88 -50.07
CA TYR H 70 11.74 5.70 -50.95
C TYR H 70 12.15 5.89 -52.40
N SER H 71 11.30 5.41 -53.31
CA SER H 71 11.59 5.47 -54.73
C SER H 71 10.30 5.72 -55.50
N LEU H 72 10.45 5.97 -56.81
CA LEU H 72 9.34 6.13 -57.71
C LEU H 72 9.72 5.50 -59.05
N THR H 73 8.75 4.85 -59.69
CA THR H 73 8.99 4.14 -60.94
C THR H 73 7.98 4.59 -61.99
N ILE H 74 8.44 4.64 -63.24
CA ILE H 74 7.59 4.93 -64.38
C ILE H 74 7.84 3.87 -65.45
N SER H 75 6.76 3.43 -66.10
CA SER H 75 6.86 2.30 -67.03
C SER H 75 7.30 2.74 -68.42
N SER H 76 6.67 3.79 -68.96
CA SER H 76 6.94 4.26 -70.30
C SER H 76 7.00 5.78 -70.33
N MET H 77 7.92 6.32 -71.11
CA MET H 77 8.05 7.76 -71.29
C MET H 77 7.29 8.21 -72.53
N GLU H 78 6.51 9.28 -72.39
CA GLU H 78 5.73 9.83 -73.51
C GLU H 78 5.74 11.36 -73.40
N ALA H 79 6.74 11.98 -74.04
CA ALA H 79 6.79 13.42 -74.26
C ALA H 79 6.61 14.21 -72.96
N GLU H 80 7.32 13.78 -71.92
CA GLU H 80 7.35 14.49 -70.65
C GLU H 80 8.81 14.80 -70.32
N ASP H 81 9.17 16.09 -70.37
CA ASP H 81 10.53 16.50 -70.08
C ASP H 81 10.93 16.27 -68.63
N ALA H 82 9.96 16.01 -67.75
CA ALA H 82 10.24 15.76 -66.35
C ALA H 82 9.10 14.92 -65.77
N ALA H 83 9.37 13.64 -65.51
CA ALA H 83 8.36 12.79 -64.91
C ALA H 83 8.05 13.22 -63.48
N THR H 84 9.09 13.35 -62.66
CA THR H 84 8.93 13.78 -61.26
C THR H 84 10.20 14.53 -60.87
N TYR H 85 10.05 15.80 -60.49
CA TYR H 85 11.21 16.58 -60.06
C TYR H 85 11.54 16.35 -58.59
N TYR H 86 10.63 16.72 -57.69
CA TYR H 86 11.00 16.97 -56.31
C TYR H 86 10.33 16.01 -55.35
N CYS H 87 10.88 15.91 -54.15
CA CYS H 87 10.33 15.14 -53.05
C CYS H 87 9.75 16.09 -52.00
N GLN H 88 9.15 15.51 -50.96
CA GLN H 88 8.71 16.25 -49.80
C GLN H 88 8.35 15.28 -48.69
N GLN H 89 8.73 15.63 -47.48
CA GLN H 89 8.28 14.91 -46.29
C GLN H 89 8.03 15.93 -45.18
N TRP H 90 7.10 15.60 -44.29
CA TRP H 90 6.85 16.45 -43.12
C TRP H 90 6.87 15.62 -41.84
N SER H 91 7.64 14.53 -41.83
CA SER H 91 7.88 13.81 -40.59
C SER H 91 8.72 14.65 -39.61
N SER H 92 9.50 15.59 -40.14
CA SER H 92 10.29 16.51 -39.35
C SER H 92 9.71 17.92 -39.49
N ASN H 93 9.82 18.70 -38.42
CA ASN H 93 9.29 20.06 -38.45
C ASN H 93 9.84 20.91 -39.60
N PRO H 94 11.15 20.91 -39.89
CA PRO H 94 11.60 21.59 -41.12
C PRO H 94 11.24 20.77 -42.35
N LEU H 95 10.24 21.25 -43.10
CA LEU H 95 9.75 20.53 -44.28
C LEU H 95 10.65 20.91 -45.45
N THR H 96 11.42 19.95 -45.93
CA THR H 96 12.39 20.17 -47.00
C THR H 96 12.08 19.28 -48.19
N PHE H 97 12.41 19.78 -49.38
CA PHE H 97 12.04 19.13 -50.64
C PHE H 97 13.17 18.30 -51.22
N GLY H 98 14.31 18.92 -51.50
CA GLY H 98 15.42 18.25 -52.15
C GLY H 98 15.86 18.99 -53.41
N ALA H 99 17.00 18.54 -53.93
CA ALA H 99 17.57 19.17 -55.11
C ALA H 99 16.69 19.02 -56.34
N GLY H 100 16.12 17.84 -56.54
CA GLY H 100 15.30 17.59 -57.71
C GLY H 100 16.05 16.80 -58.76
N THR H 101 15.33 15.92 -59.45
CA THR H 101 15.89 15.08 -60.51
C THR H 101 15.26 15.47 -61.84
N LYS H 102 16.11 15.75 -62.82
CA LYS H 102 15.67 16.11 -64.16
C LYS H 102 16.16 15.05 -65.15
N LEU H 103 15.25 14.59 -66.00
CA LEU H 103 15.56 13.57 -66.98
C LEU H 103 15.16 14.07 -68.37
N GLU H 104 16.16 14.30 -69.21
CA GLU H 104 15.93 14.83 -70.55
C GLU H 104 15.50 13.71 -71.48
N LEU H 105 14.44 13.95 -72.25
CA LEU H 105 13.94 12.94 -73.18
C LEU H 105 14.93 12.76 -74.32
N LYS H 106 15.30 11.51 -74.57
CA LYS H 106 16.25 11.19 -75.64
C LYS H 106 15.82 9.92 -76.39
C1 NAG I . -18.68 -42.61 7.53
C2 NAG I . -20.15 -42.65 7.96
C3 NAG I . -21.00 -41.85 6.99
C4 NAG I . -20.44 -40.44 6.84
C5 NAG I . -18.97 -40.52 6.45
C6 NAG I . -18.30 -39.19 6.26
C7 NAG I . -21.11 -44.60 9.14
C8 NAG I . -21.52 -46.04 8.97
N2 NAG I . -20.61 -44.02 8.03
O3 NAG I . -22.33 -41.85 7.46
O4 NAG I . -21.22 -39.78 5.86
O5 NAG I . -18.27 -41.26 7.44
O6 NAG I . -18.65 -38.33 7.32
O7 NAG I . -21.24 -44.01 10.20
C1 NAG I . -21.91 -38.67 6.47
C2 NAG I . -22.42 -37.74 5.35
C3 NAG I . -23.19 -36.58 5.96
C4 NAG I . -24.29 -37.10 6.88
C5 NAG I . -23.68 -38.05 7.91
C6 NAG I . -24.69 -38.65 8.86
C7 NAG I . -21.16 -37.62 3.24
C8 NAG I . -19.96 -37.00 2.58
N2 NAG I . -21.34 -37.27 4.53
O3 NAG I . -23.71 -35.80 4.91
O4 NAG I . -24.89 -35.97 7.48
O5 NAG I . -23.00 -39.10 7.24
O6 NAG I . -24.06 -39.62 9.67
O7 NAG I . -21.89 -38.38 2.64
C1 BMA I . -26.26 -35.82 7.02
C2 BMA I . -26.53 -34.33 6.90
C3 BMA I . -27.99 -34.10 6.47
C4 BMA I . -28.64 -35.26 5.69
C5 BMA I . -27.64 -36.21 5.02
C6 BMA I . -27.27 -35.82 3.58
O2 BMA I . -25.61 -33.78 5.98
O3 BMA I . -28.01 -32.89 5.76
O4 BMA I . -29.44 -35.96 6.62
O5 BMA I . -26.45 -36.45 5.76
O6 BMA I . -26.70 -34.52 3.59
C1 NAG J . 1.56 -39.41 -3.66
C2 NAG J . 1.47 -40.81 -3.04
C3 NAG J . 2.11 -41.90 -3.91
C4 NAG J . 1.60 -41.75 -5.34
C5 NAG J . 2.04 -40.36 -5.79
C6 NAG J . 1.86 -40.08 -7.26
C7 NAG J . 1.40 -40.92 -0.56
C8 NAG J . -0.10 -41.06 -0.67
N2 NAG J . 2.07 -40.82 -1.73
O3 NAG J . 1.81 -43.13 -3.31
O4 NAG J . 2.14 -42.76 -6.17
O5 NAG J . 1.29 -39.43 -5.05
O6 NAG J . 2.68 -40.94 -8.02
O7 NAG J . 1.96 -40.92 0.53
C1 NAG J . 1.24 -43.90 -6.22
C2 NAG J . 0.39 -43.88 -7.51
C3 NAG J . -0.52 -45.09 -7.49
C4 NAG J . 0.25 -46.40 -7.29
C5 NAG J . 1.21 -46.26 -6.09
C6 NAG J . 2.15 -47.43 -5.92
C7 NAG J . -0.56 -41.93 -8.73
C8 NAG J . 0.21 -42.40 -9.94
N2 NAG J . -0.42 -42.69 -7.62
O3 NAG J . -1.26 -45.11 -8.69
O4 NAG J . -0.69 -47.44 -7.13
O5 NAG J . 1.99 -45.09 -6.24
O6 NAG J . 3.05 -47.18 -4.86
O7 NAG J . -1.26 -40.93 -8.77
C1 BMA J . -1.42 -47.31 -5.89
C2 BMA J . -2.91 -47.44 -6.18
C3 BMA J . -3.71 -47.25 -4.87
C4 BMA J . -2.93 -47.62 -3.58
C5 BMA J . -1.77 -48.59 -3.81
C6 BMA J . -2.20 -50.06 -3.81
O2 BMA J . -3.14 -48.68 -6.79
O3 BMA J . -4.89 -47.98 -5.02
O4 BMA J . -2.47 -46.40 -3.04
O5 BMA J . -1.01 -48.32 -4.98
O6 BMA J . -1.10 -50.83 -4.23
C1 NAG K . -45.61 11.44 3.18
C2 NAG K . -46.61 10.29 3.17
C3 NAG K . -46.24 9.25 4.21
C4 NAG K . -44.80 8.81 4.03
C5 NAG K . -43.89 10.05 4.03
C6 NAG K . -42.42 9.75 3.85
C7 NAG K . -48.98 10.62 2.54
C8 NAG K . -50.28 11.23 2.99
N2 NAG K . -47.95 10.79 3.39
O3 NAG K . -47.14 8.18 4.11
O4 NAG K . -44.47 7.93 5.09
O5 NAG K . -44.31 10.92 2.99
O6 NAG K . -42.25 8.81 2.82
O7 NAG K . -48.88 10.01 1.49
C1 NAG K . -44.19 6.62 4.55
C2 NAG K . -43.48 5.80 5.63
C3 NAG K . -43.20 4.40 5.10
C4 NAG K . -44.48 3.76 4.58
C5 NAG K . -45.13 4.69 3.55
C6 NAG K . -46.43 4.17 2.99
C7 NAG K . -42.09 6.95 7.29
C8 NAG K . -40.74 7.57 7.53
N2 NAG K . -42.27 6.44 6.07
O3 NAG K . -42.63 3.65 6.14
O4 NAG K . -44.13 2.51 4.02
O5 NAG K . -45.36 5.96 4.15
O6 NAG K . -47.02 5.16 2.17
O7 NAG K . -42.95 6.95 8.16
C1 BMA K . -44.68 1.43 4.80
C2 BMA K . -43.67 0.30 4.80
C3 BMA K . -44.23 -0.92 5.56
C4 BMA K . -45.30 -0.58 6.63
C5 BMA K . -45.26 0.87 7.13
C6 BMA K . -44.37 1.09 8.36
O2 BMA K . -42.47 0.78 5.36
O3 BMA K . -43.12 -1.60 6.09
O4 BMA K . -46.54 -0.87 6.04
O5 BMA K . -44.95 1.84 6.13
O6 BMA K . -43.05 0.71 8.03
C1 NAG L . -28.38 26.40 8.13
C2 NAG L . -29.68 27.14 7.74
C3 NAG L . -29.91 28.42 8.54
C4 NAG L . -29.71 28.13 10.03
C5 NAG L . -28.27 27.64 10.16
C6 NAG L . -27.77 27.51 11.58
C7 NAG L . -30.45 26.84 5.40
C8 NAG L . -31.40 25.78 5.92
N2 NAG L . -29.68 27.44 6.33
O3 NAG L . -31.18 28.89 8.21
O4 NAG L . -29.95 29.27 10.81
O5 NAG L . -28.18 26.39 9.52
O6 NAG L . -27.76 28.78 12.20
O7 NAG L . -30.41 27.12 4.21
C1 NAG L . -31.34 29.31 11.24
C2 NAG L . -31.48 28.80 12.69
C3 NAG L . -32.95 28.87 13.07
C4 NAG L . -33.55 30.25 12.83
C5 NAG L . -33.21 30.75 11.42
C6 NAG L . -33.60 32.19 11.16
C7 NAG L . -30.22 27.02 13.86
C8 NAG L . -29.81 28.05 14.87
N2 NAG L . -31.01 27.46 12.86
O3 NAG L . -33.08 28.47 14.41
O4 NAG L . -34.94 30.17 13.07
O5 NAG L . -31.82 30.63 11.20
O6 NAG L . -33.16 32.58 9.88
O7 NAG L . -29.85 25.85 13.95
C1 BMA L . -35.60 29.36 12.05
C2 BMA L . -36.49 28.34 12.74
C3 BMA L . -37.16 27.44 11.67
C4 BMA L . -37.33 28.10 10.29
C5 BMA L . -37.33 29.63 10.32
C6 BMA L . -38.72 30.22 10.62
O2 BMA L . -37.42 29.01 13.55
O3 BMA L . -38.37 27.01 12.22
O4 BMA L . -36.26 27.62 9.49
O5 BMA L . -36.38 30.20 11.21
O6 BMA L . -38.55 31.61 10.84
#